data_1WJM
#
_entry.id   1WJM
#
_entity_poly.entity_id   1
_entity_poly.type   'polypeptide(L)'
_entity_poly.pdbx_seq_one_letter_code
;GSSGSSGEQMEGMLCRKQEMEAFGKKAANRSWQNVYCVLRRGSLGFYKDAKAASAGVPYHGEVPVSLARAQGSVAFDYRK
RKHVFKLGLQDGKEYLFQAKDEAEMSSWLRVVNAAIASGPSSG
;
_entity_poly.pdbx_strand_id   A
#
# COMPACT_ATOMS: atom_id res chain seq x y z
N GLY A 1 9.31 2.26 -12.00
CA GLY A 1 8.90 1.91 -13.36
C GLY A 1 8.86 3.16 -14.25
N SER A 2 8.26 2.99 -15.41
CA SER A 2 8.14 4.09 -16.36
C SER A 2 7.05 3.78 -17.39
N SER A 3 7.23 2.67 -18.09
CA SER A 3 6.28 2.25 -19.09
C SER A 3 6.31 0.74 -19.26
N GLY A 4 5.14 0.17 -19.49
CA GLY A 4 5.01 -1.27 -19.66
C GLY A 4 4.67 -1.95 -18.34
N SER A 5 5.62 -2.75 -17.86
CA SER A 5 5.42 -3.47 -16.62
C SER A 5 4.27 -4.47 -16.75
N SER A 6 4.66 -5.73 -16.97
CA SER A 6 3.68 -6.79 -17.13
C SER A 6 2.70 -6.79 -15.94
N GLY A 7 3.26 -7.06 -14.77
CA GLY A 7 2.46 -7.10 -13.56
C GLY A 7 3.27 -7.62 -12.37
N GLU A 8 3.50 -6.73 -11.41
CA GLU A 8 4.26 -7.10 -10.23
C GLU A 8 3.35 -7.13 -8.99
N GLN A 9 3.09 -8.33 -8.53
CA GLN A 9 2.25 -8.52 -7.36
C GLN A 9 3.09 -8.61 -6.08
N MET A 10 2.51 -8.15 -4.99
CA MET A 10 3.21 -8.17 -3.72
C MET A 10 2.20 -8.12 -2.56
N GLU A 11 2.43 -9.00 -1.59
CA GLU A 11 1.56 -9.07 -0.43
C GLU A 11 2.34 -9.57 0.79
N GLY A 12 2.17 -8.87 1.90
CA GLY A 12 2.85 -9.23 3.13
C GLY A 12 2.32 -8.39 4.31
N MET A 13 2.82 -8.73 5.49
CA MET A 13 2.42 -8.03 6.69
C MET A 13 3.10 -6.67 6.80
N LEU A 14 2.28 -5.62 6.82
CA LEU A 14 2.79 -4.27 6.92
C LEU A 14 1.93 -3.47 7.90
N CYS A 15 2.55 -2.45 8.49
CA CYS A 15 1.85 -1.61 9.44
C CYS A 15 1.30 -0.38 8.69
N ARG A 16 0.03 -0.49 8.31
CA ARG A 16 -0.61 0.60 7.60
C ARG A 16 -1.24 1.59 8.58
N LYS A 17 -0.79 2.83 8.49
CA LYS A 17 -1.30 3.87 9.36
C LYS A 17 -1.83 5.03 8.52
N GLN A 18 -3.13 5.02 8.31
CA GLN A 18 -3.78 6.06 7.52
C GLN A 18 -3.60 7.43 8.18
N GLU A 19 -2.77 8.25 7.56
CA GLU A 19 -2.50 9.58 8.08
C GLU A 19 -3.41 10.61 7.41
N MET A 20 -3.30 10.70 6.10
CA MET A 20 -4.11 11.64 5.34
C MET A 20 -5.22 10.90 4.58
N GLU A 21 -6.44 11.41 4.74
CA GLU A 21 -7.58 10.82 4.07
C GLU A 21 -7.92 11.60 2.80
N ALA A 22 -7.29 12.75 2.67
CA ALA A 22 -7.51 13.60 1.51
C ALA A 22 -6.61 14.83 1.61
N PHE A 23 -6.51 15.53 0.48
CA PHE A 23 -5.68 16.73 0.42
C PHE A 23 -5.86 17.59 1.68
N GLY A 24 -4.74 17.85 2.34
CA GLY A 24 -4.77 18.65 3.55
C GLY A 24 -5.87 18.19 4.51
N LYS A 25 -6.19 16.89 4.41
CA LYS A 25 -7.21 16.31 5.25
C LYS A 25 -6.57 15.28 6.18
N LYS A 26 -6.82 15.45 7.47
CA LYS A 26 -6.29 14.55 8.47
C LYS A 26 -7.23 13.35 8.63
N ALA A 27 -6.67 12.17 8.41
CA ALA A 27 -7.44 10.95 8.53
C ALA A 27 -8.12 10.91 9.91
N ALA A 28 -8.74 9.78 10.20
CA ALA A 28 -9.43 9.60 11.46
C ALA A 28 -8.64 8.62 12.33
N ASN A 29 -8.76 7.35 11.98
CA ASN A 29 -8.07 6.31 12.71
C ASN A 29 -6.67 6.80 13.11
N ARG A 30 -5.84 6.98 12.08
CA ARG A 30 -4.49 7.44 12.30
C ARG A 30 -3.82 6.64 13.43
N SER A 31 -4.13 5.36 13.47
CA SER A 31 -3.58 4.49 14.48
C SER A 31 -2.79 3.35 13.81
N TRP A 32 -1.61 3.10 14.38
CA TRP A 32 -0.75 2.06 13.85
C TRP A 32 -1.44 0.71 14.06
N GLN A 33 -1.62 -0.01 12.97
CA GLN A 33 -2.27 -1.30 13.02
C GLN A 33 -1.68 -2.24 11.96
N ASN A 34 -1.50 -3.49 12.36
CA ASN A 34 -0.95 -4.48 11.45
C ASN A 34 -1.98 -4.82 10.37
N VAL A 35 -1.74 -4.28 9.19
CA VAL A 35 -2.64 -4.50 8.07
C VAL A 35 -1.87 -5.19 6.94
N TYR A 36 -2.37 -6.35 6.54
CA TYR A 36 -1.74 -7.11 5.47
C TYR A 36 -1.96 -6.45 4.12
N CYS A 37 -0.89 -5.91 3.57
CA CYS A 37 -0.95 -5.25 2.27
C CYS A 37 -1.03 -6.31 1.19
N VAL A 38 -2.01 -6.15 0.31
CA VAL A 38 -2.20 -7.10 -0.78
C VAL A 38 -2.29 -6.33 -2.10
N LEU A 39 -1.23 -6.40 -2.88
CA LEU A 39 -1.18 -5.72 -4.16
C LEU A 39 -1.53 -6.72 -5.27
N ARG A 40 -2.36 -6.25 -6.20
CA ARG A 40 -2.77 -7.09 -7.31
C ARG A 40 -3.64 -6.28 -8.28
N ARG A 41 -3.44 -6.55 -9.56
CA ARG A 41 -4.19 -5.86 -10.60
C ARG A 41 -3.93 -4.36 -10.53
N GLY A 42 -2.90 -4.00 -9.79
CA GLY A 42 -2.53 -2.61 -9.63
C GLY A 42 -3.37 -1.94 -8.54
N SER A 43 -3.75 -2.74 -7.57
CA SER A 43 -4.57 -2.25 -6.46
C SER A 43 -4.02 -2.77 -5.13
N LEU A 44 -3.89 -1.86 -4.18
CA LEU A 44 -3.39 -2.21 -2.87
C LEU A 44 -4.57 -2.48 -1.92
N GLY A 45 -4.67 -3.74 -1.51
CA GLY A 45 -5.74 -4.14 -0.61
C GLY A 45 -5.24 -4.26 0.83
N PHE A 46 -6.18 -4.19 1.76
CA PHE A 46 -5.84 -4.28 3.17
C PHE A 46 -6.63 -5.40 3.84
N TYR A 47 -5.90 -6.29 4.51
CA TYR A 47 -6.52 -7.40 5.21
C TYR A 47 -5.87 -7.62 6.58
N LYS A 48 -6.63 -8.28 7.45
CA LYS A 48 -6.15 -8.55 8.79
C LYS A 48 -4.76 -9.18 8.71
N ASP A 49 -4.71 -10.36 8.08
CA ASP A 49 -3.46 -11.07 7.93
C ASP A 49 -3.55 -12.01 6.73
N ALA A 50 -2.49 -12.78 6.54
CA ALA A 50 -2.44 -13.73 5.43
C ALA A 50 -3.59 -14.73 5.58
N LYS A 51 -4.16 -14.77 6.77
CA LYS A 51 -5.25 -15.68 7.05
C LYS A 51 -6.56 -15.09 6.52
N ALA A 52 -6.58 -13.76 6.43
CA ALA A 52 -7.75 -13.07 5.92
C ALA A 52 -7.56 -12.77 4.43
N ALA A 53 -6.31 -12.88 3.99
CA ALA A 53 -5.98 -12.63 2.60
C ALA A 53 -6.33 -13.85 1.76
N SER A 54 -6.11 -15.02 2.36
CA SER A 54 -6.40 -16.28 1.69
C SER A 54 -7.89 -16.62 1.84
N ALA A 55 -8.52 -15.96 2.79
CA ALA A 55 -9.93 -16.19 3.04
C ALA A 55 -10.75 -15.07 2.41
N GLY A 56 -10.05 -14.20 1.69
CA GLY A 56 -10.69 -13.08 1.03
C GLY A 56 -11.52 -12.27 2.02
N VAL A 57 -11.03 -12.20 3.25
CA VAL A 57 -11.71 -11.46 4.29
C VAL A 57 -11.03 -10.10 4.48
N PRO A 58 -11.82 -9.02 4.22
CA PRO A 58 -11.31 -7.67 4.35
C PRO A 58 -11.19 -7.27 5.82
N TYR A 59 -10.07 -6.62 6.14
CA TYR A 59 -9.82 -6.19 7.50
C TYR A 59 -11.11 -5.67 8.16
N HIS A 60 -11.62 -4.59 7.61
CA HIS A 60 -12.84 -3.99 8.13
C HIS A 60 -13.86 -3.85 7.01
N GLY A 61 -13.46 -4.31 5.83
CA GLY A 61 -14.34 -4.23 4.67
C GLY A 61 -13.84 -3.17 3.68
N GLU A 62 -12.65 -2.66 3.95
CA GLU A 62 -12.06 -1.65 3.09
C GLU A 62 -11.57 -2.27 1.78
N VAL A 63 -11.92 -1.62 0.69
CA VAL A 63 -11.53 -2.09 -0.62
C VAL A 63 -10.08 -1.67 -0.91
N PRO A 64 -9.54 -2.20 -2.03
CA PRO A 64 -8.18 -1.88 -2.42
C PRO A 64 -8.09 -0.47 -3.01
N VAL A 65 -7.07 0.26 -2.56
CA VAL A 65 -6.87 1.62 -3.02
C VAL A 65 -6.16 1.59 -4.38
N SER A 66 -6.80 2.20 -5.36
CA SER A 66 -6.24 2.26 -6.70
C SER A 66 -4.95 3.08 -6.71
N LEU A 67 -3.91 2.48 -7.27
CA LEU A 67 -2.62 3.14 -7.34
C LEU A 67 -2.50 3.89 -8.68
N ALA A 68 -3.64 4.41 -9.12
CA ALA A 68 -3.68 5.14 -10.38
C ALA A 68 -3.23 6.59 -10.13
N ARG A 69 -1.97 6.85 -10.47
CA ARG A 69 -1.42 8.18 -10.30
C ARG A 69 -0.99 8.38 -8.84
N ALA A 70 -0.75 7.27 -8.17
CA ALA A 70 -0.33 7.32 -6.78
C ALA A 70 1.20 7.42 -6.70
N GLN A 71 1.67 7.90 -5.57
CA GLN A 71 3.11 8.06 -5.37
C GLN A 71 3.58 7.14 -4.23
N GLY A 72 4.77 6.58 -4.42
CA GLY A 72 5.35 5.69 -3.43
C GLY A 72 6.81 6.03 -3.18
N SER A 73 7.08 6.54 -1.98
CA SER A 73 8.43 6.91 -1.61
C SER A 73 8.72 6.44 -0.17
N VAL A 74 10.00 6.36 0.14
CA VAL A 74 10.42 5.93 1.45
C VAL A 74 10.03 6.99 2.49
N ALA A 75 9.98 6.56 3.73
CA ALA A 75 9.61 7.46 4.81
C ALA A 75 10.89 8.03 5.45
N PHE A 76 11.52 8.93 4.71
CA PHE A 76 12.75 9.55 5.18
C PHE A 76 12.45 10.63 6.22
N ASP A 77 12.29 10.19 7.46
CA ASP A 77 12.01 11.10 8.55
C ASP A 77 11.68 10.30 9.81
N TYR A 78 10.80 9.31 9.64
CA TYR A 78 10.38 8.47 10.74
C TYR A 78 11.59 8.10 11.62
N ARG A 79 11.76 8.85 12.70
CA ARG A 79 12.86 8.61 13.61
C ARG A 79 12.40 7.68 14.75
N LYS A 80 12.13 6.44 14.39
CA LYS A 80 11.69 5.46 15.36
C LYS A 80 11.61 4.09 14.70
N ARG A 81 10.85 4.03 13.62
CA ARG A 81 10.69 2.79 12.88
C ARG A 81 11.76 2.67 11.78
N LYS A 82 11.88 1.47 11.25
CA LYS A 82 12.85 1.21 10.20
C LYS A 82 12.15 0.57 9.01
N HIS A 83 12.75 0.75 7.84
CA HIS A 83 12.19 0.19 6.62
C HIS A 83 10.72 0.59 6.51
N VAL A 84 10.49 1.88 6.35
CA VAL A 84 9.14 2.39 6.22
C VAL A 84 9.06 3.34 5.01
N PHE A 85 7.96 3.24 4.30
CA PHE A 85 7.74 4.06 3.11
C PHE A 85 6.37 4.71 3.14
N LYS A 86 6.31 5.94 2.66
CA LYS A 86 5.06 6.68 2.62
C LYS A 86 4.43 6.53 1.24
N LEU A 87 3.15 6.20 1.23
CA LEU A 87 2.42 6.01 0.00
C LEU A 87 1.34 7.10 -0.11
N GLY A 88 1.52 7.97 -1.10
CA GLY A 88 0.57 9.05 -1.33
C GLY A 88 -0.26 8.80 -2.59
N LEU A 89 -1.55 8.61 -2.39
CA LEU A 89 -2.46 8.35 -3.49
C LEU A 89 -2.68 9.66 -4.27
N GLN A 90 -3.58 9.59 -5.23
CA GLN A 90 -3.90 10.75 -6.05
C GLN A 90 -5.10 11.50 -5.48
N ASP A 91 -5.84 10.79 -4.63
CA ASP A 91 -7.03 11.37 -4.02
C ASP A 91 -6.62 12.13 -2.75
N GLY A 92 -5.31 12.18 -2.53
CA GLY A 92 -4.78 12.87 -1.36
C GLY A 92 -4.72 11.93 -0.16
N LYS A 93 -4.66 10.65 -0.44
CA LYS A 93 -4.60 9.64 0.61
C LYS A 93 -3.14 9.25 0.85
N GLU A 94 -2.71 9.43 2.08
CA GLU A 94 -1.33 9.10 2.46
C GLU A 94 -1.33 8.03 3.55
N TYR A 95 -0.63 6.95 3.26
CA TYR A 95 -0.53 5.85 4.22
C TYR A 95 0.92 5.56 4.57
N LEU A 96 1.12 4.99 5.75
CA LEU A 96 2.44 4.66 6.23
C LEU A 96 2.55 3.15 6.44
N PHE A 97 3.51 2.55 5.76
CA PHE A 97 3.72 1.12 5.87
C PHE A 97 5.13 0.81 6.39
N GLN A 98 5.21 -0.24 7.20
CA GLN A 98 6.50 -0.64 7.76
C GLN A 98 6.83 -2.07 7.32
N ALA A 99 7.83 -2.17 6.46
CA ALA A 99 8.26 -3.47 5.96
C ALA A 99 9.01 -4.21 7.06
N LYS A 100 9.35 -5.46 6.77
CA LYS A 100 10.08 -6.28 7.73
C LYS A 100 11.56 -5.89 7.71
N ASP A 101 11.99 -5.38 6.57
CA ASP A 101 13.37 -4.97 6.42
C ASP A 101 13.50 -4.07 5.18
N GLU A 102 14.74 -3.68 4.90
CA GLU A 102 15.01 -2.83 3.74
C GLU A 102 14.56 -3.52 2.46
N ALA A 103 14.56 -4.84 2.50
CA ALA A 103 14.16 -5.62 1.34
C ALA A 103 12.65 -5.46 1.12
N GLU A 104 11.88 -6.07 2.02
CA GLU A 104 10.44 -6.01 1.93
C GLU A 104 9.99 -4.60 1.52
N MET A 105 10.59 -3.61 2.17
CA MET A 105 10.27 -2.22 1.88
C MET A 105 10.62 -1.87 0.44
N SER A 106 11.92 -1.85 0.16
CA SER A 106 12.39 -1.52 -1.17
C SER A 106 11.56 -2.27 -2.22
N SER A 107 11.42 -3.57 -2.00
CA SER A 107 10.65 -4.40 -2.92
C SER A 107 9.26 -3.79 -3.14
N TRP A 108 8.55 -3.58 -2.03
CA TRP A 108 7.23 -3.02 -2.09
C TRP A 108 7.24 -1.87 -3.10
N LEU A 109 8.03 -0.85 -2.77
CA LEU A 109 8.14 0.31 -3.64
C LEU A 109 8.26 -0.16 -5.09
N ARG A 110 9.25 -1.03 -5.32
CA ARG A 110 9.49 -1.55 -6.65
C ARG A 110 8.19 -2.15 -7.23
N VAL A 111 7.40 -2.73 -6.33
CA VAL A 111 6.14 -3.34 -6.74
C VAL A 111 5.08 -2.25 -6.90
N VAL A 112 4.84 -1.53 -5.81
CA VAL A 112 3.86 -0.46 -5.81
C VAL A 112 4.08 0.42 -7.05
N ASN A 113 5.35 0.60 -7.38
CA ASN A 113 5.71 1.42 -8.53
C ASN A 113 5.35 0.67 -9.82
N ALA A 114 5.52 -0.65 -9.77
CA ALA A 114 5.23 -1.49 -10.91
C ALA A 114 3.70 -1.57 -11.10
N ALA A 115 2.99 -1.18 -10.06
CA ALA A 115 1.54 -1.20 -10.10
C ALA A 115 1.03 0.17 -10.54
N ILE A 116 1.62 1.20 -9.96
CA ILE A 116 1.24 2.57 -10.29
C ILE A 116 1.37 2.78 -11.79
N ALA A 117 2.57 2.57 -12.28
CA ALA A 117 2.85 2.74 -13.70
C ALA A 117 1.81 1.95 -14.51
N SER A 118 1.84 0.64 -14.33
CA SER A 118 0.91 -0.24 -15.03
C SER A 118 -0.50 0.34 -14.96
N GLY A 119 -0.98 0.50 -13.73
CA GLY A 119 -2.32 1.05 -13.52
C GLY A 119 -3.32 -0.08 -13.24
N PRO A 120 -4.48 0.32 -12.66
CA PRO A 120 -5.52 -0.64 -12.34
C PRO A 120 -6.27 -1.08 -13.60
N SER A 121 -5.61 -1.94 -14.36
CA SER A 121 -6.19 -2.45 -15.60
C SER A 121 -7.42 -3.31 -15.28
N SER A 122 -8.49 -3.06 -16.03
CA SER A 122 -9.72 -3.79 -15.84
C SER A 122 -10.29 -4.22 -17.19
N GLY A 123 -11.20 -5.18 -17.14
CA GLY A 123 -11.83 -5.69 -18.35
C GLY A 123 -13.12 -6.43 -18.03
N GLY A 1 -2.08 -11.57 -30.25
CA GLY A 1 -3.13 -10.63 -29.89
C GLY A 1 -2.61 -9.56 -28.93
N SER A 2 -2.52 -9.95 -27.66
CA SER A 2 -2.05 -9.06 -26.62
C SER A 2 -1.27 -9.83 -25.57
N SER A 3 0.01 -10.03 -25.84
CA SER A 3 0.87 -10.76 -24.93
C SER A 3 1.68 -9.77 -24.08
N GLY A 4 1.33 -9.71 -22.80
CA GLY A 4 2.00 -8.81 -21.87
C GLY A 4 2.34 -9.53 -20.57
N SER A 5 2.72 -8.74 -19.58
CA SER A 5 3.06 -9.28 -18.27
C SER A 5 1.85 -9.23 -17.35
N SER A 6 1.68 -10.30 -16.58
CA SER A 6 0.56 -10.40 -15.66
C SER A 6 0.50 -9.14 -14.78
N GLY A 7 1.61 -8.90 -14.07
CA GLY A 7 1.70 -7.76 -13.20
C GLY A 7 2.53 -8.08 -11.95
N GLU A 8 3.14 -7.04 -11.40
CA GLU A 8 3.97 -7.19 -10.22
C GLU A 8 3.10 -7.11 -8.96
N GLN A 9 2.82 -8.27 -8.38
CA GLN A 9 2.01 -8.34 -7.19
C GLN A 9 2.91 -8.45 -5.94
N MET A 10 2.32 -8.14 -4.80
CA MET A 10 3.05 -8.20 -3.55
C MET A 10 2.09 -8.13 -2.35
N GLU A 11 2.24 -9.09 -1.45
CA GLU A 11 1.40 -9.15 -0.27
C GLU A 11 2.21 -9.67 0.93
N GLY A 12 2.19 -8.89 1.99
CA GLY A 12 2.90 -9.26 3.20
C GLY A 12 2.48 -8.38 4.38
N MET A 13 2.74 -8.88 5.58
CA MET A 13 2.39 -8.16 6.79
C MET A 13 3.07 -6.79 6.82
N LEU A 14 2.25 -5.76 6.93
CA LEU A 14 2.76 -4.39 6.98
C LEU A 14 1.92 -3.58 7.96
N CYS A 15 2.54 -2.53 8.48
CA CYS A 15 1.87 -1.66 9.43
C CYS A 15 1.32 -0.44 8.67
N ARG A 16 0.05 -0.54 8.30
CA ARG A 16 -0.60 0.54 7.57
C ARG A 16 -1.20 1.54 8.55
N LYS A 17 -0.74 2.78 8.43
CA LYS A 17 -1.23 3.85 9.28
C LYS A 17 -1.75 5.00 8.42
N GLN A 18 -3.07 5.02 8.28
CA GLN A 18 -3.71 6.05 7.48
C GLN A 18 -3.43 7.44 8.08
N GLU A 19 -2.62 8.20 7.37
CA GLU A 19 -2.26 9.54 7.82
C GLU A 19 -3.32 10.55 7.37
N MET A 20 -3.45 10.65 6.05
CA MET A 20 -4.42 11.57 5.47
C MET A 20 -5.47 10.82 4.64
N GLU A 21 -6.68 11.34 4.67
CA GLU A 21 -7.77 10.74 3.94
C GLU A 21 -8.06 11.54 2.66
N ALA A 22 -7.48 12.73 2.60
CA ALA A 22 -7.67 13.60 1.45
C ALA A 22 -6.81 14.85 1.62
N PHE A 23 -6.72 15.62 0.55
CA PHE A 23 -5.95 16.84 0.56
C PHE A 23 -6.33 17.72 1.75
N GLY A 24 -5.33 18.00 2.58
CA GLY A 24 -5.55 18.82 3.76
C GLY A 24 -6.59 18.19 4.68
N LYS A 25 -6.88 16.92 4.43
CA LYS A 25 -7.85 16.20 5.23
C LYS A 25 -7.12 15.19 6.11
N LYS A 26 -7.45 15.22 7.39
CA LYS A 26 -6.84 14.32 8.36
C LYS A 26 -7.74 13.09 8.54
N ALA A 27 -7.09 11.94 8.69
CA ALA A 27 -7.83 10.70 8.88
C ALA A 27 -8.54 10.73 10.24
N ALA A 28 -9.54 9.88 10.36
CA ALA A 28 -10.31 9.80 11.59
C ALA A 28 -9.43 9.21 12.69
N ASN A 29 -9.23 7.91 12.61
CA ASN A 29 -8.41 7.22 13.61
C ASN A 29 -6.97 7.74 13.52
N ARG A 30 -6.32 7.43 12.41
CA ARG A 30 -4.95 7.86 12.19
C ARG A 30 -4.02 7.19 13.22
N SER A 31 -4.20 5.90 13.38
CA SER A 31 -3.39 5.13 14.32
C SER A 31 -2.63 4.04 13.58
N TRP A 32 -1.69 3.42 14.29
CA TRP A 32 -0.89 2.36 13.72
C TRP A 32 -1.66 1.04 13.90
N GLN A 33 -1.80 0.33 12.79
CA GLN A 33 -2.51 -0.94 12.80
C GLN A 33 -1.90 -1.90 11.77
N ASN A 34 -1.48 -3.05 12.27
CA ASN A 34 -0.88 -4.06 11.42
C ASN A 34 -1.92 -4.55 10.41
N VAL A 35 -1.78 -4.07 9.18
CA VAL A 35 -2.69 -4.45 8.11
C VAL A 35 -1.90 -5.10 6.98
N TYR A 36 -2.35 -6.29 6.60
CA TYR A 36 -1.70 -7.03 5.53
C TYR A 36 -1.95 -6.38 4.17
N CYS A 37 -0.88 -5.80 3.63
CA CYS A 37 -0.97 -5.13 2.34
C CYS A 37 -1.06 -6.20 1.25
N VAL A 38 -2.02 -6.01 0.37
CA VAL A 38 -2.23 -6.95 -0.73
C VAL A 38 -2.33 -6.18 -2.05
N LEU A 39 -1.24 -6.26 -2.81
CA LEU A 39 -1.20 -5.58 -4.10
C LEU A 39 -1.57 -6.56 -5.21
N ARG A 40 -2.38 -6.07 -6.13
CA ARG A 40 -2.82 -6.89 -7.26
C ARG A 40 -3.60 -6.04 -8.25
N ARG A 41 -3.45 -6.39 -9.53
CA ARG A 41 -4.13 -5.68 -10.59
C ARG A 41 -3.90 -4.17 -10.44
N GLY A 42 -2.82 -3.83 -9.75
CA GLY A 42 -2.48 -2.44 -9.54
C GLY A 42 -3.39 -1.80 -8.48
N SER A 43 -3.69 -2.60 -7.46
CA SER A 43 -4.55 -2.13 -6.39
C SER A 43 -4.04 -2.66 -5.05
N LEU A 44 -3.86 -1.74 -4.10
CA LEU A 44 -3.38 -2.09 -2.78
C LEU A 44 -4.57 -2.38 -1.87
N GLY A 45 -4.68 -3.65 -1.48
CA GLY A 45 -5.77 -4.07 -0.62
C GLY A 45 -5.29 -4.24 0.83
N PHE A 46 -6.22 -4.12 1.75
CA PHE A 46 -5.91 -4.27 3.16
C PHE A 46 -6.67 -5.44 3.78
N TYR A 47 -5.97 -6.16 4.66
CA TYR A 47 -6.56 -7.30 5.32
C TYR A 47 -5.96 -7.51 6.71
N LYS A 48 -6.60 -8.37 7.48
CA LYS A 48 -6.13 -8.65 8.83
C LYS A 48 -4.72 -9.23 8.76
N ASP A 49 -4.61 -10.38 8.09
CA ASP A 49 -3.33 -11.04 7.94
C ASP A 49 -3.34 -11.87 6.66
N ALA A 50 -2.24 -12.58 6.45
CA ALA A 50 -2.11 -13.42 5.27
C ALA A 50 -3.16 -14.53 5.31
N LYS A 51 -3.72 -14.73 6.50
CA LYS A 51 -4.73 -15.75 6.70
C LYS A 51 -6.10 -15.17 6.36
N ALA A 52 -6.16 -13.84 6.36
CA ALA A 52 -7.41 -13.14 6.05
C ALA A 52 -7.44 -12.78 4.57
N ALA A 53 -6.25 -12.72 3.99
CA ALA A 53 -6.13 -12.38 2.58
C ALA A 53 -6.54 -13.60 1.73
N SER A 54 -6.00 -14.75 2.10
CA SER A 54 -6.30 -15.98 1.39
C SER A 54 -7.79 -16.31 1.53
N ALA A 55 -8.32 -16.02 2.71
CA ALA A 55 -9.72 -16.29 2.98
C ALA A 55 -10.57 -15.20 2.34
N GLY A 56 -9.89 -14.20 1.78
CA GLY A 56 -10.58 -13.09 1.14
C GLY A 56 -11.42 -12.31 2.14
N VAL A 57 -10.92 -12.25 3.37
CA VAL A 57 -11.63 -11.54 4.43
C VAL A 57 -11.01 -10.14 4.58
N PRO A 58 -11.87 -9.11 4.29
CA PRO A 58 -11.43 -7.73 4.39
C PRO A 58 -11.34 -7.30 5.85
N TYR A 59 -10.21 -6.67 6.18
CA TYR A 59 -9.99 -6.20 7.54
C TYR A 59 -11.24 -5.49 8.08
N HIS A 60 -11.58 -4.39 7.43
CA HIS A 60 -12.74 -3.61 7.84
C HIS A 60 -13.68 -3.44 6.66
N GLY A 61 -13.88 -4.53 5.93
CA GLY A 61 -14.75 -4.52 4.77
C GLY A 61 -14.37 -3.40 3.81
N GLU A 62 -13.11 -2.98 3.90
CA GLU A 62 -12.61 -1.92 3.04
C GLU A 62 -12.18 -2.50 1.69
N VAL A 63 -12.09 -1.60 0.71
CA VAL A 63 -11.69 -2.00 -0.63
C VAL A 63 -10.24 -1.59 -0.87
N PRO A 64 -9.68 -2.10 -2.00
CA PRO A 64 -8.30 -1.80 -2.35
C PRO A 64 -8.18 -0.38 -2.91
N VAL A 65 -7.15 0.32 -2.45
CA VAL A 65 -6.91 1.68 -2.89
C VAL A 65 -6.18 1.66 -4.23
N SER A 66 -6.78 2.31 -5.21
CA SER A 66 -6.20 2.37 -6.55
C SER A 66 -4.91 3.18 -6.51
N LEU A 67 -3.86 2.58 -7.05
CA LEU A 67 -2.56 3.24 -7.08
C LEU A 67 -2.42 4.01 -8.41
N ALA A 68 -3.53 4.57 -8.85
CA ALA A 68 -3.54 5.33 -10.09
C ALA A 68 -3.12 6.77 -9.80
N ARG A 69 -1.95 7.12 -10.30
CA ARG A 69 -1.42 8.46 -10.11
C ARG A 69 -0.98 8.65 -8.65
N ALA A 70 -0.59 7.54 -8.04
CA ALA A 70 -0.14 7.58 -6.66
C ALA A 70 1.39 7.61 -6.62
N GLN A 71 1.91 8.05 -5.48
CA GLN A 71 3.35 8.14 -5.30
C GLN A 71 3.81 7.16 -4.22
N GLY A 72 4.99 6.61 -4.44
CA GLY A 72 5.56 5.65 -3.50
C GLY A 72 7.03 5.97 -3.22
N SER A 73 7.28 6.45 -2.01
CA SER A 73 8.63 6.79 -1.61
C SER A 73 8.90 6.28 -0.19
N VAL A 74 10.18 6.17 0.14
CA VAL A 74 10.59 5.69 1.44
C VAL A 74 10.25 6.76 2.50
N ALA A 75 10.19 6.31 3.74
CA ALA A 75 9.88 7.20 4.84
C ALA A 75 11.14 7.42 5.68
N PHE A 76 12.05 8.23 5.14
CA PHE A 76 13.30 8.53 5.82
C PHE A 76 13.04 9.41 7.05
N ASP A 77 12.21 10.41 6.86
CA ASP A 77 11.88 11.33 7.94
C ASP A 77 11.64 10.53 9.22
N TYR A 78 10.72 9.57 9.13
CA TYR A 78 10.39 8.74 10.27
C TYR A 78 11.65 8.39 11.07
N ARG A 79 11.85 9.12 12.16
CA ARG A 79 13.00 8.89 13.01
C ARG A 79 12.60 8.04 14.21
N LYS A 80 12.51 6.74 13.98
CA LYS A 80 12.15 5.80 15.02
C LYS A 80 12.08 4.39 14.44
N ARG A 81 11.19 4.23 13.47
CA ARG A 81 11.01 2.94 12.82
C ARG A 81 12.05 2.76 11.71
N LYS A 82 12.05 1.56 11.13
CA LYS A 82 12.98 1.25 10.06
C LYS A 82 12.23 0.53 8.94
N HIS A 83 12.77 0.66 7.74
CA HIS A 83 12.17 0.02 6.58
C HIS A 83 10.71 0.46 6.45
N VAL A 84 10.52 1.76 6.33
CA VAL A 84 9.18 2.31 6.21
C VAL A 84 9.13 3.25 5.01
N PHE A 85 8.04 3.15 4.26
CA PHE A 85 7.86 3.99 3.09
C PHE A 85 6.47 4.65 3.10
N LYS A 86 6.44 5.87 2.60
CA LYS A 86 5.19 6.62 2.54
C LYS A 86 4.53 6.39 1.19
N LEU A 87 3.21 6.32 1.22
CA LEU A 87 2.43 6.09 0.01
C LEU A 87 1.34 7.16 -0.10
N GLY A 88 1.56 8.11 -1.00
CA GLY A 88 0.61 9.18 -1.19
C GLY A 88 -0.21 8.95 -2.47
N LEU A 89 -1.51 8.74 -2.27
CA LEU A 89 -2.40 8.51 -3.38
C LEU A 89 -2.63 9.81 -4.14
N GLN A 90 -3.56 9.77 -5.08
CA GLN A 90 -3.88 10.94 -5.88
C GLN A 90 -5.09 11.67 -5.30
N ASP A 91 -5.76 10.99 -4.39
CA ASP A 91 -6.94 11.56 -3.75
C ASP A 91 -6.53 12.20 -2.42
N GLY A 92 -5.25 12.50 -2.32
CA GLY A 92 -4.72 13.12 -1.11
C GLY A 92 -4.73 12.14 0.06
N LYS A 93 -4.54 10.87 -0.27
CA LYS A 93 -4.52 9.82 0.73
C LYS A 93 -3.08 9.36 0.96
N GLU A 94 -2.60 9.61 2.16
CA GLU A 94 -1.24 9.24 2.52
C GLU A 94 -1.26 8.09 3.53
N TYR A 95 -0.47 7.07 3.23
CA TYR A 95 -0.38 5.91 4.11
C TYR A 95 1.07 5.63 4.52
N LEU A 96 1.20 4.87 5.59
CA LEU A 96 2.52 4.53 6.08
C LEU A 96 2.60 3.02 6.33
N PHE A 97 3.55 2.39 5.66
CA PHE A 97 3.74 0.95 5.79
C PHE A 97 5.16 0.62 6.25
N GLN A 98 5.24 -0.28 7.22
CA GLN A 98 6.53 -0.69 7.76
C GLN A 98 6.85 -2.11 7.32
N ALA A 99 7.83 -2.22 6.45
CA ALA A 99 8.26 -3.52 5.94
C ALA A 99 9.01 -4.27 7.04
N LYS A 100 9.25 -5.55 6.78
CA LYS A 100 9.97 -6.38 7.74
C LYS A 100 11.45 -6.02 7.71
N ASP A 101 11.89 -5.51 6.56
CA ASP A 101 13.28 -5.13 6.40
C ASP A 101 13.41 -4.28 5.13
N GLU A 102 14.61 -3.75 4.95
CA GLU A 102 14.89 -2.93 3.78
C GLU A 102 14.44 -3.64 2.51
N ALA A 103 14.62 -4.95 2.51
CA ALA A 103 14.24 -5.76 1.36
C ALA A 103 12.74 -5.61 1.11
N GLU A 104 11.97 -6.19 2.03
CA GLU A 104 10.52 -6.14 1.92
C GLU A 104 10.07 -4.76 1.46
N MET A 105 10.69 -3.74 2.06
CA MET A 105 10.36 -2.36 1.72
C MET A 105 10.73 -2.06 0.27
N SER A 106 12.03 -2.04 0.00
CA SER A 106 12.51 -1.75 -1.34
C SER A 106 11.65 -2.49 -2.37
N SER A 107 11.39 -3.76 -2.09
CA SER A 107 10.58 -4.57 -2.98
C SER A 107 9.21 -3.93 -3.18
N TRP A 108 8.53 -3.69 -2.06
CA TRP A 108 7.21 -3.09 -2.10
C TRP A 108 7.25 -1.94 -3.11
N LEU A 109 8.07 -0.95 -2.80
CA LEU A 109 8.21 0.21 -3.67
C LEU A 109 8.29 -0.25 -5.12
N ARG A 110 9.20 -1.19 -5.37
CA ARG A 110 9.40 -1.72 -6.70
C ARG A 110 8.08 -2.28 -7.25
N VAL A 111 7.31 -2.86 -6.34
CA VAL A 111 6.03 -3.44 -6.71
C VAL A 111 4.98 -2.32 -6.86
N VAL A 112 4.80 -1.60 -5.77
CA VAL A 112 3.84 -0.50 -5.75
C VAL A 112 4.06 0.37 -6.99
N ASN A 113 5.33 0.55 -7.34
CA ASN A 113 5.69 1.35 -8.49
C ASN A 113 5.31 0.60 -9.77
N ALA A 114 5.47 -0.71 -9.73
CA ALA A 114 5.15 -1.56 -10.86
C ALA A 114 3.63 -1.58 -11.05
N ALA A 115 2.93 -1.17 -10.01
CA ALA A 115 1.48 -1.14 -10.05
C ALA A 115 1.00 0.25 -10.50
N ILE A 116 1.58 1.27 -9.87
CA ILE A 116 1.22 2.64 -10.20
C ILE A 116 1.35 2.84 -11.70
N ALA A 117 2.54 2.59 -12.21
CA ALA A 117 2.81 2.74 -13.63
C ALA A 117 1.78 1.92 -14.43
N SER A 118 1.79 0.62 -14.18
CA SER A 118 0.87 -0.27 -14.87
C SER A 118 -0.58 0.14 -14.57
N GLY A 119 -1.12 0.94 -15.48
CA GLY A 119 -2.49 1.41 -15.33
C GLY A 119 -2.80 2.51 -16.34
N PRO A 120 -3.46 3.59 -15.83
CA PRO A 120 -3.83 4.71 -16.68
C PRO A 120 -2.60 5.57 -17.00
N SER A 121 -1.78 5.06 -17.91
CA SER A 121 -0.58 5.76 -18.31
C SER A 121 -0.88 6.65 -19.52
N SER A 122 -0.12 7.74 -19.61
CA SER A 122 -0.29 8.68 -20.71
C SER A 122 1.07 8.98 -21.35
N GLY A 123 1.96 9.51 -20.52
CA GLY A 123 3.29 9.85 -21.00
C GLY A 123 3.35 11.30 -21.47
N GLY A 1 2.60 7.81 -21.84
CA GLY A 1 3.63 6.81 -22.06
C GLY A 1 3.94 6.05 -20.76
N SER A 2 4.11 4.74 -20.90
CA SER A 2 4.41 3.89 -19.76
C SER A 2 5.67 3.08 -20.02
N SER A 3 5.62 2.30 -21.11
CA SER A 3 6.76 1.47 -21.48
C SER A 3 7.07 0.48 -20.36
N GLY A 4 7.59 -0.67 -20.76
CA GLY A 4 7.94 -1.71 -19.82
C GLY A 4 6.72 -2.13 -19.00
N SER A 5 6.96 -2.39 -17.72
CA SER A 5 5.89 -2.80 -16.82
C SER A 5 5.18 -4.04 -17.38
N SER A 6 4.38 -4.66 -16.54
CA SER A 6 3.64 -5.85 -16.93
C SER A 6 2.63 -6.22 -15.85
N GLY A 7 3.15 -6.44 -14.65
CA GLY A 7 2.30 -6.80 -13.52
C GLY A 7 3.13 -7.39 -12.38
N GLU A 8 3.26 -6.61 -11.32
CA GLU A 8 4.02 -7.05 -10.15
C GLU A 8 3.13 -7.06 -8.91
N GLN A 9 2.85 -8.26 -8.42
CA GLN A 9 2.03 -8.42 -7.24
C GLN A 9 2.90 -8.55 -5.99
N MET A 10 2.33 -8.13 -4.87
CA MET A 10 3.04 -8.19 -3.61
C MET A 10 2.07 -8.16 -2.43
N GLU A 11 2.24 -9.13 -1.54
CA GLU A 11 1.38 -9.23 -0.36
C GLU A 11 2.19 -9.71 0.84
N GLY A 12 2.15 -8.91 1.89
CA GLY A 12 2.87 -9.24 3.12
C GLY A 12 2.42 -8.36 4.28
N MET A 13 2.57 -8.88 5.48
CA MET A 13 2.18 -8.17 6.68
C MET A 13 2.92 -6.83 6.78
N LEU A 14 2.14 -5.76 6.87
CA LEU A 14 2.70 -4.42 6.96
C LEU A 14 1.88 -3.60 7.95
N CYS A 15 2.53 -2.60 8.53
CA CYS A 15 1.87 -1.73 9.48
C CYS A 15 1.33 -0.51 8.74
N ARG A 16 0.05 -0.59 8.38
CA ARG A 16 -0.59 0.49 7.66
C ARG A 16 -1.19 1.50 8.65
N LYS A 17 -0.65 2.71 8.61
CA LYS A 17 -1.12 3.77 9.49
C LYS A 17 -1.57 4.96 8.65
N GLN A 18 -2.88 5.11 8.56
CA GLN A 18 -3.47 6.20 7.79
C GLN A 18 -3.11 7.54 8.43
N GLU A 19 -2.81 8.52 7.57
CA GLU A 19 -2.46 9.84 8.03
C GLU A 19 -3.36 10.88 7.39
N MET A 20 -3.48 10.80 6.07
CA MET A 20 -4.32 11.73 5.33
C MET A 20 -5.29 10.99 4.42
N GLU A 21 -6.51 11.52 4.34
CA GLU A 21 -7.53 10.92 3.51
C GLU A 21 -7.75 11.76 2.24
N ALA A 22 -7.16 12.94 2.25
CA ALA A 22 -7.29 13.84 1.12
C ALA A 22 -6.47 15.11 1.39
N PHE A 23 -6.05 15.76 0.31
CA PHE A 23 -5.28 16.97 0.43
C PHE A 23 -5.84 17.90 1.49
N GLY A 24 -5.09 18.05 2.58
CA GLY A 24 -5.51 18.89 3.68
C GLY A 24 -6.37 18.12 4.67
N LYS A 25 -7.17 17.20 4.13
CA LYS A 25 -8.05 16.40 4.96
C LYS A 25 -7.19 15.48 5.85
N LYS A 26 -7.42 15.60 7.15
CA LYS A 26 -6.69 14.80 8.11
C LYS A 26 -7.48 13.52 8.39
N ALA A 27 -6.73 12.42 8.49
CA ALA A 27 -7.34 11.13 8.77
C ALA A 27 -7.94 11.13 10.18
N ALA A 28 -9.21 10.80 10.25
CA ALA A 28 -9.91 10.76 11.52
C ALA A 28 -8.99 10.15 12.58
N ASN A 29 -8.78 8.85 12.47
CA ASN A 29 -7.93 8.14 13.41
C ASN A 29 -6.60 7.79 12.73
N ARG A 30 -5.53 8.28 13.33
CA ARG A 30 -4.19 8.03 12.78
C ARG A 30 -3.40 7.14 13.74
N SER A 31 -3.87 5.91 13.88
CA SER A 31 -3.20 4.95 14.75
C SER A 31 -2.47 3.90 13.92
N TRP A 32 -1.58 3.19 14.59
CA TRP A 32 -0.80 2.15 13.92
C TRP A 32 -1.54 0.83 14.08
N GLN A 33 -1.72 0.14 12.96
CA GLN A 33 -2.41 -1.14 12.96
C GLN A 33 -1.82 -2.07 11.90
N ASN A 34 -1.34 -3.22 12.36
CA ASN A 34 -0.75 -4.19 11.47
C ASN A 34 -1.80 -4.66 10.46
N VAL A 35 -1.68 -4.15 9.26
CA VAL A 35 -2.61 -4.51 8.19
C VAL A 35 -1.84 -5.15 7.04
N TYR A 36 -2.29 -6.34 6.65
CA TYR A 36 -1.66 -7.06 5.56
C TYR A 36 -1.92 -6.38 4.21
N CYS A 37 -0.85 -5.87 3.63
CA CYS A 37 -0.95 -5.19 2.34
C CYS A 37 -1.04 -6.25 1.25
N VAL A 38 -2.05 -6.10 0.40
CA VAL A 38 -2.25 -7.04 -0.69
C VAL A 38 -2.35 -6.26 -2.01
N LEU A 39 -1.29 -6.34 -2.79
CA LEU A 39 -1.24 -5.65 -4.07
C LEU A 39 -1.62 -6.64 -5.18
N ARG A 40 -2.45 -6.16 -6.10
CA ARG A 40 -2.89 -6.98 -7.21
C ARG A 40 -3.68 -6.13 -8.21
N ARG A 41 -3.46 -6.41 -9.49
CA ARG A 41 -4.14 -5.69 -10.55
C ARG A 41 -3.92 -4.18 -10.38
N GLY A 42 -2.83 -3.84 -9.72
CA GLY A 42 -2.50 -2.44 -9.50
C GLY A 42 -3.41 -1.83 -8.42
N SER A 43 -3.75 -2.65 -7.44
CA SER A 43 -4.61 -2.20 -6.36
C SER A 43 -4.09 -2.74 -5.02
N LEU A 44 -3.93 -1.82 -4.08
CA LEU A 44 -3.45 -2.18 -2.76
C LEU A 44 -4.63 -2.46 -1.84
N GLY A 45 -4.76 -3.72 -1.46
CA GLY A 45 -5.84 -4.14 -0.59
C GLY A 45 -5.33 -4.37 0.84
N PHE A 46 -6.21 -4.11 1.80
CA PHE A 46 -5.87 -4.29 3.20
C PHE A 46 -6.63 -5.47 3.80
N TYR A 47 -5.90 -6.30 4.53
CA TYR A 47 -6.49 -7.46 5.16
C TYR A 47 -5.88 -7.70 6.55
N LYS A 48 -6.67 -8.33 7.41
CA LYS A 48 -6.23 -8.61 8.76
C LYS A 48 -4.80 -9.16 8.72
N ASP A 49 -4.67 -10.34 8.12
CA ASP A 49 -3.37 -10.98 8.01
C ASP A 49 -3.35 -11.86 6.76
N ALA A 50 -2.24 -12.57 6.59
CA ALA A 50 -2.08 -13.45 5.44
C ALA A 50 -3.15 -14.54 5.50
N LYS A 51 -3.79 -14.66 6.65
CA LYS A 51 -4.82 -15.65 6.84
C LYS A 51 -6.15 -15.13 6.28
N ALA A 52 -6.21 -13.81 6.14
CA ALA A 52 -7.40 -13.17 5.62
C ALA A 52 -7.22 -12.90 4.12
N ALA A 53 -5.97 -12.75 3.72
CA ALA A 53 -5.65 -12.49 2.33
C ALA A 53 -5.99 -13.73 1.50
N SER A 54 -5.86 -14.88 2.13
CA SER A 54 -6.15 -16.14 1.46
C SER A 54 -7.65 -16.41 1.49
N ALA A 55 -8.24 -16.20 2.66
CA ALA A 55 -9.66 -16.42 2.84
C ALA A 55 -10.43 -15.31 2.13
N GLY A 56 -9.68 -14.33 1.63
CA GLY A 56 -10.28 -13.20 0.93
C GLY A 56 -11.19 -12.40 1.88
N VAL A 57 -10.80 -12.37 3.13
CA VAL A 57 -11.55 -11.64 4.13
C VAL A 57 -10.93 -10.26 4.34
N PRO A 58 -11.75 -9.20 4.06
CA PRO A 58 -11.29 -7.83 4.22
C PRO A 58 -11.22 -7.44 5.69
N TYR A 59 -10.12 -6.80 6.04
CA TYR A 59 -9.92 -6.36 7.41
C TYR A 59 -11.18 -5.70 7.98
N HIS A 60 -11.54 -4.56 7.38
CA HIS A 60 -12.71 -3.83 7.80
C HIS A 60 -13.63 -3.61 6.60
N GLY A 61 -13.81 -4.66 5.83
CA GLY A 61 -14.66 -4.61 4.65
C GLY A 61 -14.25 -3.45 3.73
N GLU A 62 -13.01 -3.01 3.90
CA GLU A 62 -12.48 -1.92 3.10
C GLU A 62 -11.95 -2.44 1.77
N VAL A 63 -12.30 -1.73 0.71
CA VAL A 63 -11.87 -2.12 -0.62
C VAL A 63 -10.42 -1.69 -0.83
N PRO A 64 -9.82 -2.19 -1.94
CA PRO A 64 -8.44 -1.88 -2.26
C PRO A 64 -8.31 -0.45 -2.78
N VAL A 65 -7.23 0.20 -2.37
CA VAL A 65 -6.98 1.57 -2.79
C VAL A 65 -6.29 1.56 -4.17
N SER A 66 -6.90 2.28 -5.10
CA SER A 66 -6.37 2.36 -6.44
C SER A 66 -5.08 3.18 -6.44
N LEU A 67 -4.02 2.57 -6.95
CA LEU A 67 -2.73 3.23 -7.02
C LEU A 67 -2.63 4.02 -8.32
N ALA A 68 -3.70 4.73 -8.63
CA ALA A 68 -3.75 5.53 -9.84
C ALA A 68 -3.06 6.88 -9.59
N ARG A 69 -2.03 7.13 -10.37
CA ARG A 69 -1.28 8.38 -10.24
C ARG A 69 -0.73 8.52 -8.81
N ALA A 70 -0.73 7.41 -8.10
CA ALA A 70 -0.24 7.40 -6.73
C ALA A 70 1.29 7.35 -6.74
N GLN A 71 1.86 7.84 -5.65
CA GLN A 71 3.31 7.84 -5.52
C GLN A 71 3.74 7.15 -4.22
N GLY A 72 4.84 6.42 -4.31
CA GLY A 72 5.36 5.71 -3.16
C GLY A 72 6.83 6.05 -2.92
N SER A 73 7.11 6.52 -1.71
CA SER A 73 8.46 6.88 -1.34
C SER A 73 8.78 6.36 0.06
N VAL A 74 10.07 6.28 0.35
CA VAL A 74 10.53 5.80 1.65
C VAL A 74 10.19 6.85 2.72
N ALA A 75 10.11 6.38 3.95
CA ALA A 75 9.80 7.27 5.06
C ALA A 75 11.08 7.57 5.83
N PHE A 76 11.98 8.28 5.16
CA PHE A 76 13.25 8.65 5.77
C PHE A 76 13.03 9.34 7.12
N ASP A 77 12.09 10.28 7.14
CA ASP A 77 11.79 11.00 8.35
C ASP A 77 11.77 10.03 9.53
N TYR A 78 10.86 9.09 9.47
CA TYR A 78 10.72 8.09 10.52
C TYR A 78 12.09 7.69 11.06
N ARG A 79 12.44 8.29 12.19
CA ARG A 79 13.71 8.01 12.82
C ARG A 79 13.55 6.93 13.89
N LYS A 80 12.30 6.66 14.23
CA LYS A 80 11.99 5.65 15.22
C LYS A 80 12.12 4.26 14.60
N ARG A 81 11.08 3.86 13.90
CA ARG A 81 11.06 2.57 13.25
C ARG A 81 12.08 2.54 12.10
N LYS A 82 12.11 1.40 11.41
CA LYS A 82 13.03 1.24 10.31
C LYS A 82 12.30 0.56 9.14
N HIS A 83 12.85 0.73 7.95
CA HIS A 83 12.27 0.14 6.75
C HIS A 83 10.79 0.54 6.67
N VAL A 84 10.57 1.82 6.46
CA VAL A 84 9.21 2.35 6.36
C VAL A 84 9.12 3.28 5.15
N PHE A 85 8.02 3.15 4.42
CA PHE A 85 7.80 3.98 3.25
C PHE A 85 6.40 4.60 3.28
N LYS A 86 6.33 5.82 2.77
CA LYS A 86 5.07 6.54 2.73
C LYS A 86 4.44 6.39 1.34
N LEU A 87 3.18 5.98 1.34
CA LEU A 87 2.46 5.79 0.09
C LEU A 87 1.44 6.91 -0.08
N GLY A 88 1.80 7.88 -0.91
CA GLY A 88 0.92 9.01 -1.17
C GLY A 88 0.06 8.76 -2.40
N LEU A 89 -1.24 8.67 -2.16
CA LEU A 89 -2.19 8.43 -3.23
C LEU A 89 -2.37 9.72 -4.04
N GLN A 90 -3.14 9.61 -5.11
CA GLN A 90 -3.40 10.75 -5.97
C GLN A 90 -4.54 11.60 -5.40
N ASP A 91 -5.27 11.01 -4.46
CA ASP A 91 -6.38 11.69 -3.82
C ASP A 91 -5.96 12.14 -2.43
N GLY A 92 -4.75 12.68 -2.34
CA GLY A 92 -4.23 13.15 -1.08
C GLY A 92 -4.39 12.09 0.02
N LYS A 93 -4.20 10.84 -0.40
CA LYS A 93 -4.31 9.73 0.53
C LYS A 93 -2.92 9.18 0.82
N GLU A 94 -2.38 9.61 1.95
CA GLU A 94 -1.05 9.17 2.36
C GLU A 94 -1.17 8.04 3.39
N TYR A 95 -0.30 7.04 3.22
CA TYR A 95 -0.30 5.90 4.13
C TYR A 95 1.13 5.55 4.55
N LEU A 96 1.25 4.99 5.74
CA LEU A 96 2.54 4.59 6.27
C LEU A 96 2.58 3.07 6.44
N PHE A 97 3.58 2.47 5.82
CA PHE A 97 3.75 1.03 5.89
C PHE A 97 5.16 0.66 6.35
N GLN A 98 5.22 -0.16 7.38
CA GLN A 98 6.50 -0.60 7.93
C GLN A 98 6.79 -2.03 7.50
N ALA A 99 7.80 -2.17 6.66
CA ALA A 99 8.19 -3.48 6.16
C ALA A 99 9.04 -4.19 7.22
N LYS A 100 9.43 -5.42 6.90
CA LYS A 100 10.24 -6.20 7.82
C LYS A 100 11.69 -5.73 7.75
N ASP A 101 12.12 -5.39 6.54
CA ASP A 101 13.48 -4.93 6.32
C ASP A 101 13.53 -4.10 5.03
N GLU A 102 14.73 -3.68 4.68
CA GLU A 102 14.93 -2.89 3.47
C GLU A 102 14.41 -3.65 2.26
N ALA A 103 14.69 -4.94 2.24
CA ALA A 103 14.25 -5.78 1.14
C ALA A 103 12.72 -5.66 0.97
N GLU A 104 12.01 -6.24 1.93
CA GLU A 104 10.56 -6.20 1.91
C GLU A 104 10.07 -4.81 1.48
N MET A 105 10.72 -3.80 2.05
CA MET A 105 10.36 -2.42 1.74
C MET A 105 10.69 -2.09 0.29
N SER A 106 11.98 -2.05 -0.01
CA SER A 106 12.43 -1.74 -1.35
C SER A 106 11.54 -2.45 -2.38
N SER A 107 11.31 -3.74 -2.14
CA SER A 107 10.50 -4.54 -3.03
C SER A 107 9.12 -3.88 -3.20
N TRP A 108 8.46 -3.67 -2.07
CA TRP A 108 7.15 -3.06 -2.07
C TRP A 108 7.17 -1.89 -3.06
N LEU A 109 7.98 -0.90 -2.74
CA LEU A 109 8.12 0.28 -3.59
C LEU A 109 8.22 -0.17 -5.05
N ARG A 110 9.13 -1.09 -5.29
CA ARG A 110 9.34 -1.61 -6.63
C ARG A 110 8.03 -2.17 -7.20
N VAL A 111 7.26 -2.78 -6.30
CA VAL A 111 5.99 -3.36 -6.70
C VAL A 111 4.95 -2.25 -6.84
N VAL A 112 4.72 -1.55 -5.73
CA VAL A 112 3.75 -0.47 -5.72
C VAL A 112 3.96 0.42 -6.94
N ASN A 113 5.24 0.61 -7.28
CA ASN A 113 5.59 1.42 -8.43
C ASN A 113 5.21 0.68 -9.72
N ALA A 114 5.40 -0.62 -9.68
CA ALA A 114 5.08 -1.46 -10.83
C ALA A 114 3.57 -1.50 -11.03
N ALA A 115 2.86 -1.09 -9.99
CA ALA A 115 1.41 -1.08 -10.04
C ALA A 115 0.93 0.31 -10.48
N ILE A 116 1.50 1.33 -9.86
CA ILE A 116 1.15 2.69 -10.17
C ILE A 116 1.27 2.91 -11.69
N ALA A 117 2.48 2.71 -12.19
CA ALA A 117 2.74 2.87 -13.60
C ALA A 117 1.71 2.10 -14.40
N SER A 118 1.73 0.78 -14.23
CA SER A 118 0.80 -0.09 -14.93
C SER A 118 -0.63 0.40 -14.71
N GLY A 119 -1.15 1.07 -15.73
CA GLY A 119 -2.50 1.61 -15.66
C GLY A 119 -3.42 0.65 -14.91
N PRO A 120 -4.18 1.24 -13.93
CA PRO A 120 -5.10 0.46 -13.13
C PRO A 120 -6.36 0.09 -13.93
N SER A 121 -7.22 -0.67 -13.30
CA SER A 121 -8.46 -1.10 -13.93
C SER A 121 -9.58 -0.09 -13.63
N SER A 122 -10.27 0.29 -14.69
CA SER A 122 -11.36 1.25 -14.57
C SER A 122 -12.62 0.54 -14.06
N GLY A 123 -13.17 1.08 -12.99
CA GLY A 123 -14.37 0.51 -12.40
C GLY A 123 -14.91 1.41 -11.28
N GLY A 1 -12.08 -7.98 -26.40
CA GLY A 1 -11.65 -9.35 -26.62
C GLY A 1 -10.13 -9.47 -26.52
N SER A 2 -9.65 -9.51 -25.28
CA SER A 2 -8.22 -9.62 -25.02
C SER A 2 -7.99 -10.24 -23.65
N SER A 3 -6.73 -10.62 -23.42
CA SER A 3 -6.37 -11.23 -22.16
C SER A 3 -5.45 -10.30 -21.37
N GLY A 4 -5.24 -10.65 -20.11
CA GLY A 4 -4.37 -9.85 -19.25
C GLY A 4 -4.44 -10.34 -17.80
N SER A 5 -4.61 -9.39 -16.89
CA SER A 5 -4.70 -9.71 -15.48
C SER A 5 -3.39 -10.38 -15.01
N SER A 6 -2.37 -9.55 -14.84
CA SER A 6 -1.08 -10.05 -14.40
C SER A 6 -0.09 -8.89 -14.32
N GLY A 7 0.88 -9.04 -13.41
CA GLY A 7 1.90 -8.02 -13.23
C GLY A 7 2.69 -8.28 -11.94
N GLU A 8 3.24 -7.20 -11.40
CA GLU A 8 4.03 -7.30 -10.17
C GLU A 8 3.12 -7.19 -8.96
N GLN A 9 2.87 -8.34 -8.33
CA GLN A 9 2.03 -8.38 -7.16
C GLN A 9 2.88 -8.54 -5.89
N MET A 10 2.36 -8.04 -4.79
CA MET A 10 3.06 -8.12 -3.52
C MET A 10 2.08 -8.08 -2.35
N GLU A 11 2.22 -9.06 -1.46
CA GLU A 11 1.35 -9.15 -0.31
C GLU A 11 2.14 -9.68 0.90
N GLY A 12 2.12 -8.90 1.96
CA GLY A 12 2.83 -9.27 3.18
C GLY A 12 2.41 -8.39 4.35
N MET A 13 2.68 -8.89 5.56
CA MET A 13 2.33 -8.15 6.76
C MET A 13 3.02 -6.79 6.79
N LEU A 14 2.21 -5.76 6.94
CA LEU A 14 2.72 -4.39 6.98
C LEU A 14 1.87 -3.57 7.96
N CYS A 15 2.50 -2.52 8.48
CA CYS A 15 1.83 -1.65 9.42
C CYS A 15 1.31 -0.42 8.66
N ARG A 16 0.05 -0.49 8.27
CA ARG A 16 -0.57 0.60 7.53
C ARG A 16 -1.16 1.63 8.50
N LYS A 17 -0.64 2.84 8.41
CA LYS A 17 -1.09 3.92 9.28
C LYS A 17 -1.63 5.06 8.40
N GLN A 18 -2.95 5.12 8.30
CA GLN A 18 -3.59 6.15 7.51
C GLN A 18 -3.38 7.53 8.15
N GLU A 19 -2.56 8.34 7.49
CA GLU A 19 -2.27 9.67 7.99
C GLU A 19 -3.36 10.66 7.53
N MET A 20 -3.53 10.71 6.22
CA MET A 20 -4.53 11.60 5.63
C MET A 20 -5.55 10.82 4.82
N GLU A 21 -6.69 11.46 4.59
CA GLU A 21 -7.76 10.84 3.83
C GLU A 21 -7.93 11.54 2.48
N ALA A 22 -7.29 12.69 2.37
CA ALA A 22 -7.35 13.47 1.14
C ALA A 22 -6.65 14.82 1.36
N PHE A 23 -6.53 15.56 0.26
CA PHE A 23 -5.88 16.86 0.32
C PHE A 23 -6.40 17.68 1.50
N GLY A 24 -5.50 18.01 2.41
CA GLY A 24 -5.84 18.78 3.59
C GLY A 24 -6.94 18.08 4.40
N LYS A 25 -7.11 16.80 4.11
CA LYS A 25 -8.12 16.01 4.80
C LYS A 25 -7.44 15.12 5.83
N LYS A 26 -7.91 15.21 7.06
CA LYS A 26 -7.36 14.41 8.14
C LYS A 26 -8.17 13.13 8.30
N ALA A 27 -7.45 12.04 8.50
CA ALA A 27 -8.09 10.75 8.67
C ALA A 27 -8.63 10.62 10.09
N ALA A 28 -9.83 10.07 10.19
CA ALA A 28 -10.47 9.89 11.49
C ALA A 28 -9.42 9.45 12.51
N ASN A 29 -8.97 8.20 12.35
CA ASN A 29 -7.98 7.64 13.25
C ASN A 29 -6.67 7.44 12.48
N ARG A 30 -5.59 7.95 13.06
CA ARG A 30 -4.28 7.83 12.45
C ARG A 30 -3.34 7.06 13.36
N SER A 31 -3.74 5.84 13.69
CA SER A 31 -2.93 4.99 14.57
C SER A 31 -2.29 3.87 13.76
N TRP A 32 -1.26 3.28 14.33
CA TRP A 32 -0.55 2.19 13.68
C TRP A 32 -1.32 0.89 13.94
N GLN A 33 -1.61 0.18 12.87
CA GLN A 33 -2.34 -1.07 12.97
C GLN A 33 -1.79 -2.09 11.97
N ASN A 34 -1.65 -3.32 12.45
CA ASN A 34 -1.13 -4.39 11.62
C ASN A 34 -2.15 -4.72 10.53
N VAL A 35 -1.85 -4.26 9.32
CA VAL A 35 -2.73 -4.49 8.19
C VAL A 35 -1.93 -5.14 7.05
N TYR A 36 -2.39 -6.31 6.63
CA TYR A 36 -1.72 -7.03 5.56
C TYR A 36 -1.98 -6.35 4.21
N CYS A 37 -0.91 -5.81 3.65
CA CYS A 37 -1.00 -5.13 2.37
C CYS A 37 -1.10 -6.20 1.27
N VAL A 38 -2.06 -6.00 0.39
CA VAL A 38 -2.27 -6.93 -0.71
C VAL A 38 -2.35 -6.15 -2.03
N LEU A 39 -1.27 -6.24 -2.79
CA LEU A 39 -1.21 -5.56 -4.08
C LEU A 39 -1.61 -6.52 -5.19
N ARG A 40 -2.43 -6.02 -6.10
CA ARG A 40 -2.90 -6.83 -7.21
C ARG A 40 -3.68 -5.95 -8.21
N ARG A 41 -3.52 -6.28 -9.47
CA ARG A 41 -4.20 -5.55 -10.52
C ARG A 41 -3.92 -4.05 -10.39
N GLY A 42 -2.84 -3.74 -9.69
CA GLY A 42 -2.45 -2.36 -9.48
C GLY A 42 -3.31 -1.70 -8.39
N SER A 43 -3.72 -2.53 -7.44
CA SER A 43 -4.54 -2.04 -6.33
C SER A 43 -4.00 -2.58 -5.01
N LEU A 44 -3.88 -1.68 -4.05
CA LEU A 44 -3.39 -2.06 -2.73
C LEU A 44 -4.57 -2.34 -1.81
N GLY A 45 -4.71 -3.61 -1.44
CA GLY A 45 -5.80 -4.02 -0.57
C GLY A 45 -5.30 -4.21 0.87
N PHE A 46 -6.22 -4.10 1.80
CA PHE A 46 -5.90 -4.26 3.21
C PHE A 46 -6.67 -5.43 3.82
N TYR A 47 -5.98 -6.17 4.68
CA TYR A 47 -6.58 -7.31 5.33
C TYR A 47 -5.99 -7.51 6.73
N LYS A 48 -6.66 -8.35 7.51
CA LYS A 48 -6.21 -8.63 8.86
C LYS A 48 -4.80 -9.20 8.82
N ASP A 49 -4.67 -10.33 8.13
CA ASP A 49 -3.37 -10.97 8.00
C ASP A 49 -3.35 -11.79 6.70
N ALA A 50 -2.25 -12.50 6.51
CA ALA A 50 -2.09 -13.33 5.32
C ALA A 50 -3.12 -14.45 5.34
N LYS A 51 -3.67 -14.69 6.52
CA LYS A 51 -4.67 -15.73 6.69
C LYS A 51 -6.05 -15.16 6.33
N ALA A 52 -6.13 -13.84 6.34
CA ALA A 52 -7.37 -13.17 6.02
C ALA A 52 -7.38 -12.78 4.54
N ALA A 53 -6.19 -12.74 3.97
CA ALA A 53 -6.04 -12.40 2.56
C ALA A 53 -6.38 -13.61 1.70
N SER A 54 -5.87 -14.75 2.13
CA SER A 54 -6.11 -16.00 1.41
C SER A 54 -7.57 -16.41 1.56
N ALA A 55 -8.17 -15.98 2.66
CA ALA A 55 -9.56 -16.31 2.93
C ALA A 55 -10.45 -15.24 2.30
N GLY A 56 -9.81 -14.23 1.74
CA GLY A 56 -10.54 -13.15 1.09
C GLY A 56 -11.37 -12.37 2.11
N VAL A 57 -10.87 -12.35 3.34
CA VAL A 57 -11.57 -11.64 4.41
C VAL A 57 -10.94 -10.26 4.60
N PRO A 58 -11.77 -9.21 4.34
CA PRO A 58 -11.31 -7.84 4.48
C PRO A 58 -11.21 -7.45 5.95
N TYR A 59 -10.15 -6.71 6.25
CA TYR A 59 -9.93 -6.25 7.62
C TYR A 59 -11.20 -5.65 8.21
N HIS A 60 -11.61 -4.54 7.64
CA HIS A 60 -12.82 -3.85 8.10
C HIS A 60 -13.81 -3.71 6.93
N GLY A 61 -13.64 -4.59 5.96
CA GLY A 61 -14.51 -4.57 4.79
C GLY A 61 -14.05 -3.52 3.77
N GLU A 62 -13.09 -2.72 4.20
CA GLU A 62 -12.55 -1.67 3.34
C GLU A 62 -12.17 -2.26 1.98
N VAL A 63 -12.06 -1.36 1.00
CA VAL A 63 -11.71 -1.77 -0.35
C VAL A 63 -10.25 -1.41 -0.62
N PRO A 64 -9.73 -1.95 -1.75
CA PRO A 64 -8.36 -1.69 -2.14
C PRO A 64 -8.20 -0.27 -2.70
N VAL A 65 -7.11 0.37 -2.30
CA VAL A 65 -6.84 1.72 -2.75
C VAL A 65 -6.16 1.67 -4.12
N SER A 66 -6.66 2.50 -5.03
CA SER A 66 -6.12 2.55 -6.37
C SER A 66 -4.78 3.30 -6.36
N LEU A 67 -3.77 2.66 -6.93
CA LEU A 67 -2.44 3.25 -6.99
C LEU A 67 -2.29 4.01 -8.32
N ALA A 68 -3.40 4.52 -8.80
CA ALA A 68 -3.41 5.25 -10.05
C ALA A 68 -2.89 6.67 -9.80
N ARG A 69 -1.73 6.95 -10.39
CA ARG A 69 -1.11 8.25 -10.24
C ARG A 69 -0.68 8.47 -8.79
N ALA A 70 -0.51 7.37 -8.08
CA ALA A 70 -0.10 7.42 -6.69
C ALA A 70 1.42 7.57 -6.61
N GLN A 71 1.90 7.86 -5.41
CA GLN A 71 3.32 8.03 -5.20
C GLN A 71 3.80 7.12 -4.08
N GLY A 72 4.93 6.48 -4.32
CA GLY A 72 5.52 5.57 -3.34
C GLY A 72 7.00 5.89 -3.11
N SER A 73 7.27 6.43 -1.93
CA SER A 73 8.64 6.77 -1.58
C SER A 73 8.93 6.34 -0.14
N VAL A 74 10.21 6.23 0.17
CA VAL A 74 10.64 5.83 1.49
C VAL A 74 10.31 6.95 2.48
N ALA A 75 10.23 6.56 3.75
CA ALA A 75 9.91 7.51 4.81
C ALA A 75 11.18 7.82 5.60
N PHE A 76 12.22 8.20 4.88
CA PHE A 76 13.49 8.52 5.51
C PHE A 76 13.29 9.37 6.76
N ASP A 77 12.32 10.28 6.68
CA ASP A 77 12.01 11.16 7.80
C ASP A 77 11.74 10.31 9.04
N TYR A 78 10.92 9.29 8.86
CA TYR A 78 10.57 8.40 9.95
C TYR A 78 11.81 7.66 10.48
N ARG A 79 12.15 7.96 11.71
CA ARG A 79 13.31 7.33 12.34
C ARG A 79 12.86 6.32 13.39
N LYS A 80 11.65 6.52 13.89
CA LYS A 80 11.09 5.63 14.89
C LYS A 80 11.26 4.18 14.43
N ARG A 81 10.53 3.83 13.38
CA ARG A 81 10.57 2.49 12.83
C ARG A 81 11.55 2.43 11.65
N LYS A 82 12.08 1.24 11.43
CA LYS A 82 13.01 1.04 10.33
C LYS A 82 12.29 0.44 9.14
N HIS A 83 12.78 0.76 7.96
CA HIS A 83 12.19 0.26 6.72
C HIS A 83 10.73 0.69 6.65
N VAL A 84 10.53 2.00 6.49
CA VAL A 84 9.19 2.55 6.40
C VAL A 84 9.12 3.49 5.19
N PHE A 85 8.12 3.24 4.35
CA PHE A 85 7.93 4.06 3.16
C PHE A 85 6.52 4.67 3.14
N LYS A 86 6.46 5.90 2.66
CA LYS A 86 5.19 6.61 2.58
C LYS A 86 4.53 6.31 1.24
N LEU A 87 3.21 6.33 1.25
CA LEU A 87 2.44 6.07 0.04
C LEU A 87 1.33 7.11 -0.09
N GLY A 88 1.60 8.10 -0.92
CA GLY A 88 0.64 9.16 -1.15
C GLY A 88 -0.16 8.92 -2.43
N LEU A 89 -1.45 8.70 -2.26
CA LEU A 89 -2.33 8.45 -3.39
C LEU A 89 -2.63 9.77 -4.09
N GLN A 90 -3.25 9.66 -5.26
CA GLN A 90 -3.60 10.84 -6.04
C GLN A 90 -4.80 11.55 -5.43
N ASP A 91 -5.48 10.82 -4.54
CA ASP A 91 -6.65 11.37 -3.88
C ASP A 91 -6.21 12.09 -2.59
N GLY A 92 -4.91 12.28 -2.48
CA GLY A 92 -4.36 12.95 -1.31
C GLY A 92 -4.34 12.02 -0.10
N LYS A 93 -4.35 10.73 -0.39
CA LYS A 93 -4.33 9.73 0.67
C LYS A 93 -2.90 9.32 0.96
N GLU A 94 -2.45 9.66 2.16
CA GLU A 94 -1.10 9.34 2.58
C GLU A 94 -1.10 8.19 3.60
N TYR A 95 -0.36 7.15 3.28
CA TYR A 95 -0.27 5.99 4.17
C TYR A 95 1.18 5.69 4.53
N LEU A 96 1.34 4.95 5.62
CA LEU A 96 2.66 4.57 6.08
C LEU A 96 2.70 3.07 6.35
N PHE A 97 3.57 2.39 5.61
CA PHE A 97 3.71 0.95 5.75
C PHE A 97 5.13 0.58 6.19
N GLN A 98 5.20 -0.23 7.24
CA GLN A 98 6.50 -0.66 7.75
C GLN A 98 6.80 -2.08 7.28
N ALA A 99 7.79 -2.18 6.40
CA ALA A 99 8.19 -3.47 5.86
C ALA A 99 8.90 -4.27 6.95
N LYS A 100 9.22 -5.51 6.62
CA LYS A 100 9.91 -6.38 7.56
C LYS A 100 11.39 -6.04 7.56
N ASP A 101 11.85 -5.47 6.45
CA ASP A 101 13.24 -5.09 6.33
C ASP A 101 13.42 -4.27 5.04
N GLU A 102 14.67 -3.92 4.77
CA GLU A 102 15.00 -3.15 3.59
C GLU A 102 14.47 -3.84 2.33
N ALA A 103 14.72 -5.13 2.26
CA ALA A 103 14.27 -5.93 1.12
C ALA A 103 12.76 -5.75 0.95
N GLU A 104 12.02 -6.34 1.87
CA GLU A 104 10.57 -6.26 1.84
C GLU A 104 10.12 -4.87 1.39
N MET A 105 10.77 -3.86 1.98
CA MET A 105 10.45 -2.49 1.66
C MET A 105 10.75 -2.18 0.19
N SER A 106 12.04 -2.18 -0.13
CA SER A 106 12.48 -1.92 -1.49
C SER A 106 11.57 -2.65 -2.49
N SER A 107 11.31 -3.91 -2.18
CA SER A 107 10.46 -4.71 -3.04
C SER A 107 9.10 -4.04 -3.23
N TRP A 108 8.48 -3.69 -2.10
CA TRP A 108 7.19 -3.04 -2.13
C TRP A 108 7.26 -1.89 -3.14
N LEU A 109 8.06 -0.88 -2.79
CA LEU A 109 8.22 0.27 -3.65
C LEU A 109 8.30 -0.18 -5.10
N ARG A 110 9.18 -1.15 -5.34
CA ARG A 110 9.36 -1.68 -6.68
C ARG A 110 8.04 -2.21 -7.23
N VAL A 111 7.30 -2.89 -6.36
CA VAL A 111 6.02 -3.45 -6.75
C VAL A 111 5.00 -2.31 -6.88
N VAL A 112 4.79 -1.62 -5.77
CA VAL A 112 3.84 -0.52 -5.75
C VAL A 112 4.06 0.36 -6.98
N ASN A 113 5.34 0.53 -7.33
CA ASN A 113 5.69 1.35 -8.48
C ASN A 113 5.29 0.61 -9.77
N ALA A 114 5.46 -0.70 -9.74
CA ALA A 114 5.11 -1.52 -10.89
C ALA A 114 3.59 -1.54 -11.06
N ALA A 115 2.91 -1.13 -10.00
CA ALA A 115 1.46 -1.09 -10.03
C ALA A 115 0.99 0.31 -10.47
N ILE A 116 1.63 1.31 -9.90
CA ILE A 116 1.29 2.69 -10.23
C ILE A 116 1.40 2.89 -11.74
N ALA A 117 2.60 2.65 -12.25
CA ALA A 117 2.85 2.81 -13.67
C ALA A 117 1.77 2.06 -14.46
N SER A 118 1.74 0.76 -14.27
CA SER A 118 0.77 -0.08 -14.95
C SER A 118 -0.61 0.57 -14.90
N GLY A 119 -1.06 0.85 -13.69
CA GLY A 119 -2.35 1.47 -13.48
C GLY A 119 -3.46 0.42 -13.43
N PRO A 120 -4.58 0.79 -12.73
CA PRO A 120 -5.71 -0.11 -12.59
C PRO A 120 -6.51 -0.17 -13.90
N SER A 121 -5.92 -0.83 -14.89
CA SER A 121 -6.56 -0.97 -16.19
C SER A 121 -7.48 -2.19 -16.18
N SER A 122 -8.47 -2.15 -17.06
CA SER A 122 -9.42 -3.25 -17.16
C SER A 122 -9.63 -3.61 -18.64
N GLY A 123 -10.12 -2.65 -19.40
CA GLY A 123 -10.37 -2.86 -20.81
C GLY A 123 -9.08 -3.18 -21.55
N GLY A 1 -5.41 -21.31 -9.92
CA GLY A 1 -6.29 -20.81 -10.95
C GLY A 1 -5.56 -19.81 -11.84
N SER A 2 -6.20 -18.66 -12.04
CA SER A 2 -5.64 -17.62 -12.87
C SER A 2 -6.21 -16.26 -12.47
N SER A 3 -5.34 -15.39 -11.98
CA SER A 3 -5.74 -14.06 -11.56
C SER A 3 -4.57 -13.09 -11.68
N GLY A 4 -4.73 -12.12 -12.58
CA GLY A 4 -3.69 -11.13 -12.80
C GLY A 4 -2.38 -11.80 -13.22
N SER A 5 -2.04 -11.62 -14.49
CA SER A 5 -0.82 -12.18 -15.03
C SER A 5 0.22 -11.08 -15.26
N SER A 6 -0.16 -10.13 -16.11
CA SER A 6 0.72 -9.02 -16.42
C SER A 6 0.69 -8.00 -15.28
N GLY A 7 1.85 -7.81 -14.66
CA GLY A 7 1.96 -6.86 -13.57
C GLY A 7 2.73 -7.48 -12.39
N GLU A 8 3.23 -6.60 -11.53
CA GLU A 8 3.97 -7.04 -10.37
C GLU A 8 3.12 -6.90 -9.11
N GLN A 9 2.68 -8.04 -8.60
CA GLN A 9 1.86 -8.05 -7.40
C GLN A 9 2.72 -8.30 -6.16
N MET A 10 2.28 -7.72 -5.05
CA MET A 10 3.01 -7.87 -3.80
C MET A 10 2.05 -7.87 -2.61
N GLU A 11 2.27 -8.82 -1.71
CA GLU A 11 1.44 -8.93 -0.52
C GLU A 11 2.27 -9.41 0.66
N GLY A 12 2.12 -8.70 1.78
CA GLY A 12 2.85 -9.05 2.98
C GLY A 12 2.35 -8.22 4.17
N MET A 13 2.53 -8.79 5.36
CA MET A 13 2.11 -8.11 6.58
C MET A 13 2.86 -6.79 6.76
N LEU A 14 2.13 -5.69 6.63
CA LEU A 14 2.72 -4.38 6.79
C LEU A 14 1.91 -3.57 7.80
N CYS A 15 2.57 -2.60 8.42
CA CYS A 15 1.92 -1.76 9.39
C CYS A 15 1.38 -0.52 8.68
N ARG A 16 0.10 -0.59 8.33
CA ARG A 16 -0.54 0.52 7.63
C ARG A 16 -1.15 1.49 8.65
N LYS A 17 -0.69 2.74 8.55
CA LYS A 17 -1.17 3.77 9.45
C LYS A 17 -1.74 4.93 8.63
N GLN A 18 -3.07 5.05 8.66
CA GLN A 18 -3.74 6.10 7.92
C GLN A 18 -3.44 7.46 8.55
N GLU A 19 -2.81 8.32 7.77
CA GLU A 19 -2.46 9.66 8.24
C GLU A 19 -3.44 10.69 7.68
N MET A 20 -3.55 10.70 6.36
CA MET A 20 -4.45 11.63 5.69
C MET A 20 -5.48 10.88 4.84
N GLU A 21 -6.61 11.54 4.62
CA GLU A 21 -7.68 10.96 3.83
C GLU A 21 -7.87 11.74 2.53
N ALA A 22 -7.23 12.90 2.48
CA ALA A 22 -7.32 13.76 1.31
C ALA A 22 -6.55 15.05 1.56
N PHE A 23 -6.38 15.82 0.50
CA PHE A 23 -5.66 17.07 0.59
C PHE A 23 -6.19 17.92 1.75
N GLY A 24 -5.37 18.05 2.77
CA GLY A 24 -5.73 18.82 3.94
C GLY A 24 -6.75 18.07 4.80
N LYS A 25 -7.12 16.89 4.34
CA LYS A 25 -8.06 16.06 5.05
C LYS A 25 -7.32 15.16 6.03
N LYS A 26 -7.65 15.33 7.31
CA LYS A 26 -7.02 14.55 8.36
C LYS A 26 -7.82 13.27 8.57
N ALA A 27 -7.10 12.17 8.80
CA ALA A 27 -7.72 10.88 9.02
C ALA A 27 -8.29 10.83 10.44
N ALA A 28 -9.55 10.48 10.53
CA ALA A 28 -10.22 10.39 11.81
C ALA A 28 -9.27 9.77 12.84
N ASN A 29 -8.90 8.53 12.58
CA ASN A 29 -7.99 7.82 13.46
C ASN A 29 -6.68 7.53 12.73
N ARG A 30 -5.60 8.07 13.27
CA ARG A 30 -4.29 7.88 12.68
C ARG A 30 -3.40 7.05 13.61
N SER A 31 -3.79 5.79 13.79
CA SER A 31 -3.03 4.90 14.65
C SER A 31 -2.32 3.84 13.81
N TRP A 32 -1.39 3.16 14.44
CA TRP A 32 -0.62 2.12 13.76
C TRP A 32 -1.34 0.78 13.97
N GLN A 33 -1.55 0.08 12.86
CA GLN A 33 -2.22 -1.20 12.91
C GLN A 33 -1.67 -2.13 11.84
N ASN A 34 -1.21 -3.29 12.28
CA ASN A 34 -0.65 -4.28 11.36
C ASN A 34 -1.74 -4.72 10.38
N VAL A 35 -1.63 -4.21 9.16
CA VAL A 35 -2.59 -4.53 8.12
C VAL A 35 -1.86 -5.21 6.96
N TYR A 36 -2.36 -6.38 6.59
CA TYR A 36 -1.78 -7.13 5.49
C TYR A 36 -2.02 -6.44 4.14
N CYS A 37 -0.96 -5.88 3.61
CA CYS A 37 -1.04 -5.19 2.33
C CYS A 37 -1.09 -6.24 1.21
N VAL A 38 -2.05 -6.08 0.33
CA VAL A 38 -2.22 -7.00 -0.78
C VAL A 38 -2.29 -6.21 -2.09
N LEU A 39 -1.19 -6.26 -2.84
CA LEU A 39 -1.13 -5.56 -4.11
C LEU A 39 -1.34 -6.55 -5.25
N ARG A 40 -2.04 -6.08 -6.27
CA ARG A 40 -2.33 -6.92 -7.42
C ARG A 40 -2.07 -6.13 -8.72
N ARG A 41 -2.84 -6.47 -9.74
CA ARG A 41 -2.71 -5.82 -11.03
C ARG A 41 -3.07 -4.34 -10.91
N GLY A 42 -2.19 -3.60 -10.28
CA GLY A 42 -2.40 -2.17 -10.09
C GLY A 42 -3.48 -1.91 -9.04
N SER A 43 -3.27 -2.46 -7.87
CA SER A 43 -4.20 -2.29 -6.77
C SER A 43 -3.52 -2.60 -5.44
N LEU A 44 -4.19 -2.21 -4.36
CA LEU A 44 -3.67 -2.42 -3.03
C LEU A 44 -4.82 -2.60 -2.04
N GLY A 45 -5.09 -3.85 -1.70
CA GLY A 45 -6.16 -4.16 -0.77
C GLY A 45 -5.61 -4.49 0.61
N PHE A 46 -6.37 -4.11 1.62
CA PHE A 46 -5.97 -4.36 3.00
C PHE A 46 -6.77 -5.52 3.60
N TYR A 47 -6.09 -6.28 4.45
CA TYR A 47 -6.72 -7.43 5.09
C TYR A 47 -6.20 -7.60 6.52
N LYS A 48 -7.10 -8.05 7.39
CA LYS A 48 -6.75 -8.27 8.78
C LYS A 48 -5.31 -8.82 8.85
N ASP A 49 -5.13 -9.99 8.29
CA ASP A 49 -3.83 -10.64 8.29
C ASP A 49 -3.75 -11.63 7.13
N ALA A 50 -2.64 -12.34 7.08
CA ALA A 50 -2.42 -13.32 6.03
C ALA A 50 -3.48 -14.43 6.15
N LYS A 51 -4.14 -14.43 7.28
CA LYS A 51 -5.18 -15.42 7.54
C LYS A 51 -6.49 -14.97 6.89
N ALA A 52 -6.60 -13.66 6.73
CA ALA A 52 -7.80 -13.08 6.13
C ALA A 52 -7.60 -12.98 4.62
N ALA A 53 -6.36 -12.79 4.23
CA ALA A 53 -6.02 -12.67 2.81
C ALA A 53 -6.31 -14.00 2.11
N SER A 54 -5.86 -15.08 2.75
CA SER A 54 -6.07 -16.40 2.20
C SER A 54 -7.57 -16.72 2.16
N ALA A 55 -8.29 -16.14 3.11
CA ALA A 55 -9.73 -16.36 3.19
C ALA A 55 -10.45 -15.27 2.40
N GLY A 56 -9.66 -14.46 1.70
CA GLY A 56 -10.21 -13.39 0.91
C GLY A 56 -11.18 -12.53 1.73
N VAL A 57 -10.79 -12.30 2.98
CA VAL A 57 -11.61 -11.51 3.88
C VAL A 57 -10.95 -10.14 4.08
N PRO A 58 -11.68 -9.08 3.64
CA PRO A 58 -11.17 -7.72 3.77
C PRO A 58 -11.29 -7.24 5.22
N TYR A 59 -10.26 -6.51 5.65
CA TYR A 59 -10.24 -5.99 7.00
C TYR A 59 -11.35 -4.96 7.21
N HIS A 60 -12.30 -5.31 8.07
CA HIS A 60 -13.41 -4.42 8.36
C HIS A 60 -14.15 -4.10 7.07
N GLY A 61 -13.89 -4.90 6.05
CA GLY A 61 -14.54 -4.71 4.76
C GLY A 61 -13.97 -3.48 4.05
N GLU A 62 -12.66 -3.34 4.13
CA GLU A 62 -11.98 -2.21 3.51
C GLU A 62 -11.62 -2.55 2.05
N VAL A 63 -12.16 -1.75 1.14
CA VAL A 63 -11.91 -1.94 -0.27
C VAL A 63 -10.46 -1.56 -0.58
N PRO A 64 -10.00 -2.00 -1.79
CA PRO A 64 -8.64 -1.72 -2.22
C PRO A 64 -8.50 -0.26 -2.66
N VAL A 65 -7.26 0.19 -2.69
CA VAL A 65 -6.97 1.56 -3.09
C VAL A 65 -6.29 1.55 -4.46
N SER A 66 -6.90 2.27 -5.40
CA SER A 66 -6.37 2.35 -6.75
C SER A 66 -5.08 3.18 -6.74
N LEU A 67 -4.02 2.57 -7.27
CA LEU A 67 -2.73 3.24 -7.34
C LEU A 67 -2.66 4.08 -8.62
N ALA A 68 -3.72 4.84 -8.83
CA ALA A 68 -3.79 5.69 -10.02
C ALA A 68 -3.10 7.01 -9.72
N ARG A 69 -1.92 7.17 -10.31
CA ARG A 69 -1.13 8.38 -10.12
C ARG A 69 -0.59 8.44 -8.69
N ALA A 70 -0.62 7.29 -8.03
CA ALA A 70 -0.13 7.20 -6.66
C ALA A 70 1.39 7.08 -6.68
N GLN A 71 2.00 7.58 -5.61
CA GLN A 71 3.45 7.53 -5.49
C GLN A 71 3.85 7.01 -4.10
N GLY A 72 4.99 6.35 -4.07
CA GLY A 72 5.50 5.81 -2.82
C GLY A 72 6.99 6.13 -2.64
N SER A 73 7.31 6.64 -1.45
CA SER A 73 8.69 6.99 -1.14
C SER A 73 9.03 6.54 0.28
N VAL A 74 10.32 6.30 0.49
CA VAL A 74 10.79 5.86 1.79
C VAL A 74 10.50 6.95 2.83
N ALA A 75 10.21 6.50 4.04
CA ALA A 75 9.90 7.41 5.12
C ALA A 75 11.19 7.73 5.89
N PHE A 76 12.17 8.25 5.16
CA PHE A 76 13.45 8.59 5.75
C PHE A 76 13.25 9.30 7.10
N ASP A 77 12.32 10.25 7.09
CA ASP A 77 12.04 11.01 8.30
C ASP A 77 11.89 10.05 9.48
N TYR A 78 10.90 9.18 9.38
CA TYR A 78 10.65 8.21 10.43
C TYR A 78 11.96 7.55 10.89
N ARG A 79 11.90 6.96 12.08
CA ARG A 79 13.06 6.30 12.64
C ARG A 79 12.62 5.13 13.53
N LYS A 80 11.64 5.40 14.36
CA LYS A 80 11.12 4.39 15.27
C LYS A 80 11.05 3.04 14.54
N ARG A 81 10.22 3.01 13.51
CA ARG A 81 10.05 1.81 12.72
C ARG A 81 11.02 1.81 11.54
N LYS A 82 11.81 0.74 11.45
CA LYS A 82 12.78 0.61 10.37
C LYS A 82 12.06 0.12 9.11
N HIS A 83 12.66 0.44 7.97
CA HIS A 83 12.10 0.04 6.70
C HIS A 83 10.64 0.49 6.61
N VAL A 84 10.47 1.81 6.54
CA VAL A 84 9.14 2.39 6.46
C VAL A 84 9.08 3.36 5.28
N PHE A 85 8.04 3.19 4.47
CA PHE A 85 7.86 4.04 3.31
C PHE A 85 6.46 4.66 3.30
N LYS A 86 6.40 5.90 2.81
CA LYS A 86 5.14 6.61 2.74
C LYS A 86 4.52 6.42 1.35
N LEU A 87 3.23 6.12 1.35
CA LEU A 87 2.51 5.90 0.10
C LEU A 87 1.43 6.97 -0.04
N GLY A 88 1.70 7.92 -0.93
CA GLY A 88 0.75 9.01 -1.17
C GLY A 88 -0.09 8.73 -2.41
N LEU A 89 -1.39 8.57 -2.19
CA LEU A 89 -2.31 8.29 -3.28
C LEU A 89 -2.56 9.59 -4.06
N GLN A 90 -3.47 9.49 -5.02
CA GLN A 90 -3.81 10.64 -5.85
C GLN A 90 -4.93 11.45 -5.20
N ASP A 91 -5.68 10.78 -4.34
CA ASP A 91 -6.79 11.42 -3.64
C ASP A 91 -6.28 11.97 -2.30
N GLY A 92 -5.04 12.44 -2.32
CA GLY A 92 -4.45 12.99 -1.12
C GLY A 92 -4.50 11.99 0.04
N LYS A 93 -4.28 10.73 -0.30
CA LYS A 93 -4.31 9.67 0.69
C LYS A 93 -2.87 9.21 0.97
N GLU A 94 -2.37 9.61 2.12
CA GLU A 94 -1.02 9.26 2.52
C GLU A 94 -1.06 8.17 3.60
N TYR A 95 -0.36 7.08 3.32
CA TYR A 95 -0.31 5.97 4.26
C TYR A 95 1.14 5.69 4.68
N LEU A 96 1.26 4.93 5.76
CA LEU A 96 2.57 4.58 6.29
C LEU A 96 2.65 3.06 6.49
N PHE A 97 3.55 2.45 5.74
CA PHE A 97 3.73 1.01 5.82
C PHE A 97 5.14 0.66 6.31
N GLN A 98 5.20 -0.32 7.19
CA GLN A 98 6.47 -0.76 7.74
C GLN A 98 6.79 -2.18 7.29
N ALA A 99 7.74 -2.29 6.38
CA ALA A 99 8.14 -3.59 5.86
C ALA A 99 8.89 -4.36 6.94
N LYS A 100 9.25 -5.59 6.61
CA LYS A 100 9.96 -6.44 7.55
C LYS A 100 11.44 -6.05 7.56
N ASP A 101 11.92 -5.65 6.38
CA ASP A 101 13.31 -5.26 6.23
C ASP A 101 13.45 -4.35 5.00
N GLU A 102 14.69 -4.00 4.72
CA GLU A 102 14.97 -3.14 3.57
C GLU A 102 14.49 -3.79 2.28
N ALA A 103 14.65 -5.11 2.23
CA ALA A 103 14.23 -5.87 1.06
C ALA A 103 12.72 -5.71 0.86
N GLU A 104 11.98 -6.34 1.75
CA GLU A 104 10.52 -6.29 1.68
C GLU A 104 10.07 -4.88 1.27
N MET A 105 10.68 -3.89 1.90
CA MET A 105 10.35 -2.51 1.61
C MET A 105 10.72 -2.14 0.17
N SER A 106 12.01 -2.13 -0.10
CA SER A 106 12.50 -1.81 -1.42
C SER A 106 11.60 -2.45 -2.49
N SER A 107 11.33 -3.72 -2.28
CA SER A 107 10.49 -4.47 -3.20
C SER A 107 9.14 -3.76 -3.36
N TRP A 108 8.48 -3.55 -2.23
CA TRP A 108 7.19 -2.88 -2.24
C TRP A 108 7.26 -1.70 -3.20
N LEU A 109 8.04 -0.70 -2.80
CA LEU A 109 8.21 0.48 -3.61
C LEU A 109 8.30 0.09 -5.08
N ARG A 110 9.20 -0.85 -5.35
CA ARG A 110 9.39 -1.33 -6.71
C ARG A 110 8.08 -1.87 -7.28
N VAL A 111 7.38 -2.61 -6.45
CA VAL A 111 6.10 -3.19 -6.85
C VAL A 111 5.07 -2.08 -6.99
N VAL A 112 4.83 -1.38 -5.88
CA VAL A 112 3.87 -0.30 -5.87
C VAL A 112 4.07 0.57 -7.11
N ASN A 113 5.33 0.77 -7.46
CA ASN A 113 5.68 1.57 -8.62
C ASN A 113 5.29 0.82 -9.89
N ALA A 114 5.51 -0.48 -9.85
CA ALA A 114 5.20 -1.33 -10.99
C ALA A 114 3.69 -1.47 -11.12
N ALA A 115 3.00 -1.22 -10.01
CA ALA A 115 1.56 -1.31 -9.97
C ALA A 115 0.96 0.01 -10.45
N ILE A 116 1.53 1.09 -9.97
CA ILE A 116 1.07 2.42 -10.33
C ILE A 116 1.13 2.58 -11.85
N ALA A 117 2.35 2.45 -12.37
CA ALA A 117 2.55 2.58 -13.80
C ALA A 117 1.49 1.77 -14.55
N SER A 118 1.45 0.48 -14.24
CA SER A 118 0.49 -0.40 -14.87
C SER A 118 -0.90 0.23 -14.86
N GLY A 119 -1.33 0.63 -13.67
CA GLY A 119 -2.63 1.26 -13.52
C GLY A 119 -3.65 0.26 -12.97
N PRO A 120 -4.74 0.83 -12.37
CA PRO A 120 -5.79 0.00 -11.80
C PRO A 120 -6.67 -0.59 -12.90
N SER A 121 -6.24 -1.75 -13.40
CA SER A 121 -6.98 -2.43 -14.44
C SER A 121 -7.31 -1.46 -15.58
N SER A 122 -6.39 -1.40 -16.55
CA SER A 122 -6.57 -0.51 -17.68
C SER A 122 -6.52 -1.32 -18.98
N GLY A 123 -7.70 -1.64 -19.49
CA GLY A 123 -7.80 -2.41 -20.72
C GLY A 123 -8.43 -3.77 -20.47
N GLY A 1 5.25 3.33 -19.75
CA GLY A 1 5.34 2.89 -21.13
C GLY A 1 4.95 1.42 -21.26
N SER A 2 3.80 1.20 -21.88
CA SER A 2 3.31 -0.16 -22.07
C SER A 2 3.08 -0.83 -20.72
N SER A 3 2.45 -2.00 -20.77
CA SER A 3 2.17 -2.74 -19.56
C SER A 3 2.45 -4.24 -19.78
N GLY A 4 1.77 -4.78 -20.78
CA GLY A 4 1.93 -6.19 -21.12
C GLY A 4 1.13 -7.08 -20.15
N SER A 5 1.19 -8.37 -20.41
CA SER A 5 0.48 -9.34 -19.58
C SER A 5 1.19 -9.48 -18.22
N SER A 6 0.48 -10.09 -17.30
CA SER A 6 1.01 -10.30 -15.96
C SER A 6 1.48 -8.95 -15.36
N GLY A 7 1.80 -8.99 -14.08
CA GLY A 7 2.25 -7.79 -13.39
C GLY A 7 3.06 -8.15 -12.15
N GLU A 8 3.44 -7.12 -11.41
CA GLU A 8 4.23 -7.31 -10.20
C GLU A 8 3.33 -7.24 -8.97
N GLN A 9 3.01 -8.41 -8.44
CA GLN A 9 2.16 -8.48 -7.26
C GLN A 9 3.02 -8.62 -6.00
N MET A 10 2.49 -8.09 -4.89
CA MET A 10 3.20 -8.15 -3.63
C MET A 10 2.21 -8.11 -2.46
N GLU A 11 2.41 -9.03 -1.52
CA GLU A 11 1.56 -9.10 -0.35
C GLU A 11 2.34 -9.60 0.85
N GLY A 12 2.22 -8.88 1.95
CA GLY A 12 2.92 -9.24 3.18
C GLY A 12 2.46 -8.35 4.34
N MET A 13 2.72 -8.84 5.55
CA MET A 13 2.35 -8.11 6.74
C MET A 13 3.05 -6.76 6.81
N LEU A 14 2.24 -5.71 6.90
CA LEU A 14 2.78 -4.36 6.96
C LEU A 14 1.92 -3.52 7.91
N CYS A 15 2.54 -2.50 8.47
CA CYS A 15 1.86 -1.62 9.41
C CYS A 15 1.32 -0.42 8.63
N ARG A 16 0.06 -0.52 8.24
CA ARG A 16 -0.59 0.55 7.50
C ARG A 16 -1.23 1.55 8.45
N LYS A 17 -0.77 2.79 8.36
CA LYS A 17 -1.30 3.84 9.21
C LYS A 17 -1.78 5.00 8.33
N GLN A 18 -3.11 5.14 8.28
CA GLN A 18 -3.71 6.20 7.49
C GLN A 18 -3.41 7.57 8.10
N GLU A 19 -2.58 8.32 7.39
CA GLU A 19 -2.20 9.64 7.85
C GLU A 19 -3.25 10.67 7.43
N MET A 20 -3.45 10.77 6.14
CA MET A 20 -4.42 11.72 5.59
C MET A 20 -5.46 11.00 4.74
N GLU A 21 -6.66 11.56 4.71
CA GLU A 21 -7.75 10.98 3.94
C GLU A 21 -7.96 11.78 2.65
N ALA A 22 -7.31 12.94 2.60
CA ALA A 22 -7.43 13.80 1.44
C ALA A 22 -6.73 15.13 1.72
N PHE A 23 -6.49 15.88 0.65
CA PHE A 23 -5.83 17.17 0.78
C PHE A 23 -6.43 17.98 1.92
N GLY A 24 -5.66 18.12 2.98
CA GLY A 24 -6.11 18.87 4.15
C GLY A 24 -6.87 17.98 5.12
N LYS A 25 -7.59 17.01 4.55
CA LYS A 25 -8.36 16.08 5.36
C LYS A 25 -7.41 15.09 6.04
N LYS A 26 -7.56 14.97 7.35
CA LYS A 26 -6.72 14.06 8.11
C LYS A 26 -7.58 12.88 8.59
N ALA A 27 -6.99 11.69 8.50
CA ALA A 27 -7.68 10.49 8.93
C ALA A 27 -8.14 10.66 10.38
N ALA A 28 -9.45 10.57 10.57
CA ALA A 28 -10.03 10.70 11.89
C ALA A 28 -9.15 9.97 12.90
N ASN A 29 -8.91 8.70 12.62
CA ASN A 29 -8.09 7.89 13.51
C ASN A 29 -6.72 7.66 12.85
N ARG A 30 -5.70 8.12 13.53
CA ARG A 30 -4.33 7.98 13.03
C ARG A 30 -3.51 7.09 13.97
N SER A 31 -3.82 5.80 13.93
CA SER A 31 -3.13 4.84 14.77
C SER A 31 -2.45 3.78 13.90
N TRP A 32 -1.46 3.13 14.48
CA TRP A 32 -0.71 2.10 13.77
C TRP A 32 -1.44 0.77 13.98
N GLN A 33 -1.64 0.07 12.87
CA GLN A 33 -2.32 -1.23 12.92
C GLN A 33 -1.73 -2.17 11.87
N ASN A 34 -1.39 -3.36 12.32
CA ASN A 34 -0.82 -4.36 11.42
C ASN A 34 -1.88 -4.78 10.40
N VAL A 35 -1.72 -4.28 9.19
CA VAL A 35 -2.65 -4.60 8.12
C VAL A 35 -1.91 -5.29 6.98
N TYR A 36 -2.39 -6.46 6.62
CA TYR A 36 -1.77 -7.23 5.55
C TYR A 36 -1.99 -6.55 4.19
N CYS A 37 -0.91 -5.99 3.67
CA CYS A 37 -0.97 -5.31 2.38
C CYS A 37 -1.04 -6.37 1.28
N VAL A 38 -2.01 -6.20 0.40
CA VAL A 38 -2.18 -7.13 -0.70
C VAL A 38 -2.28 -6.35 -2.01
N LEU A 39 -1.21 -6.41 -2.78
CA LEU A 39 -1.16 -5.71 -4.05
C LEU A 39 -1.54 -6.68 -5.18
N ARG A 40 -2.37 -6.20 -6.08
CA ARG A 40 -2.81 -7.01 -7.20
C ARG A 40 -3.53 -6.15 -8.24
N ARG A 41 -3.41 -6.55 -9.49
CA ARG A 41 -4.04 -5.82 -10.58
C ARG A 41 -3.87 -4.31 -10.38
N GLY A 42 -2.76 -3.95 -9.74
CA GLY A 42 -2.48 -2.55 -9.47
C GLY A 42 -3.44 -1.98 -8.44
N SER A 43 -3.57 -2.68 -7.33
CA SER A 43 -4.44 -2.25 -6.26
C SER A 43 -3.95 -2.79 -4.92
N LEU A 44 -3.76 -1.88 -3.99
CA LEU A 44 -3.29 -2.24 -2.66
C LEU A 44 -4.49 -2.52 -1.76
N GLY A 45 -4.67 -3.79 -1.44
CA GLY A 45 -5.78 -4.21 -0.58
C GLY A 45 -5.30 -4.42 0.85
N PHE A 46 -6.20 -4.13 1.79
CA PHE A 46 -5.90 -4.29 3.20
C PHE A 46 -6.71 -5.43 3.81
N TYR A 47 -6.04 -6.21 4.65
CA TYR A 47 -6.68 -7.33 5.31
C TYR A 47 -6.08 -7.56 6.70
N LYS A 48 -6.81 -8.33 7.50
CA LYS A 48 -6.38 -8.63 8.85
C LYS A 48 -4.98 -9.26 8.81
N ASP A 49 -4.90 -10.40 8.13
CA ASP A 49 -3.64 -11.10 8.01
C ASP A 49 -3.66 -11.96 6.75
N ALA A 50 -2.58 -12.69 6.54
CA ALA A 50 -2.47 -13.55 5.37
C ALA A 50 -3.55 -14.63 5.44
N LYS A 51 -4.08 -14.83 6.64
CA LYS A 51 -5.13 -15.81 6.84
C LYS A 51 -6.49 -15.20 6.48
N ALA A 52 -6.51 -13.88 6.44
CA ALA A 52 -7.72 -13.16 6.12
C ALA A 52 -7.75 -12.86 4.61
N ALA A 53 -6.56 -12.59 4.08
CA ALA A 53 -6.44 -12.29 2.66
C ALA A 53 -6.81 -13.52 1.84
N SER A 54 -6.38 -14.67 2.33
CA SER A 54 -6.66 -15.93 1.65
C SER A 54 -8.16 -16.24 1.73
N ALA A 55 -8.74 -15.90 2.88
CA ALA A 55 -10.16 -16.14 3.09
C ALA A 55 -10.96 -15.00 2.47
N GLY A 56 -10.24 -14.07 1.85
CA GLY A 56 -10.87 -12.93 1.21
C GLY A 56 -11.70 -12.13 2.22
N VAL A 57 -11.17 -12.04 3.43
CA VAL A 57 -11.85 -11.31 4.49
C VAL A 57 -11.19 -9.94 4.65
N PRO A 58 -11.99 -8.88 4.38
CA PRO A 58 -11.50 -7.52 4.49
C PRO A 58 -11.39 -7.09 5.95
N TYR A 59 -10.25 -6.50 6.28
CA TYR A 59 -10.01 -6.06 7.64
C TYR A 59 -11.22 -5.32 8.20
N HIS A 60 -11.54 -4.19 7.58
CA HIS A 60 -12.67 -3.39 8.00
C HIS A 60 -13.62 -3.18 6.81
N GLY A 61 -13.91 -4.26 6.12
CA GLY A 61 -14.79 -4.20 4.97
C GLY A 61 -14.37 -3.10 4.00
N GLU A 62 -13.09 -2.74 4.08
CA GLU A 62 -12.55 -1.71 3.23
C GLU A 62 -12.15 -2.29 1.87
N VAL A 63 -12.07 -1.41 0.88
CA VAL A 63 -11.71 -1.83 -0.46
C VAL A 63 -10.25 -1.44 -0.73
N PRO A 64 -9.71 -1.99 -1.86
CA PRO A 64 -8.34 -1.71 -2.23
C PRO A 64 -8.20 -0.30 -2.80
N VAL A 65 -7.11 0.34 -2.44
CA VAL A 65 -6.83 1.70 -2.90
C VAL A 65 -6.12 1.64 -4.25
N SER A 66 -6.71 2.32 -5.22
CA SER A 66 -6.14 2.35 -6.56
C SER A 66 -4.84 3.15 -6.56
N LEU A 67 -3.80 2.52 -7.09
CA LEU A 67 -2.49 3.15 -7.15
C LEU A 67 -2.34 3.88 -8.49
N ALA A 68 -3.45 4.48 -8.93
CA ALA A 68 -3.46 5.21 -10.18
C ALA A 68 -3.01 6.65 -9.92
N ARG A 69 -1.91 7.02 -10.57
CA ARG A 69 -1.36 8.35 -10.42
C ARG A 69 -0.92 8.60 -8.98
N ALA A 70 -0.57 7.50 -8.30
CA ALA A 70 -0.14 7.57 -6.93
C ALA A 70 1.39 7.65 -6.88
N GLN A 71 1.91 7.94 -5.70
CA GLN A 71 3.34 8.06 -5.51
C GLN A 71 3.78 7.26 -4.28
N GLY A 72 4.92 6.59 -4.43
CA GLY A 72 5.46 5.79 -3.35
C GLY A 72 6.94 6.12 -3.10
N SER A 73 7.20 6.62 -1.90
CA SER A 73 8.56 6.98 -1.53
C SER A 73 8.88 6.45 -0.12
N VAL A 74 10.17 6.38 0.17
CA VAL A 74 10.61 5.90 1.47
C VAL A 74 10.28 6.94 2.53
N ALA A 75 10.23 6.48 3.77
CA ALA A 75 9.93 7.36 4.88
C ALA A 75 11.19 7.58 5.71
N PHE A 76 12.11 8.35 5.13
CA PHE A 76 13.36 8.65 5.80
C PHE A 76 13.12 9.35 7.14
N ASP A 77 12.21 10.30 7.12
CA ASP A 77 11.88 11.05 8.32
C ASP A 77 11.82 10.09 9.51
N TYR A 78 10.89 9.15 9.43
CA TYR A 78 10.72 8.17 10.49
C TYR A 78 12.08 7.74 11.06
N ARG A 79 12.24 7.97 12.36
CA ARG A 79 13.48 7.61 13.02
C ARG A 79 13.30 6.31 13.81
N LYS A 80 12.20 6.25 14.55
CA LYS A 80 11.89 5.08 15.35
C LYS A 80 11.91 3.84 14.46
N ARG A 81 10.78 3.60 13.81
CA ARG A 81 10.64 2.45 12.93
C ARG A 81 11.56 2.61 11.72
N LYS A 82 12.07 1.48 11.26
CA LYS A 82 12.98 1.47 10.12
C LYS A 82 12.27 0.81 8.92
N HIS A 83 12.93 0.87 7.78
CA HIS A 83 12.39 0.28 6.56
C HIS A 83 10.90 0.63 6.45
N VAL A 84 10.63 1.93 6.32
CA VAL A 84 9.26 2.40 6.20
C VAL A 84 9.18 3.38 5.03
N PHE A 85 8.10 3.24 4.27
CA PHE A 85 7.87 4.11 3.11
C PHE A 85 6.49 4.75 3.17
N LYS A 86 6.41 5.94 2.61
CA LYS A 86 5.14 6.68 2.59
C LYS A 86 4.49 6.49 1.22
N LEU A 87 3.18 6.29 1.25
CA LEU A 87 2.41 6.11 0.03
C LEU A 87 1.33 7.18 -0.06
N GLY A 88 1.53 8.13 -0.95
CA GLY A 88 0.58 9.21 -1.13
C GLY A 88 -0.18 9.04 -2.44
N LEU A 89 -1.48 8.83 -2.31
CA LEU A 89 -2.34 8.64 -3.47
C LEU A 89 -2.60 10.00 -4.12
N GLN A 90 -3.31 9.96 -5.24
CA GLN A 90 -3.63 11.18 -5.96
C GLN A 90 -4.84 11.87 -5.33
N ASP A 91 -5.55 11.12 -4.50
CA ASP A 91 -6.72 11.64 -3.82
C ASP A 91 -6.29 12.31 -2.52
N GLY A 92 -4.98 12.50 -2.39
CA GLY A 92 -4.43 13.14 -1.20
C GLY A 92 -4.46 12.18 -0.01
N LYS A 93 -4.42 10.89 -0.31
CA LYS A 93 -4.43 9.87 0.71
C LYS A 93 -3.00 9.39 0.98
N GLU A 94 -2.54 9.68 2.19
CA GLU A 94 -1.19 9.29 2.58
C GLU A 94 -1.25 8.14 3.58
N TYR A 95 -0.39 7.14 3.33
CA TYR A 95 -0.33 5.98 4.20
C TYR A 95 1.12 5.63 4.56
N LEU A 96 1.27 5.00 5.70
CA LEU A 96 2.59 4.61 6.17
C LEU A 96 2.63 3.09 6.35
N PHE A 97 3.57 2.47 5.66
CA PHE A 97 3.73 1.02 5.73
C PHE A 97 5.14 0.65 6.20
N GLN A 98 5.17 -0.20 7.22
CA GLN A 98 6.45 -0.64 7.78
C GLN A 98 6.77 -2.05 7.29
N ALA A 99 7.80 -2.14 6.46
CA ALA A 99 8.22 -3.42 5.93
C ALA A 99 8.97 -4.21 7.01
N LYS A 100 9.35 -5.42 6.65
CA LYS A 100 10.06 -6.29 7.58
C LYS A 100 11.55 -5.92 7.57
N ASP A 101 11.98 -5.35 6.46
CA ASP A 101 13.37 -4.94 6.31
C ASP A 101 13.52 -4.10 5.05
N GLU A 102 14.76 -3.74 4.76
CA GLU A 102 15.06 -2.95 3.58
C GLU A 102 14.52 -3.63 2.33
N ALA A 103 14.80 -4.93 2.23
CA ALA A 103 14.35 -5.71 1.10
C ALA A 103 12.83 -5.56 0.95
N GLU A 104 12.12 -6.19 1.88
CA GLU A 104 10.66 -6.14 1.87
C GLU A 104 10.19 -4.75 1.45
N MET A 105 10.80 -3.74 2.05
CA MET A 105 10.45 -2.37 1.75
C MET A 105 10.76 -2.02 0.29
N SER A 106 12.05 -1.98 -0.01
CA SER A 106 12.49 -1.67 -1.36
C SER A 106 11.62 -2.41 -2.38
N SER A 107 11.41 -3.69 -2.11
CA SER A 107 10.60 -4.52 -2.98
C SER A 107 9.23 -3.88 -3.19
N TRP A 108 8.55 -3.61 -2.08
CA TRP A 108 7.24 -3.00 -2.12
C TRP A 108 7.29 -1.86 -3.13
N LEU A 109 8.08 -0.85 -2.80
CA LEU A 109 8.21 0.31 -3.67
C LEU A 109 8.34 -0.16 -5.12
N ARG A 110 9.26 -1.08 -5.34
CA ARG A 110 9.48 -1.62 -6.68
C ARG A 110 8.18 -2.19 -7.24
N VAL A 111 7.41 -2.80 -6.35
CA VAL A 111 6.14 -3.40 -6.75
C VAL A 111 5.10 -2.29 -6.92
N VAL A 112 4.86 -1.57 -5.83
CA VAL A 112 3.89 -0.49 -5.84
C VAL A 112 4.11 0.37 -7.09
N ASN A 113 5.38 0.56 -7.42
CA ASN A 113 5.74 1.35 -8.58
C ASN A 113 5.37 0.59 -9.85
N ALA A 114 5.56 -0.72 -9.79
CA ALA A 114 5.25 -1.57 -10.92
C ALA A 114 3.74 -1.63 -11.13
N ALA A 115 3.03 -1.20 -10.10
CA ALA A 115 1.57 -1.20 -10.15
C ALA A 115 1.09 0.17 -10.64
N ILE A 116 1.66 1.21 -10.04
CA ILE A 116 1.29 2.57 -10.41
C ILE A 116 1.43 2.74 -11.92
N ALA A 117 2.64 2.56 -12.40
CA ALA A 117 2.92 2.69 -13.82
C ALA A 117 1.86 1.92 -14.61
N SER A 118 1.84 0.61 -14.41
CA SER A 118 0.88 -0.24 -15.09
C SER A 118 -0.51 0.41 -15.08
N GLY A 119 -1.04 0.57 -13.88
CA GLY A 119 -2.35 1.18 -13.71
C GLY A 119 -3.42 0.12 -13.54
N PRO A 120 -4.53 0.52 -12.85
CA PRO A 120 -5.64 -0.39 -12.61
C PRO A 120 -6.46 -0.60 -13.89
N SER A 121 -6.02 -1.55 -14.69
CA SER A 121 -6.69 -1.87 -15.94
C SER A 121 -7.21 -3.31 -15.91
N SER A 122 -8.33 -3.52 -16.59
CA SER A 122 -8.93 -4.84 -16.65
C SER A 122 -8.52 -5.54 -17.95
N GLY A 123 -7.46 -6.33 -17.84
CA GLY A 123 -6.96 -7.07 -18.99
C GLY A 123 -6.43 -8.44 -18.57
N GLY A 1 -11.45 -11.60 -20.40
CA GLY A 1 -11.93 -10.86 -21.56
C GLY A 1 -10.76 -10.51 -22.49
N SER A 2 -10.40 -9.24 -22.48
CA SER A 2 -9.32 -8.76 -23.31
C SER A 2 -8.19 -8.20 -22.45
N SER A 3 -7.14 -9.00 -22.30
CA SER A 3 -6.00 -8.59 -21.50
C SER A 3 -4.93 -9.69 -21.51
N GLY A 4 -3.75 -9.33 -21.03
CA GLY A 4 -2.65 -10.27 -20.98
C GLY A 4 -2.12 -10.41 -19.56
N SER A 5 -1.55 -11.58 -19.29
CA SER A 5 -0.98 -11.86 -17.97
C SER A 5 0.42 -11.27 -17.86
N SER A 6 0.53 -10.25 -17.01
CA SER A 6 1.80 -9.59 -16.80
C SER A 6 1.63 -8.40 -15.85
N GLY A 7 2.19 -8.55 -14.66
CA GLY A 7 2.11 -7.50 -13.66
C GLY A 7 2.88 -7.89 -12.40
N GLU A 8 3.09 -6.88 -11.55
CA GLU A 8 3.82 -7.10 -10.31
C GLU A 8 2.85 -7.10 -9.11
N GLN A 9 2.95 -8.17 -8.33
CA GLN A 9 2.09 -8.31 -7.16
C GLN A 9 2.94 -8.47 -5.90
N MET A 10 2.40 -8.00 -4.79
CA MET A 10 3.09 -8.08 -3.52
C MET A 10 2.10 -8.06 -2.35
N GLU A 11 2.25 -9.04 -1.47
CA GLU A 11 1.38 -9.15 -0.31
C GLU A 11 2.17 -9.67 0.90
N GLY A 12 2.14 -8.88 1.96
CA GLY A 12 2.83 -9.25 3.18
C GLY A 12 2.40 -8.38 4.35
N MET A 13 2.66 -8.87 5.55
CA MET A 13 2.30 -8.14 6.76
C MET A 13 2.97 -6.77 6.80
N LEU A 14 2.15 -5.74 6.94
CA LEU A 14 2.66 -4.38 6.99
C LEU A 14 1.81 -3.57 7.97
N CYS A 15 2.44 -2.54 8.53
CA CYS A 15 1.75 -1.68 9.48
C CYS A 15 1.23 -0.45 8.72
N ARG A 16 -0.04 -0.52 8.35
CA ARG A 16 -0.67 0.56 7.63
C ARG A 16 -1.26 1.58 8.61
N LYS A 17 -0.63 2.75 8.67
CA LYS A 17 -1.08 3.80 9.55
C LYS A 17 -1.52 5.01 8.72
N GLN A 18 -2.82 5.11 8.55
CA GLN A 18 -3.39 6.21 7.78
C GLN A 18 -3.02 7.55 8.41
N GLU A 19 -2.72 8.51 7.54
CA GLU A 19 -2.35 9.84 8.00
C GLU A 19 -3.24 10.90 7.36
N MET A 20 -3.29 10.87 6.04
CA MET A 20 -4.11 11.81 5.30
C MET A 20 -5.15 11.09 4.44
N GLU A 21 -6.36 11.63 4.45
CA GLU A 21 -7.45 11.05 3.67
C GLU A 21 -7.65 11.83 2.38
N ALA A 22 -6.99 12.96 2.29
CA ALA A 22 -7.09 13.80 1.11
C ALA A 22 -6.25 15.07 1.32
N PHE A 23 -6.03 15.77 0.22
CA PHE A 23 -5.25 17.01 0.27
C PHE A 23 -5.72 17.90 1.41
N GLY A 24 -4.91 17.94 2.46
CA GLY A 24 -5.24 18.75 3.63
C GLY A 24 -6.20 18.01 4.57
N LYS A 25 -6.84 17.00 4.02
CA LYS A 25 -7.79 16.21 4.79
C LYS A 25 -7.03 15.36 5.80
N LYS A 26 -7.27 15.65 7.08
CA LYS A 26 -6.62 14.92 8.15
C LYS A 26 -7.39 13.62 8.44
N ALA A 27 -6.64 12.56 8.67
CA ALA A 27 -7.25 11.27 8.96
C ALA A 27 -7.84 11.30 10.37
N ALA A 28 -9.09 10.86 10.46
CA ALA A 28 -9.78 10.83 11.73
C ALA A 28 -8.88 10.15 12.77
N ASN A 29 -8.64 8.87 12.55
CA ASN A 29 -7.81 8.09 13.46
C ASN A 29 -6.50 7.72 12.76
N ARG A 30 -5.39 8.12 13.37
CA ARG A 30 -4.08 7.82 12.80
C ARG A 30 -3.29 6.92 13.75
N SER A 31 -3.81 5.73 13.95
CA SER A 31 -3.16 4.76 14.83
C SER A 31 -2.46 3.69 13.99
N TRP A 32 -1.52 3.02 14.63
CA TRP A 32 -0.76 1.96 13.97
C TRP A 32 -1.52 0.65 14.17
N GLN A 33 -1.68 -0.06 13.07
CA GLN A 33 -2.38 -1.35 13.10
C GLN A 33 -1.80 -2.30 12.06
N ASN A 34 -1.63 -3.54 12.48
CA ASN A 34 -1.08 -4.55 11.59
C ASN A 34 -2.10 -4.88 10.49
N VAL A 35 -1.84 -4.35 9.31
CA VAL A 35 -2.71 -4.57 8.18
C VAL A 35 -1.92 -5.21 7.04
N TYR A 36 -2.41 -6.35 6.59
CA TYR A 36 -1.76 -7.08 5.50
C TYR A 36 -2.02 -6.39 4.16
N CYS A 37 -0.96 -5.82 3.61
CA CYS A 37 -1.06 -5.13 2.34
C CYS A 37 -1.13 -6.19 1.22
N VAL A 38 -2.11 -6.02 0.34
CA VAL A 38 -2.29 -6.94 -0.76
C VAL A 38 -2.36 -6.16 -2.07
N LEU A 39 -1.27 -6.25 -2.82
CA LEU A 39 -1.19 -5.56 -4.10
C LEU A 39 -1.49 -6.53 -5.23
N ARG A 40 -2.26 -6.06 -6.19
CA ARG A 40 -2.64 -6.87 -7.33
C ARG A 40 -3.51 -6.08 -8.31
N ARG A 41 -3.33 -6.36 -9.59
CA ARG A 41 -4.09 -5.67 -10.62
C ARG A 41 -3.94 -4.16 -10.48
N GLY A 42 -2.89 -3.77 -9.77
CA GLY A 42 -2.62 -2.36 -9.54
C GLY A 42 -3.56 -1.78 -8.49
N SER A 43 -3.75 -2.55 -7.43
CA SER A 43 -4.62 -2.12 -6.34
C SER A 43 -4.09 -2.66 -5.01
N LEU A 44 -3.93 -1.74 -4.07
CA LEU A 44 -3.43 -2.10 -2.75
C LEU A 44 -4.62 -2.39 -1.82
N GLY A 45 -4.73 -3.65 -1.43
CA GLY A 45 -5.81 -4.07 -0.56
C GLY A 45 -5.31 -4.25 0.88
N PHE A 46 -6.24 -4.18 1.81
CA PHE A 46 -5.90 -4.34 3.22
C PHE A 46 -6.66 -5.52 3.84
N TYR A 47 -5.95 -6.27 4.66
CA TYR A 47 -6.54 -7.42 5.32
C TYR A 47 -5.89 -7.68 6.67
N LYS A 48 -6.56 -8.48 7.48
CA LYS A 48 -6.06 -8.81 8.80
C LYS A 48 -4.63 -9.35 8.69
N ASP A 49 -4.52 -10.52 8.08
CA ASP A 49 -3.22 -11.14 7.90
C ASP A 49 -3.25 -12.02 6.64
N ALA A 50 -2.13 -12.68 6.39
CA ALA A 50 -2.02 -13.55 5.22
C ALA A 50 -3.03 -14.69 5.34
N LYS A 51 -3.58 -14.83 6.55
CA LYS A 51 -4.56 -15.87 6.80
C LYS A 51 -5.93 -15.41 6.33
N ALA A 52 -6.12 -14.10 6.34
CA ALA A 52 -7.38 -13.51 5.91
C ALA A 52 -7.36 -13.32 4.40
N ALA A 53 -6.28 -12.73 3.93
CA ALA A 53 -6.12 -12.47 2.50
C ALA A 53 -6.50 -13.74 1.73
N SER A 54 -5.86 -14.84 2.10
CA SER A 54 -6.13 -16.12 1.45
C SER A 54 -7.63 -16.39 1.42
N ALA A 55 -8.25 -16.19 2.58
CA ALA A 55 -9.69 -16.41 2.70
C ALA A 55 -10.43 -15.37 1.86
N GLY A 56 -9.86 -14.17 1.83
CA GLY A 56 -10.46 -13.08 1.08
C GLY A 56 -11.38 -12.24 1.98
N VAL A 57 -11.03 -12.19 3.25
CA VAL A 57 -11.81 -11.43 4.22
C VAL A 57 -11.14 -10.07 4.46
N PRO A 58 -11.93 -9.00 4.22
CA PRO A 58 -11.42 -7.64 4.41
C PRO A 58 -11.32 -7.29 5.90
N TYR A 59 -10.21 -6.66 6.24
CA TYR A 59 -9.98 -6.26 7.62
C TYR A 59 -11.22 -5.60 8.22
N HIS A 60 -11.57 -4.45 7.67
CA HIS A 60 -12.73 -3.71 8.15
C HIS A 60 -13.68 -3.44 6.98
N GLY A 61 -13.98 -4.50 6.25
CA GLY A 61 -14.86 -4.39 5.09
C GLY A 61 -14.41 -3.27 4.15
N GLU A 62 -13.14 -2.92 4.28
CA GLU A 62 -12.57 -1.88 3.45
C GLU A 62 -12.21 -2.43 2.07
N VAL A 63 -12.09 -1.53 1.11
CA VAL A 63 -11.76 -1.92 -0.25
C VAL A 63 -10.32 -1.53 -0.55
N PRO A 64 -9.80 -2.06 -1.69
CA PRO A 64 -8.43 -1.77 -2.09
C PRO A 64 -8.30 -0.36 -2.65
N VAL A 65 -7.19 0.28 -2.31
CA VAL A 65 -6.94 1.64 -2.76
C VAL A 65 -6.22 1.59 -4.12
N SER A 66 -6.81 2.28 -5.08
CA SER A 66 -6.24 2.34 -6.43
C SER A 66 -4.94 3.13 -6.41
N LEU A 67 -3.91 2.52 -6.99
CA LEU A 67 -2.60 3.16 -7.05
C LEU A 67 -2.49 3.93 -8.37
N ALA A 68 -3.63 4.36 -8.88
CA ALA A 68 -3.66 5.10 -10.12
C ALA A 68 -3.15 6.52 -9.87
N ARG A 69 -1.98 6.80 -10.42
CA ARG A 69 -1.37 8.11 -10.27
C ARG A 69 -0.91 8.32 -8.82
N ALA A 70 -0.81 7.21 -8.11
CA ALA A 70 -0.39 7.26 -6.71
C ALA A 70 1.13 7.45 -6.65
N GLN A 71 1.57 7.94 -5.50
CA GLN A 71 3.00 8.17 -5.30
C GLN A 71 3.52 7.28 -4.17
N GLY A 72 4.56 6.53 -4.49
CA GLY A 72 5.16 5.62 -3.52
C GLY A 72 6.62 6.00 -3.26
N SER A 73 6.88 6.45 -2.04
CA SER A 73 8.23 6.85 -1.66
C SER A 73 8.53 6.32 -0.25
N VAL A 74 9.82 6.17 0.02
CA VAL A 74 10.27 5.69 1.31
C VAL A 74 10.19 6.83 2.34
N ALA A 75 10.25 6.44 3.60
CA ALA A 75 10.18 7.41 4.68
C ALA A 75 11.37 7.20 5.62
N PHE A 76 12.53 7.61 5.14
CA PHE A 76 13.75 7.48 5.93
C PHE A 76 13.68 8.31 7.21
N ASP A 77 12.98 9.44 7.09
CA ASP A 77 12.82 10.33 8.23
C ASP A 77 12.45 9.51 9.47
N TYR A 78 11.44 8.67 9.30
CA TYR A 78 10.98 7.83 10.39
C TYR A 78 12.14 7.06 11.02
N ARG A 79 12.56 7.54 12.19
CA ARG A 79 13.66 6.91 12.90
C ARG A 79 13.18 5.62 13.57
N LYS A 80 12.22 5.77 14.46
CA LYS A 80 11.68 4.62 15.17
C LYS A 80 11.52 3.44 14.20
N ARG A 81 10.38 3.42 13.54
CA ARG A 81 10.08 2.36 12.59
C ARG A 81 11.04 2.45 11.39
N LYS A 82 11.90 1.46 11.29
CA LYS A 82 12.87 1.41 10.20
C LYS A 82 12.20 0.81 8.95
N HIS A 83 12.93 0.88 7.84
CA HIS A 83 12.43 0.35 6.59
C HIS A 83 10.94 0.67 6.46
N VAL A 84 10.64 1.96 6.47
CA VAL A 84 9.26 2.41 6.35
C VAL A 84 9.15 3.39 5.19
N PHE A 85 8.09 3.23 4.41
CA PHE A 85 7.85 4.09 3.27
C PHE A 85 6.46 4.71 3.33
N LYS A 86 6.36 5.91 2.78
CA LYS A 86 5.10 6.62 2.77
C LYS A 86 4.44 6.46 1.39
N LEU A 87 3.16 6.13 1.42
CA LEU A 87 2.40 5.95 0.19
C LEU A 87 1.33 7.03 0.09
N GLY A 88 1.53 7.93 -0.86
CA GLY A 88 0.59 9.03 -1.08
C GLY A 88 -0.21 8.81 -2.37
N LEU A 89 -1.50 8.61 -2.19
CA LEU A 89 -2.39 8.40 -3.32
C LEU A 89 -2.65 9.73 -4.02
N GLN A 90 -3.19 9.63 -5.23
CA GLN A 90 -3.50 10.82 -6.01
C GLN A 90 -4.64 11.60 -5.37
N ASP A 91 -5.48 10.87 -4.64
CA ASP A 91 -6.62 11.48 -3.97
C ASP A 91 -6.12 12.24 -2.74
N GLY A 92 -4.82 12.14 -2.50
CA GLY A 92 -4.22 12.80 -1.36
C GLY A 92 -4.24 11.90 -0.11
N LYS A 93 -4.26 10.60 -0.37
CA LYS A 93 -4.28 9.63 0.71
C LYS A 93 -2.84 9.21 1.04
N GLU A 94 -2.38 9.67 2.19
CA GLU A 94 -1.03 9.35 2.64
C GLU A 94 -1.06 8.24 3.69
N TYR A 95 -0.46 7.12 3.34
CA TYR A 95 -0.41 5.97 4.23
C TYR A 95 1.03 5.65 4.64
N LEU A 96 1.14 4.95 5.76
CA LEU A 96 2.45 4.58 6.27
C LEU A 96 2.50 3.06 6.47
N PHE A 97 3.43 2.44 5.75
CA PHE A 97 3.59 0.99 5.83
C PHE A 97 5.01 0.63 6.27
N GLN A 98 5.07 -0.16 7.34
CA GLN A 98 6.36 -0.58 7.86
C GLN A 98 6.68 -2.00 7.39
N ALA A 99 7.75 -2.09 6.60
CA ALA A 99 8.17 -3.38 6.06
C ALA A 99 8.93 -4.15 7.15
N LYS A 100 9.32 -5.37 6.81
CA LYS A 100 10.04 -6.22 7.74
C LYS A 100 11.53 -5.86 7.69
N ASP A 101 12.00 -5.64 6.47
CA ASP A 101 13.40 -5.29 6.28
C ASP A 101 13.54 -4.41 5.04
N GLU A 102 14.76 -3.97 4.79
CA GLU A 102 15.04 -3.13 3.64
C GLU A 102 14.48 -3.76 2.36
N ALA A 103 14.74 -5.05 2.21
CA ALA A 103 14.27 -5.78 1.06
C ALA A 103 12.76 -5.61 0.92
N GLU A 104 12.05 -6.19 1.89
CA GLU A 104 10.60 -6.12 1.90
C GLU A 104 10.14 -4.73 1.46
N MET A 105 10.76 -3.72 2.05
CA MET A 105 10.43 -2.34 1.72
C MET A 105 10.74 -2.03 0.25
N SER A 106 12.02 -2.00 -0.05
CA SER A 106 12.46 -1.72 -1.41
C SER A 106 11.57 -2.45 -2.42
N SER A 107 11.35 -3.74 -2.14
CA SER A 107 10.52 -4.56 -3.00
C SER A 107 9.15 -3.91 -3.18
N TRP A 108 8.50 -3.64 -2.06
CA TRP A 108 7.19 -3.03 -2.07
C TRP A 108 7.21 -1.87 -3.08
N LEU A 109 8.01 -0.86 -2.75
CA LEU A 109 8.13 0.30 -3.61
C LEU A 109 8.24 -0.16 -5.08
N ARG A 110 9.17 -1.08 -5.30
CA ARG A 110 9.39 -1.60 -6.64
C ARG A 110 8.08 -2.18 -7.20
N VAL A 111 7.32 -2.79 -6.30
CA VAL A 111 6.05 -3.38 -6.70
C VAL A 111 5.00 -2.28 -6.86
N VAL A 112 4.79 -1.54 -5.78
CA VAL A 112 3.83 -0.46 -5.78
C VAL A 112 4.05 0.41 -7.02
N ASN A 113 5.33 0.64 -7.31
CA ASN A 113 5.70 1.46 -8.47
C ASN A 113 5.36 0.70 -9.75
N ALA A 114 5.57 -0.61 -9.70
CA ALA A 114 5.31 -1.46 -10.85
C ALA A 114 3.79 -1.56 -11.06
N ALA A 115 3.06 -1.17 -10.02
CA ALA A 115 1.61 -1.22 -10.08
C ALA A 115 1.08 0.14 -10.54
N ILE A 116 1.62 1.19 -9.94
CA ILE A 116 1.21 2.55 -10.29
C ILE A 116 1.33 2.74 -11.79
N ALA A 117 2.55 2.61 -12.28
CA ALA A 117 2.81 2.77 -13.70
C ALA A 117 1.88 1.85 -14.49
N SER A 118 2.02 0.55 -14.24
CA SER A 118 1.21 -0.43 -14.92
C SER A 118 -0.27 -0.09 -14.77
N GLY A 119 -0.83 0.51 -15.82
CA GLY A 119 -2.22 0.89 -15.81
C GLY A 119 -3.07 -0.13 -15.05
N PRO A 120 -3.92 0.40 -14.14
CA PRO A 120 -4.79 -0.45 -13.34
C PRO A 120 -5.97 -0.97 -14.17
N SER A 121 -6.68 -1.93 -13.60
CA SER A 121 -7.83 -2.52 -14.28
C SER A 121 -8.63 -3.36 -13.30
N SER A 122 -9.48 -2.69 -12.54
CA SER A 122 -10.31 -3.36 -11.56
C SER A 122 -10.96 -4.60 -12.19
N GLY A 123 -11.14 -5.62 -11.37
CA GLY A 123 -11.74 -6.86 -11.83
C GLY A 123 -13.18 -7.00 -11.31
N GLY A 1 9.17 -2.56 -26.25
CA GLY A 1 7.92 -1.82 -26.17
C GLY A 1 7.21 -2.08 -24.83
N SER A 2 5.91 -2.26 -24.93
CA SER A 2 5.10 -2.51 -23.74
C SER A 2 3.98 -3.49 -24.07
N SER A 3 4.26 -4.77 -23.84
CA SER A 3 3.29 -5.82 -24.10
C SER A 3 3.65 -7.08 -23.32
N GLY A 4 2.72 -7.50 -22.48
CA GLY A 4 2.92 -8.69 -21.68
C GLY A 4 1.62 -9.14 -21.01
N SER A 5 1.77 -9.76 -19.84
CA SER A 5 0.62 -10.23 -19.10
C SER A 5 0.94 -10.25 -17.60
N SER A 6 -0.06 -9.91 -16.81
CA SER A 6 0.10 -9.89 -15.37
C SER A 6 1.14 -8.85 -14.97
N GLY A 7 0.96 -8.29 -13.79
CA GLY A 7 1.87 -7.28 -13.28
C GLY A 7 2.62 -7.79 -12.05
N GLU A 8 3.20 -6.85 -11.32
CA GLU A 8 3.94 -7.19 -10.11
C GLU A 8 3.05 -7.05 -8.88
N GLN A 9 2.62 -8.20 -8.37
CA GLN A 9 1.76 -8.22 -7.21
C GLN A 9 2.59 -8.47 -5.94
N MET A 10 2.19 -7.81 -4.87
CA MET A 10 2.89 -7.96 -3.60
C MET A 10 1.90 -7.98 -2.43
N GLU A 11 2.11 -8.95 -1.55
CA GLU A 11 1.25 -9.09 -0.39
C GLU A 11 2.04 -9.64 0.80
N GLY A 12 2.03 -8.89 1.88
CA GLY A 12 2.74 -9.28 3.09
C GLY A 12 2.33 -8.41 4.27
N MET A 13 2.62 -8.92 5.47
CA MET A 13 2.29 -8.20 6.69
C MET A 13 2.98 -6.84 6.72
N LEU A 14 2.18 -5.81 6.92
CA LEU A 14 2.70 -4.44 6.97
C LEU A 14 1.88 -3.63 7.97
N CYS A 15 2.50 -2.58 8.48
CA CYS A 15 1.84 -1.71 9.44
C CYS A 15 1.33 -0.47 8.70
N ARG A 16 0.05 -0.54 8.33
CA ARG A 16 -0.57 0.56 7.61
C ARG A 16 -1.15 1.57 8.61
N LYS A 17 -0.69 2.81 8.47
CA LYS A 17 -1.15 3.88 9.35
C LYS A 17 -1.71 5.02 8.49
N GLN A 18 -3.02 5.13 8.48
CA GLN A 18 -3.69 6.17 7.72
C GLN A 18 -3.38 7.54 8.32
N GLU A 19 -2.64 8.33 7.57
CA GLU A 19 -2.26 9.66 8.01
C GLU A 19 -3.28 10.68 7.50
N MET A 20 -3.42 10.75 6.19
CA MET A 20 -4.35 11.67 5.58
C MET A 20 -5.42 10.93 4.77
N GLU A 21 -6.56 11.59 4.60
CA GLU A 21 -7.66 11.01 3.86
C GLU A 21 -7.90 11.77 2.56
N ALA A 22 -7.32 12.97 2.50
CA ALA A 22 -7.46 13.81 1.32
C ALA A 22 -6.62 15.07 1.50
N PHE A 23 -6.27 15.67 0.37
CA PHE A 23 -5.46 16.88 0.40
C PHE A 23 -5.91 17.83 1.52
N GLY A 24 -5.07 17.91 2.53
CA GLY A 24 -5.36 18.77 3.67
C GLY A 24 -6.21 18.04 4.71
N LYS A 25 -7.12 17.21 4.21
CA LYS A 25 -8.01 16.45 5.07
C LYS A 25 -7.18 15.45 5.88
N LYS A 26 -7.31 15.54 7.19
CA LYS A 26 -6.58 14.65 8.08
C LYS A 26 -7.49 13.48 8.47
N ALA A 27 -6.89 12.30 8.52
CA ALA A 27 -7.62 11.10 8.88
C ALA A 27 -8.09 11.20 10.33
N ALA A 28 -9.37 10.94 10.52
CA ALA A 28 -9.95 11.00 11.86
C ALA A 28 -8.98 10.40 12.86
N ASN A 29 -8.76 9.10 12.74
CA ASN A 29 -7.85 8.40 13.64
C ASN A 29 -6.55 8.10 12.89
N ARG A 30 -5.45 8.55 13.48
CA ARG A 30 -4.14 8.33 12.89
C ARG A 30 -3.28 7.47 13.81
N SER A 31 -3.60 6.18 13.82
CA SER A 31 -2.86 5.23 14.65
C SER A 31 -2.22 4.16 13.78
N TRP A 32 -1.35 3.38 14.39
CA TRP A 32 -0.66 2.31 13.68
C TRP A 32 -1.43 1.01 13.93
N GLN A 33 -1.62 0.26 12.87
CA GLN A 33 -2.33 -1.01 12.96
C GLN A 33 -1.76 -2.01 11.95
N ASN A 34 -1.56 -3.24 12.43
CA ASN A 34 -1.03 -4.29 11.59
C ASN A 34 -2.07 -4.66 10.53
N VAL A 35 -1.81 -4.20 9.30
CA VAL A 35 -2.71 -4.47 8.21
C VAL A 35 -1.93 -5.13 7.06
N TYR A 36 -2.43 -6.26 6.60
CA TYR A 36 -1.78 -6.99 5.52
C TYR A 36 -2.02 -6.29 4.18
N CYS A 37 -0.94 -5.74 3.64
CA CYS A 37 -1.01 -5.05 2.36
C CYS A 37 -1.10 -6.10 1.25
N VAL A 38 -2.08 -5.90 0.38
CA VAL A 38 -2.28 -6.81 -0.73
C VAL A 38 -2.33 -6.02 -2.04
N LEU A 39 -1.24 -6.11 -2.79
CA LEU A 39 -1.14 -5.41 -4.05
C LEU A 39 -1.39 -6.39 -5.19
N ARG A 40 -2.03 -5.89 -6.23
CA ARG A 40 -2.33 -6.71 -7.40
C ARG A 40 -2.09 -5.92 -8.69
N ARG A 41 -2.88 -6.24 -9.70
CA ARG A 41 -2.76 -5.58 -10.98
C ARG A 41 -3.18 -4.11 -10.86
N GLY A 42 -2.32 -3.35 -10.19
CA GLY A 42 -2.59 -1.93 -10.00
C GLY A 42 -3.66 -1.71 -8.92
N SER A 43 -3.39 -2.29 -7.76
CA SER A 43 -4.32 -2.16 -6.64
C SER A 43 -3.59 -2.46 -5.32
N LEU A 44 -4.25 -2.09 -4.23
CA LEU A 44 -3.69 -2.31 -2.91
C LEU A 44 -4.82 -2.51 -1.90
N GLY A 45 -5.08 -3.77 -1.58
CA GLY A 45 -6.12 -4.10 -0.62
C GLY A 45 -5.54 -4.33 0.78
N PHE A 46 -6.40 -4.15 1.76
CA PHE A 46 -5.99 -4.33 3.15
C PHE A 46 -6.72 -5.51 3.79
N TYR A 47 -5.97 -6.27 4.57
CA TYR A 47 -6.53 -7.43 5.24
C TYR A 47 -5.84 -7.66 6.59
N LYS A 48 -6.55 -8.36 7.46
CA LYS A 48 -6.03 -8.66 8.78
C LYS A 48 -4.61 -9.20 8.66
N ASP A 49 -4.51 -10.40 8.11
CA ASP A 49 -3.22 -11.04 7.91
C ASP A 49 -3.27 -11.93 6.67
N ALA A 50 -2.18 -12.66 6.46
CA ALA A 50 -2.09 -13.55 5.31
C ALA A 50 -3.12 -14.67 5.46
N LYS A 51 -3.70 -14.75 6.65
CA LYS A 51 -4.70 -15.76 6.93
C LYS A 51 -6.05 -15.32 6.37
N ALA A 52 -6.25 -14.01 6.36
CA ALA A 52 -7.48 -13.44 5.85
C ALA A 52 -7.37 -13.26 4.33
N ALA A 53 -6.21 -12.80 3.90
CA ALA A 53 -5.96 -12.59 2.49
C ALA A 53 -6.37 -13.84 1.71
N SER A 54 -5.86 -14.98 2.15
CA SER A 54 -6.16 -16.24 1.51
C SER A 54 -7.65 -16.56 1.65
N ALA A 55 -8.24 -16.02 2.70
CA ALA A 55 -9.66 -16.22 2.96
C ALA A 55 -10.46 -15.08 2.33
N GLY A 56 -9.78 -14.30 1.51
CA GLY A 56 -10.41 -13.18 0.85
C GLY A 56 -11.32 -12.42 1.80
N VAL A 57 -10.89 -12.34 3.05
CA VAL A 57 -11.64 -11.64 4.07
C VAL A 57 -11.01 -10.26 4.33
N PRO A 58 -11.84 -9.21 4.08
CA PRO A 58 -11.37 -7.85 4.28
C PRO A 58 -11.31 -7.50 5.78
N TYR A 59 -10.19 -6.89 6.16
CA TYR A 59 -9.98 -6.50 7.54
C TYR A 59 -11.22 -5.80 8.10
N HIS A 60 -11.51 -4.64 7.53
CA HIS A 60 -12.65 -3.86 7.96
C HIS A 60 -13.59 -3.62 6.78
N GLY A 61 -13.79 -4.68 6.01
CA GLY A 61 -14.66 -4.60 4.85
C GLY A 61 -14.27 -3.43 3.95
N GLU A 62 -13.01 -3.03 4.05
CA GLU A 62 -12.50 -1.93 3.25
C GLU A 62 -12.01 -2.44 1.90
N VAL A 63 -12.35 -1.69 0.87
CA VAL A 63 -11.96 -2.05 -0.48
C VAL A 63 -10.51 -1.62 -0.72
N PRO A 64 -9.95 -2.08 -1.87
CA PRO A 64 -8.58 -1.75 -2.22
C PRO A 64 -8.46 -0.30 -2.70
N VAL A 65 -7.24 0.21 -2.62
CA VAL A 65 -6.98 1.58 -3.03
C VAL A 65 -6.28 1.57 -4.39
N SER A 66 -6.88 2.27 -5.35
CA SER A 66 -6.32 2.35 -6.68
C SER A 66 -5.02 3.15 -6.66
N LEU A 67 -3.97 2.55 -7.21
CA LEU A 67 -2.67 3.20 -7.25
C LEU A 67 -2.56 4.01 -8.54
N ALA A 68 -3.63 4.72 -8.85
CA ALA A 68 -3.67 5.54 -10.05
C ALA A 68 -3.12 6.94 -9.72
N ARG A 69 -2.03 7.28 -10.39
CA ARG A 69 -1.39 8.57 -10.18
C ARG A 69 -0.85 8.67 -8.75
N ALA A 70 -0.64 7.51 -8.15
CA ALA A 70 -0.13 7.45 -6.79
C ALA A 70 1.40 7.35 -6.84
N GLN A 71 2.01 7.59 -5.68
CA GLN A 71 3.46 7.54 -5.58
C GLN A 71 3.87 6.85 -4.27
N GLY A 72 5.02 6.20 -4.32
CA GLY A 72 5.54 5.51 -3.16
C GLY A 72 7.02 5.83 -2.93
N SER A 73 7.30 6.39 -1.75
CA SER A 73 8.66 6.75 -1.41
C SER A 73 8.95 6.36 0.05
N VAL A 74 10.23 6.29 0.36
CA VAL A 74 10.65 5.92 1.71
C VAL A 74 10.21 7.02 2.68
N ALA A 75 10.17 6.65 3.95
CA ALA A 75 9.76 7.58 4.99
C ALA A 75 10.96 7.88 5.90
N PHE A 76 12.06 8.26 5.27
CA PHE A 76 13.27 8.58 6.00
C PHE A 76 12.97 9.47 7.20
N ASP A 77 12.23 10.55 6.94
CA ASP A 77 11.86 11.48 7.98
C ASP A 77 11.50 10.71 9.25
N TYR A 78 10.63 9.73 9.09
CA TYR A 78 10.20 8.92 10.21
C TYR A 78 11.40 8.44 11.03
N ARG A 79 11.40 8.83 12.30
CA ARG A 79 12.47 8.46 13.20
C ARG A 79 11.92 7.64 14.37
N LYS A 80 11.65 6.37 14.09
CA LYS A 80 11.12 5.47 15.10
C LYS A 80 11.35 4.03 14.67
N ARG A 81 10.78 3.70 13.52
CA ARG A 81 10.91 2.35 12.98
C ARG A 81 11.86 2.35 11.78
N LYS A 82 12.16 1.15 11.30
CA LYS A 82 13.06 0.99 10.16
C LYS A 82 12.29 0.39 8.99
N HIS A 83 12.77 0.68 7.80
CA HIS A 83 12.15 0.17 6.59
C HIS A 83 10.70 0.66 6.53
N VAL A 84 10.55 1.98 6.50
CA VAL A 84 9.22 2.58 6.43
C VAL A 84 9.16 3.52 5.23
N PHE A 85 8.12 3.34 4.43
CA PHE A 85 7.92 4.15 3.25
C PHE A 85 6.52 4.75 3.22
N LYS A 86 6.44 5.99 2.73
CA LYS A 86 5.16 6.67 2.65
C LYS A 86 4.53 6.39 1.29
N LEU A 87 3.21 6.22 1.31
CA LEU A 87 2.48 5.95 0.08
C LEU A 87 1.36 6.98 -0.08
N GLY A 88 1.65 7.98 -0.91
CA GLY A 88 0.68 9.03 -1.16
C GLY A 88 -0.14 8.74 -2.41
N LEU A 89 -1.44 8.53 -2.20
CA LEU A 89 -2.34 8.24 -3.30
C LEU A 89 -2.57 9.51 -4.12
N GLN A 90 -3.54 9.43 -5.01
CA GLN A 90 -3.88 10.56 -5.86
C GLN A 90 -5.02 11.37 -5.24
N ASP A 91 -5.72 10.73 -4.31
CA ASP A 91 -6.83 11.38 -3.63
C ASP A 91 -6.35 11.96 -2.31
N GLY A 92 -5.10 12.38 -2.31
CA GLY A 92 -4.51 12.97 -1.12
C GLY A 92 -4.53 11.98 0.06
N LYS A 93 -4.46 10.71 -0.29
CA LYS A 93 -4.48 9.66 0.71
C LYS A 93 -3.05 9.18 0.97
N GLU A 94 -2.51 9.58 2.11
CA GLU A 94 -1.16 9.19 2.47
C GLU A 94 -1.20 8.05 3.49
N TYR A 95 -0.30 7.09 3.30
CA TYR A 95 -0.21 5.94 4.19
C TYR A 95 1.23 5.67 4.59
N LEU A 96 1.38 4.93 5.68
CA LEU A 96 2.70 4.58 6.18
C LEU A 96 2.76 3.08 6.45
N PHE A 97 3.56 2.40 5.65
CA PHE A 97 3.72 0.95 5.79
C PHE A 97 5.15 0.60 6.20
N GLN A 98 5.25 -0.14 7.29
CA GLN A 98 6.55 -0.55 7.80
C GLN A 98 6.85 -1.99 7.37
N ALA A 99 7.84 -2.12 6.50
CA ALA A 99 8.24 -3.44 6.01
C ALA A 99 8.97 -4.19 7.12
N LYS A 100 9.36 -5.42 6.80
CA LYS A 100 10.08 -6.24 7.74
C LYS A 100 11.58 -5.91 7.68
N ASP A 101 12.03 -5.61 6.48
CA ASP A 101 13.42 -5.28 6.27
C ASP A 101 13.56 -4.37 5.05
N GLU A 102 14.79 -3.97 4.77
CA GLU A 102 15.06 -3.11 3.63
C GLU A 102 14.56 -3.76 2.33
N ALA A 103 14.77 -5.07 2.24
CA ALA A 103 14.36 -5.81 1.07
C ALA A 103 12.84 -5.69 0.91
N GLU A 104 12.12 -6.26 1.86
CA GLU A 104 10.67 -6.22 1.83
C GLU A 104 10.18 -4.84 1.37
N MET A 105 10.74 -3.81 1.99
CA MET A 105 10.38 -2.45 1.65
C MET A 105 10.72 -2.14 0.19
N SER A 106 12.01 -2.03 -0.09
CA SER A 106 12.46 -1.75 -1.43
C SER A 106 11.53 -2.39 -2.46
N SER A 107 11.25 -3.68 -2.22
CA SER A 107 10.38 -4.42 -3.11
C SER A 107 9.00 -3.76 -3.18
N TRP A 108 8.40 -3.59 -2.01
CA TRP A 108 7.10 -2.96 -1.93
C TRP A 108 7.09 -1.74 -2.84
N LEU A 109 8.10 -0.90 -2.66
CA LEU A 109 8.23 0.31 -3.46
C LEU A 109 8.26 -0.08 -4.95
N ARG A 110 9.15 -1.01 -5.26
CA ARG A 110 9.29 -1.47 -6.63
C ARG A 110 7.96 -2.01 -7.15
N VAL A 111 7.28 -2.76 -6.30
CA VAL A 111 6.00 -3.34 -6.65
C VAL A 111 4.96 -2.23 -6.78
N VAL A 112 4.76 -1.52 -5.67
CA VAL A 112 3.80 -0.43 -5.65
C VAL A 112 3.97 0.43 -6.89
N ASN A 113 5.22 0.64 -7.27
CA ASN A 113 5.54 1.44 -8.44
C ASN A 113 5.14 0.67 -9.70
N ALA A 114 5.38 -0.64 -9.65
CA ALA A 114 5.05 -1.50 -10.78
C ALA A 114 3.53 -1.59 -10.92
N ALA A 115 2.85 -1.25 -9.84
CA ALA A 115 1.40 -1.29 -9.83
C ALA A 115 0.85 0.05 -10.33
N ILE A 116 1.47 1.12 -9.85
CA ILE A 116 1.05 2.46 -10.24
C ILE A 116 1.07 2.57 -11.77
N ALA A 117 2.25 2.34 -12.33
CA ALA A 117 2.42 2.41 -13.77
C ALA A 117 1.30 1.60 -14.44
N SER A 118 1.26 0.32 -14.12
CA SER A 118 0.27 -0.57 -14.68
C SER A 118 -1.13 -0.15 -14.22
N GLY A 119 -1.71 0.79 -14.95
CA GLY A 119 -3.03 1.29 -14.62
C GLY A 119 -3.63 2.06 -15.80
N PRO A 120 -4.35 3.16 -15.46
CA PRO A 120 -4.99 3.99 -16.48
C PRO A 120 -3.95 4.85 -17.20
N SER A 121 -4.33 5.30 -18.39
CA SER A 121 -3.44 6.12 -19.19
C SER A 121 -3.59 7.59 -18.78
N SER A 122 -4.81 8.09 -18.91
CA SER A 122 -5.09 9.47 -18.55
C SER A 122 -6.25 9.53 -17.56
N GLY A 123 -5.89 9.64 -16.28
CA GLY A 123 -6.89 9.70 -15.22
C GLY A 123 -8.06 8.76 -15.51
N GLY A 1 -3.93 -16.17 -25.34
CA GLY A 1 -3.07 -15.48 -24.39
C GLY A 1 -2.93 -16.27 -23.10
N SER A 2 -1.88 -17.08 -23.05
CA SER A 2 -1.62 -17.90 -21.88
C SER A 2 -1.26 -17.01 -20.69
N SER A 3 -0.19 -16.23 -20.88
CA SER A 3 0.26 -15.33 -19.83
C SER A 3 0.23 -16.05 -18.47
N GLY A 4 1.30 -16.77 -18.20
CA GLY A 4 1.40 -17.51 -16.95
C GLY A 4 1.03 -16.62 -15.75
N SER A 5 1.92 -15.69 -15.44
CA SER A 5 1.71 -14.77 -14.33
C SER A 5 2.09 -13.36 -14.75
N SER A 6 1.09 -12.62 -15.19
CA SER A 6 1.31 -11.24 -15.63
C SER A 6 0.75 -10.27 -14.58
N GLY A 7 1.63 -9.43 -14.06
CA GLY A 7 1.23 -8.45 -13.06
C GLY A 7 2.16 -8.52 -11.84
N GLU A 8 2.60 -7.34 -11.42
CA GLU A 8 3.49 -7.25 -10.28
C GLU A 8 2.67 -7.09 -8.99
N GLN A 9 2.26 -8.23 -8.45
CA GLN A 9 1.47 -8.22 -7.22
C GLN A 9 2.39 -8.42 -6.02
N MET A 10 1.93 -7.90 -4.88
CA MET A 10 2.69 -8.01 -3.65
C MET A 10 1.76 -8.01 -2.43
N GLU A 11 1.99 -8.98 -1.56
CA GLU A 11 1.18 -9.10 -0.35
C GLU A 11 2.04 -9.59 0.81
N GLY A 12 2.05 -8.80 1.87
CA GLY A 12 2.82 -9.13 3.06
C GLY A 12 2.39 -8.29 4.26
N MET A 13 2.59 -8.85 5.43
CA MET A 13 2.23 -8.16 6.66
C MET A 13 2.96 -6.82 6.77
N LEU A 14 2.17 -5.76 6.85
CA LEU A 14 2.72 -4.41 6.95
C LEU A 14 1.90 -3.61 7.95
N CYS A 15 2.56 -2.63 8.56
CA CYS A 15 1.89 -1.78 9.53
C CYS A 15 1.39 -0.52 8.81
N ARG A 16 0.12 -0.56 8.45
CA ARG A 16 -0.49 0.56 7.75
C ARG A 16 -1.09 1.55 8.76
N LYS A 17 -0.63 2.79 8.65
CA LYS A 17 -1.10 3.83 9.54
C LYS A 17 -1.66 4.99 8.72
N GLN A 18 -2.97 4.96 8.51
CA GLN A 18 -3.63 5.99 7.74
C GLN A 18 -3.45 7.36 8.41
N GLU A 19 -2.66 8.19 7.75
CA GLU A 19 -2.39 9.52 8.27
C GLU A 19 -3.46 10.51 7.79
N MET A 20 -3.65 10.51 6.47
CA MET A 20 -4.62 11.40 5.86
C MET A 20 -5.62 10.61 5.01
N GLU A 21 -6.73 11.27 4.70
CA GLU A 21 -7.77 10.64 3.89
C GLU A 21 -7.91 11.37 2.55
N ALA A 22 -7.30 12.54 2.48
CA ALA A 22 -7.34 13.34 1.26
C ALA A 22 -6.65 14.68 1.52
N PHE A 23 -6.52 15.44 0.45
CA PHE A 23 -5.88 16.75 0.54
C PHE A 23 -6.44 17.55 1.71
N GLY A 24 -5.57 17.88 2.64
CA GLY A 24 -5.96 18.65 3.81
C GLY A 24 -7.05 17.92 4.60
N LYS A 25 -7.21 16.64 4.28
CA LYS A 25 -8.22 15.82 4.94
C LYS A 25 -7.54 14.95 6.01
N LYS A 26 -7.98 15.12 7.24
CA LYS A 26 -7.42 14.36 8.34
C LYS A 26 -8.20 13.05 8.50
N ALA A 27 -7.45 11.98 8.73
CA ALA A 27 -8.06 10.67 8.91
C ALA A 27 -8.69 10.59 10.30
N ALA A 28 -9.88 9.99 10.34
CA ALA A 28 -10.60 9.85 11.60
C ALA A 28 -9.61 9.49 12.70
N ASN A 29 -8.97 8.34 12.54
CA ASN A 29 -8.00 7.87 13.52
C ASN A 29 -6.74 7.41 12.79
N ARG A 30 -5.63 8.07 13.10
CA ARG A 30 -4.36 7.72 12.49
C ARG A 30 -3.49 6.93 13.48
N SER A 31 -3.95 5.73 13.79
CA SER A 31 -3.23 4.87 14.71
C SER A 31 -2.51 3.76 13.95
N TRP A 32 -1.57 3.13 14.62
CA TRP A 32 -0.81 2.06 14.02
C TRP A 32 -1.61 0.76 14.17
N GLN A 33 -1.79 0.08 13.05
CA GLN A 33 -2.54 -1.17 13.05
C GLN A 33 -1.97 -2.12 11.99
N ASN A 34 -1.59 -3.31 12.44
CA ASN A 34 -1.04 -4.32 11.56
C ASN A 34 -2.07 -4.67 10.49
N VAL A 35 -1.86 -4.13 9.29
CA VAL A 35 -2.76 -4.39 8.19
C VAL A 35 -1.99 -5.04 7.04
N TYR A 36 -2.44 -6.23 6.66
CA TYR A 36 -1.79 -6.96 5.58
C TYR A 36 -2.04 -6.28 4.24
N CYS A 37 -0.97 -5.73 3.68
CA CYS A 37 -1.06 -5.05 2.40
C CYS A 37 -1.18 -6.10 1.30
N VAL A 38 -2.16 -5.92 0.44
CA VAL A 38 -2.39 -6.84 -0.65
C VAL A 38 -2.44 -6.07 -1.97
N LEU A 39 -1.37 -6.18 -2.74
CA LEU A 39 -1.28 -5.50 -4.01
C LEU A 39 -1.54 -6.50 -5.14
N ARG A 40 -2.21 -6.02 -6.17
CA ARG A 40 -2.53 -6.86 -7.32
C ARG A 40 -2.23 -6.11 -8.62
N ARG A 41 -3.01 -6.41 -9.64
CA ARG A 41 -2.84 -5.79 -10.94
C ARG A 41 -3.15 -4.30 -10.86
N GLY A 42 -2.29 -3.58 -10.16
CA GLY A 42 -2.46 -2.15 -10.00
C GLY A 42 -3.52 -1.84 -8.94
N SER A 43 -3.31 -2.38 -7.75
CA SER A 43 -4.24 -2.18 -6.66
C SER A 43 -3.55 -2.47 -5.32
N LEU A 44 -4.21 -2.07 -4.25
CA LEU A 44 -3.68 -2.27 -2.91
C LEU A 44 -4.84 -2.43 -1.93
N GLY A 45 -5.11 -3.68 -1.58
CA GLY A 45 -6.19 -3.98 -0.64
C GLY A 45 -5.64 -4.25 0.76
N PHE A 46 -6.42 -3.88 1.75
CA PHE A 46 -6.03 -4.07 3.14
C PHE A 46 -6.81 -5.22 3.77
N TYR A 47 -6.10 -6.07 4.51
CA TYR A 47 -6.71 -7.20 5.17
C TYR A 47 -6.16 -7.37 6.60
N LYS A 48 -6.85 -8.20 7.36
CA LYS A 48 -6.45 -8.45 8.73
C LYS A 48 -5.03 -9.01 8.75
N ASP A 49 -4.88 -10.19 8.15
CA ASP A 49 -3.58 -10.83 8.09
C ASP A 49 -3.53 -11.74 6.85
N ALA A 50 -2.42 -12.47 6.75
CA ALA A 50 -2.23 -13.36 5.62
C ALA A 50 -3.35 -14.42 5.63
N LYS A 51 -3.88 -14.67 6.81
CA LYS A 51 -4.94 -15.64 6.96
C LYS A 51 -6.26 -15.04 6.49
N ALA A 52 -6.25 -13.71 6.34
CA ALA A 52 -7.43 -13.00 5.91
C ALA A 52 -7.34 -12.74 4.41
N ALA A 53 -6.11 -12.71 3.91
CA ALA A 53 -5.87 -12.47 2.51
C ALA A 53 -6.32 -13.70 1.70
N SER A 54 -6.03 -14.87 2.26
CA SER A 54 -6.41 -16.12 1.61
C SER A 54 -7.93 -16.31 1.67
N ALA A 55 -8.48 -15.97 2.83
CA ALA A 55 -9.92 -16.10 3.02
C ALA A 55 -10.63 -14.97 2.29
N GLY A 56 -9.84 -14.09 1.70
CA GLY A 56 -10.38 -12.96 0.96
C GLY A 56 -11.28 -12.10 1.85
N VAL A 57 -10.80 -11.85 3.06
CA VAL A 57 -11.55 -11.04 4.01
C VAL A 57 -10.92 -9.65 4.09
N PRO A 58 -11.64 -8.67 3.47
CA PRO A 58 -11.18 -7.29 3.47
C PRO A 58 -11.39 -6.64 4.83
N TYR A 59 -10.32 -6.04 5.34
CA TYR A 59 -10.38 -5.37 6.63
C TYR A 59 -11.59 -4.43 6.71
N HIS A 60 -12.48 -4.75 7.64
CA HIS A 60 -13.67 -3.94 7.82
C HIS A 60 -14.35 -3.69 6.46
N GLY A 61 -14.06 -4.58 5.53
CA GLY A 61 -14.63 -4.48 4.19
C GLY A 61 -14.03 -3.27 3.45
N GLU A 62 -12.79 -2.97 3.77
CA GLU A 62 -12.10 -1.86 3.13
C GLU A 62 -11.65 -2.25 1.72
N VAL A 63 -12.23 -1.57 0.75
CA VAL A 63 -11.90 -1.82 -0.64
C VAL A 63 -10.42 -1.44 -0.89
N PRO A 64 -9.90 -1.92 -2.05
CA PRO A 64 -8.52 -1.65 -2.41
C PRO A 64 -8.36 -0.21 -2.91
N VAL A 65 -7.16 0.31 -2.72
CA VAL A 65 -6.86 1.67 -3.14
C VAL A 65 -6.18 1.64 -4.51
N SER A 66 -6.76 2.38 -5.44
CA SER A 66 -6.22 2.44 -6.79
C SER A 66 -4.91 3.24 -6.78
N LEU A 67 -3.89 2.65 -7.39
CA LEU A 67 -2.59 3.29 -7.47
C LEU A 67 -2.50 4.10 -8.76
N ALA A 68 -3.64 4.61 -9.18
CA ALA A 68 -3.70 5.40 -10.40
C ALA A 68 -3.28 6.85 -10.08
N ARG A 69 -2.10 7.20 -10.56
CA ARG A 69 -1.56 8.52 -10.33
C ARG A 69 -1.01 8.65 -8.91
N ALA A 70 -0.68 7.50 -8.34
CA ALA A 70 -0.14 7.46 -6.99
C ALA A 70 1.39 7.51 -7.06
N GLN A 71 2.00 7.55 -5.89
CA GLN A 71 3.45 7.61 -5.80
C GLN A 71 3.93 6.93 -4.52
N GLY A 72 5.11 6.33 -4.61
CA GLY A 72 5.68 5.65 -3.46
C GLY A 72 7.16 6.02 -3.28
N SER A 73 7.48 6.42 -2.06
CA SER A 73 8.85 6.82 -1.74
C SER A 73 9.24 6.24 -0.38
N VAL A 74 10.55 6.21 -0.16
CA VAL A 74 11.08 5.69 1.09
C VAL A 74 10.98 6.77 2.17
N ALA A 75 10.93 6.30 3.41
CA ALA A 75 10.84 7.22 4.54
C ALA A 75 12.19 7.27 5.26
N PHE A 76 13.04 8.16 4.79
CA PHE A 76 14.37 8.31 5.38
C PHE A 76 14.33 9.34 6.52
N ASP A 77 13.15 9.48 7.11
CA ASP A 77 12.99 10.43 8.20
C ASP A 77 12.40 9.69 9.41
N TYR A 78 11.43 8.83 9.13
CA TYR A 78 10.78 8.06 10.18
C TYR A 78 11.78 7.68 11.27
N ARG A 79 11.38 7.92 12.51
CA ARG A 79 12.24 7.60 13.64
C ARG A 79 11.71 6.35 14.35
N LYS A 80 12.50 5.90 15.33
CA LYS A 80 12.13 4.71 16.09
C LYS A 80 12.36 3.46 15.24
N ARG A 81 11.39 3.18 14.38
CA ARG A 81 11.48 2.03 13.51
C ARG A 81 12.34 2.35 12.28
N LYS A 82 12.56 1.33 11.47
CA LYS A 82 13.37 1.49 10.27
C LYS A 82 12.74 0.70 9.13
N HIS A 83 13.19 0.99 7.92
CA HIS A 83 12.68 0.32 6.74
C HIS A 83 11.20 0.63 6.57
N VAL A 84 10.90 1.91 6.52
CA VAL A 84 9.53 2.36 6.36
C VAL A 84 9.42 3.25 5.11
N PHE A 85 8.33 3.07 4.39
CA PHE A 85 8.09 3.82 3.18
C PHE A 85 6.70 4.45 3.18
N LYS A 86 6.63 5.71 2.77
CA LYS A 86 5.37 6.42 2.73
C LYS A 86 4.69 6.15 1.39
N LEU A 87 3.36 6.26 1.41
CA LEU A 87 2.58 6.02 0.21
C LEU A 87 1.47 7.07 0.12
N GLY A 88 1.65 7.99 -0.81
CA GLY A 88 0.66 9.04 -1.01
C GLY A 88 -0.11 8.84 -2.32
N LEU A 89 -1.40 8.59 -2.17
CA LEU A 89 -2.25 8.37 -3.32
C LEU A 89 -2.53 9.71 -4.01
N GLN A 90 -3.26 9.64 -5.11
CA GLN A 90 -3.61 10.83 -5.86
C GLN A 90 -4.82 11.52 -5.23
N ASP A 91 -5.53 10.78 -4.39
CA ASP A 91 -6.70 11.30 -3.73
C ASP A 91 -6.27 12.03 -2.45
N GLY A 92 -4.96 12.19 -2.31
CA GLY A 92 -4.41 12.87 -1.15
C GLY A 92 -4.37 11.93 0.06
N LYS A 93 -4.39 10.63 -0.23
CA LYS A 93 -4.36 9.63 0.81
C LYS A 93 -2.90 9.27 1.13
N GLU A 94 -2.52 9.52 2.37
CA GLU A 94 -1.16 9.23 2.80
C GLU A 94 -1.15 8.07 3.79
N TYR A 95 -0.35 7.06 3.47
CA TYR A 95 -0.24 5.89 4.32
C TYR A 95 1.21 5.64 4.73
N LEU A 96 1.36 4.88 5.81
CA LEU A 96 2.69 4.57 6.32
C LEU A 96 2.77 3.06 6.59
N PHE A 97 3.67 2.42 5.84
CA PHE A 97 3.86 0.98 5.99
C PHE A 97 5.29 0.67 6.43
N GLN A 98 5.37 -0.11 7.50
CA GLN A 98 6.67 -0.49 8.04
C GLN A 98 7.05 -1.89 7.55
N ALA A 99 8.14 -1.94 6.79
CA ALA A 99 8.62 -3.21 6.27
C ALA A 99 9.62 -3.83 7.25
N LYS A 100 9.65 -5.15 7.25
CA LYS A 100 10.55 -5.88 8.13
C LYS A 100 11.96 -5.34 7.97
N ASP A 101 12.33 -5.08 6.73
CA ASP A 101 13.66 -4.56 6.43
C ASP A 101 13.62 -3.83 5.08
N GLU A 102 14.71 -3.13 4.79
CA GLU A 102 14.82 -2.40 3.54
C GLU A 102 14.46 -3.30 2.36
N ALA A 103 14.83 -4.57 2.49
CA ALA A 103 14.55 -5.54 1.45
C ALA A 103 13.04 -5.57 1.17
N GLU A 104 12.30 -5.97 2.20
CA GLU A 104 10.86 -6.06 2.08
C GLU A 104 10.31 -4.80 1.41
N MET A 105 10.65 -3.66 2.00
CA MET A 105 10.19 -2.38 1.48
C MET A 105 10.65 -2.18 0.03
N SER A 106 11.95 -2.12 -0.14
CA SER A 106 12.54 -1.93 -1.45
C SER A 106 11.69 -2.66 -2.51
N SER A 107 11.29 -3.88 -2.15
CA SER A 107 10.48 -4.68 -3.05
C SER A 107 9.10 -4.03 -3.25
N TRP A 108 8.47 -3.70 -2.13
CA TRP A 108 7.16 -3.07 -2.17
C TRP A 108 7.22 -1.92 -3.16
N LEU A 109 8.06 -0.94 -2.84
CA LEU A 109 8.22 0.22 -3.70
C LEU A 109 8.30 -0.23 -5.16
N ARG A 110 9.17 -1.20 -5.40
CA ARG A 110 9.36 -1.73 -6.74
C ARG A 110 8.02 -2.24 -7.29
N VAL A 111 7.24 -2.82 -6.40
CA VAL A 111 5.93 -3.36 -6.78
C VAL A 111 4.93 -2.21 -6.91
N VAL A 112 4.75 -1.50 -5.81
CA VAL A 112 3.84 -0.38 -5.78
C VAL A 112 4.06 0.49 -7.01
N ASN A 113 5.32 0.62 -7.38
CA ASN A 113 5.69 1.42 -8.54
C ASN A 113 5.27 0.69 -9.82
N ALA A 114 5.39 -0.63 -9.78
CA ALA A 114 5.03 -1.45 -10.92
C ALA A 114 3.50 -1.47 -11.06
N ALA A 115 2.84 -1.11 -9.98
CA ALA A 115 1.39 -1.08 -9.97
C ALA A 115 0.90 0.29 -10.42
N ILE A 116 1.55 1.32 -9.91
CA ILE A 116 1.20 2.68 -10.26
C ILE A 116 1.25 2.85 -11.78
N ALA A 117 2.41 2.53 -12.34
CA ALA A 117 2.60 2.63 -13.78
C ALA A 117 1.51 1.83 -14.49
N SER A 118 1.24 0.65 -13.95
CA SER A 118 0.22 -0.21 -14.52
C SER A 118 -1.17 0.27 -14.11
N GLY A 119 -1.49 1.49 -14.52
CA GLY A 119 -2.78 2.07 -14.19
C GLY A 119 -3.79 1.80 -15.31
N PRO A 120 -4.88 2.62 -15.30
CA PRO A 120 -5.92 2.48 -16.29
C PRO A 120 -5.47 3.02 -17.65
N SER A 121 -5.71 2.24 -18.69
CA SER A 121 -5.34 2.63 -20.04
C SER A 121 -3.83 2.90 -20.10
N SER A 122 -3.06 1.85 -19.85
CA SER A 122 -1.61 1.96 -19.87
C SER A 122 -1.02 0.85 -20.73
N GLY A 123 -0.28 1.26 -21.75
CA GLY A 123 0.35 0.32 -22.65
C GLY A 123 1.63 -0.26 -22.03
N GLY A 1 -8.07 -12.04 -22.27
CA GLY A 1 -8.62 -12.39 -23.56
C GLY A 1 -8.18 -11.41 -24.65
N SER A 2 -8.77 -10.22 -24.59
CA SER A 2 -8.44 -9.17 -25.55
C SER A 2 -7.10 -8.56 -25.21
N SER A 3 -7.01 -8.02 -24.00
CA SER A 3 -5.78 -7.39 -23.54
C SER A 3 -5.77 -7.33 -22.01
N GLY A 4 -4.56 -7.37 -21.47
CA GLY A 4 -4.39 -7.31 -20.02
C GLY A 4 -3.39 -8.37 -19.56
N SER A 5 -2.17 -7.91 -19.28
CA SER A 5 -1.12 -8.80 -18.82
C SER A 5 -0.85 -8.56 -17.34
N SER A 6 -0.77 -9.66 -16.60
CA SER A 6 -0.52 -9.60 -15.17
C SER A 6 0.71 -8.72 -14.90
N GLY A 7 0.60 -7.92 -13.84
CA GLY A 7 1.69 -7.03 -13.45
C GLY A 7 2.47 -7.59 -12.28
N GLU A 8 2.97 -6.70 -11.45
CA GLU A 8 3.73 -7.09 -10.28
C GLU A 8 2.90 -6.89 -9.00
N GLN A 9 2.53 -8.01 -8.40
CA GLN A 9 1.74 -7.97 -7.19
C GLN A 9 2.63 -8.22 -5.97
N MET A 10 2.13 -7.79 -4.81
CA MET A 10 2.87 -7.95 -3.57
C MET A 10 1.92 -7.95 -2.37
N GLU A 11 2.12 -8.92 -1.50
CA GLU A 11 1.30 -9.04 -0.31
C GLU A 11 2.13 -9.56 0.86
N GLY A 12 2.10 -8.79 1.95
CA GLY A 12 2.85 -9.16 3.14
C GLY A 12 2.44 -8.29 4.33
N MET A 13 2.69 -8.81 5.52
CA MET A 13 2.36 -8.10 6.74
C MET A 13 3.07 -6.74 6.80
N LEU A 14 2.25 -5.70 6.96
CA LEU A 14 2.78 -4.35 7.03
C LEU A 14 1.97 -3.54 8.04
N CYS A 15 2.59 -2.49 8.55
CA CYS A 15 1.94 -1.63 9.52
C CYS A 15 1.40 -0.40 8.79
N ARG A 16 0.12 -0.47 8.44
CA ARG A 16 -0.53 0.61 7.73
C ARG A 16 -1.11 1.62 8.72
N LYS A 17 -0.62 2.85 8.63
CA LYS A 17 -1.09 3.91 9.52
C LYS A 17 -1.61 5.07 8.67
N GLN A 18 -2.92 5.11 8.51
CA GLN A 18 -3.55 6.16 7.74
C GLN A 18 -3.35 7.51 8.41
N GLU A 19 -2.56 8.36 7.76
CA GLU A 19 -2.28 9.68 8.28
C GLU A 19 -3.27 10.70 7.72
N MET A 20 -3.46 10.62 6.41
CA MET A 20 -4.37 11.54 5.74
C MET A 20 -5.40 10.76 4.90
N GLU A 21 -6.54 11.39 4.69
CA GLU A 21 -7.61 10.77 3.91
C GLU A 21 -7.78 11.52 2.58
N ALA A 22 -7.16 12.68 2.50
CA ALA A 22 -7.23 13.49 1.30
C ALA A 22 -6.52 14.82 1.53
N PHE A 23 -6.42 15.61 0.47
CA PHE A 23 -5.76 16.89 0.54
C PHE A 23 -6.26 17.70 1.74
N GLY A 24 -5.34 17.93 2.67
CA GLY A 24 -5.67 18.69 3.87
C GLY A 24 -6.75 17.97 4.69
N LYS A 25 -6.99 16.72 4.32
CA LYS A 25 -7.99 15.91 5.01
C LYS A 25 -7.30 15.04 6.06
N LYS A 26 -7.80 15.12 7.28
CA LYS A 26 -7.24 14.35 8.38
C LYS A 26 -8.02 13.04 8.52
N ALA A 27 -7.28 11.97 8.76
CA ALA A 27 -7.88 10.66 8.91
C ALA A 27 -8.48 10.54 10.32
N ALA A 28 -9.71 10.05 10.37
CA ALA A 28 -10.39 9.88 11.63
C ALA A 28 -9.41 9.33 12.67
N ASN A 29 -9.02 8.09 12.47
CA ASN A 29 -8.08 7.44 13.38
C ASN A 29 -6.71 7.32 12.71
N ARG A 30 -5.72 7.92 13.36
CA ARG A 30 -4.36 7.89 12.83
C ARG A 30 -3.45 7.11 13.78
N SER A 31 -3.75 5.84 13.94
CA SER A 31 -2.96 4.97 14.82
C SER A 31 -2.32 3.86 14.00
N TRP A 32 -1.25 3.30 14.56
CA TRP A 32 -0.54 2.23 13.89
C TRP A 32 -1.31 0.93 14.12
N GLN A 33 -1.51 0.20 13.04
CA GLN A 33 -2.22 -1.06 13.11
C GLN A 33 -1.67 -2.05 12.08
N ASN A 34 -1.47 -3.29 12.54
CA ASN A 34 -0.95 -4.33 11.68
C ASN A 34 -1.99 -4.68 10.62
N VAL A 35 -1.76 -4.20 9.41
CA VAL A 35 -2.67 -4.46 8.31
C VAL A 35 -1.90 -5.09 7.15
N TYR A 36 -2.39 -6.25 6.72
CA TYR A 36 -1.75 -6.96 5.63
C TYR A 36 -2.00 -6.25 4.29
N CYS A 37 -0.92 -5.71 3.74
CA CYS A 37 -1.00 -5.00 2.48
C CYS A 37 -1.08 -6.04 1.36
N VAL A 38 -2.10 -5.87 0.52
CA VAL A 38 -2.30 -6.78 -0.59
C VAL A 38 -2.32 -5.99 -1.90
N LEU A 39 -1.23 -6.10 -2.65
CA LEU A 39 -1.11 -5.38 -3.91
C LEU A 39 -1.43 -6.35 -5.05
N ARG A 40 -2.07 -5.81 -6.09
CA ARG A 40 -2.43 -6.61 -7.25
C ARG A 40 -2.31 -5.77 -8.53
N ARG A 41 -3.20 -6.06 -9.46
CA ARG A 41 -3.21 -5.34 -10.73
C ARG A 41 -3.57 -3.88 -10.51
N GLY A 42 -2.67 -3.17 -9.83
CA GLY A 42 -2.88 -1.76 -9.55
C GLY A 42 -3.98 -1.58 -8.50
N SER A 43 -3.83 -2.30 -7.40
CA SER A 43 -4.80 -2.22 -6.32
C SER A 43 -4.17 -2.74 -5.02
N LEU A 44 -4.26 -1.91 -3.99
CA LEU A 44 -3.71 -2.25 -2.69
C LEU A 44 -4.85 -2.49 -1.71
N GLY A 45 -5.09 -3.76 -1.41
CA GLY A 45 -6.14 -4.13 -0.48
C GLY A 45 -5.58 -4.39 0.92
N PHE A 46 -6.38 -4.03 1.92
CA PHE A 46 -5.98 -4.21 3.30
C PHE A 46 -6.74 -5.37 3.94
N TYR A 47 -6.01 -6.18 4.71
CA TYR A 47 -6.60 -7.32 5.37
C TYR A 47 -5.97 -7.52 6.75
N LYS A 48 -6.61 -8.38 7.54
CA LYS A 48 -6.13 -8.67 8.88
C LYS A 48 -4.73 -9.28 8.79
N ASP A 49 -4.63 -10.35 8.03
CA ASP A 49 -3.36 -11.04 7.86
C ASP A 49 -3.36 -11.80 6.54
N ALA A 50 -2.30 -12.54 6.31
CA ALA A 50 -2.17 -13.32 5.09
C ALA A 50 -3.21 -14.44 5.10
N LYS A 51 -3.71 -14.72 6.29
CA LYS A 51 -4.71 -15.77 6.45
C LYS A 51 -6.09 -15.21 6.13
N ALA A 52 -6.20 -13.90 6.23
CA ALA A 52 -7.46 -13.22 5.96
C ALA A 52 -7.51 -12.83 4.48
N ALA A 53 -6.33 -12.65 3.91
CA ALA A 53 -6.23 -12.27 2.51
C ALA A 53 -6.57 -13.48 1.64
N SER A 54 -6.06 -14.63 2.05
CA SER A 54 -6.30 -15.85 1.30
C SER A 54 -7.78 -16.22 1.38
N ALA A 55 -8.36 -16.01 2.56
CA ALA A 55 -9.77 -16.32 2.77
C ALA A 55 -10.62 -15.21 2.15
N GLY A 56 -9.94 -14.19 1.63
CA GLY A 56 -10.62 -13.08 1.01
C GLY A 56 -11.45 -12.30 2.04
N VAL A 57 -10.98 -12.32 3.27
CA VAL A 57 -11.66 -11.62 4.35
C VAL A 57 -11.01 -10.26 4.56
N PRO A 58 -11.82 -9.19 4.31
CA PRO A 58 -11.33 -7.83 4.47
C PRO A 58 -11.23 -7.46 5.95
N TYR A 59 -10.17 -6.73 6.26
CA TYR A 59 -9.94 -6.29 7.63
C TYR A 59 -11.23 -5.80 8.28
N HIS A 60 -11.76 -4.71 7.72
CA HIS A 60 -12.99 -4.14 8.24
C HIS A 60 -13.98 -3.92 7.08
N GLY A 61 -13.57 -4.39 5.91
CA GLY A 61 -14.41 -4.26 4.73
C GLY A 61 -13.97 -3.05 3.88
N GLU A 62 -12.86 -2.47 4.29
CA GLU A 62 -12.33 -1.30 3.58
C GLU A 62 -11.78 -1.72 2.21
N VAL A 63 -12.59 -1.47 1.18
CA VAL A 63 -12.22 -1.81 -0.17
C VAL A 63 -10.75 -1.42 -0.39
N PRO A 64 -10.19 -1.93 -1.52
CA PRO A 64 -8.80 -1.65 -1.86
C PRO A 64 -8.64 -0.22 -2.39
N VAL A 65 -7.40 0.24 -2.40
CA VAL A 65 -7.11 1.58 -2.87
C VAL A 65 -6.41 1.49 -4.23
N SER A 66 -7.01 2.15 -5.21
CA SER A 66 -6.46 2.15 -6.55
C SER A 66 -5.04 2.72 -6.55
N LEU A 67 -4.16 2.07 -7.28
CA LEU A 67 -2.77 2.51 -7.35
C LEU A 67 -2.54 3.19 -8.70
N ALA A 68 -3.41 4.14 -9.01
CA ALA A 68 -3.31 4.86 -10.27
C ALA A 68 -1.95 5.56 -10.34
N ARG A 69 -1.99 6.88 -10.32
CA ARG A 69 -0.77 7.67 -10.39
C ARG A 69 -0.18 7.83 -8.98
N ALA A 70 -0.66 7.00 -8.07
CA ALA A 70 -0.19 7.05 -6.70
C ALA A 70 1.34 7.17 -6.69
N GLN A 71 1.87 7.53 -5.53
CA GLN A 71 3.30 7.68 -5.38
C GLN A 71 3.82 6.77 -4.26
N GLY A 72 5.04 6.30 -4.45
CA GLY A 72 5.67 5.43 -3.46
C GLY A 72 7.10 5.85 -3.18
N SER A 73 7.29 6.40 -1.98
CA SER A 73 8.61 6.86 -1.58
C SER A 73 8.93 6.34 -0.17
N VAL A 74 10.22 6.34 0.14
CA VAL A 74 10.67 5.87 1.45
C VAL A 74 10.35 6.93 2.50
N ALA A 75 10.20 6.47 3.73
CA ALA A 75 9.89 7.37 4.83
C ALA A 75 11.18 7.75 5.56
N PHE A 76 12.05 8.42 4.83
CA PHE A 76 13.33 8.85 5.39
C PHE A 76 13.13 9.52 6.74
N ASP A 77 12.20 10.46 6.77
CA ASP A 77 11.91 11.19 8.00
C ASP A 77 11.88 10.21 9.18
N TYR A 78 10.98 9.25 9.07
CA TYR A 78 10.84 8.24 10.12
C TYR A 78 12.21 7.74 10.58
N ARG A 79 12.59 8.18 11.77
CA ARG A 79 13.87 7.79 12.34
C ARG A 79 13.68 6.63 13.32
N LYS A 80 12.62 6.73 14.11
CA LYS A 80 12.31 5.69 15.09
C LYS A 80 12.35 4.33 14.41
N ARG A 81 11.28 4.03 13.69
CA ARG A 81 11.17 2.75 12.99
C ARG A 81 12.16 2.72 11.82
N LYS A 82 12.23 1.56 11.18
CA LYS A 82 13.11 1.38 10.04
C LYS A 82 12.35 0.69 8.91
N HIS A 83 12.88 0.83 7.70
CA HIS A 83 12.27 0.23 6.53
C HIS A 83 10.79 0.61 6.47
N VAL A 84 10.56 1.90 6.21
CA VAL A 84 9.20 2.41 6.11
C VAL A 84 9.12 3.38 4.94
N PHE A 85 8.03 3.27 4.20
CA PHE A 85 7.81 4.13 3.05
C PHE A 85 6.42 4.78 3.11
N LYS A 86 6.34 5.98 2.56
CA LYS A 86 5.09 6.72 2.54
C LYS A 86 4.42 6.54 1.17
N LEU A 87 3.17 6.09 1.21
CA LEU A 87 2.42 5.87 -0.01
C LEU A 87 1.34 6.95 -0.13
N GLY A 88 1.52 7.81 -1.13
CA GLY A 88 0.58 8.90 -1.36
C GLY A 88 -0.21 8.66 -2.65
N LEU A 89 -1.51 8.49 -2.48
CA LEU A 89 -2.39 8.26 -3.62
C LEU A 89 -2.57 9.56 -4.40
N GLN A 90 -3.46 9.51 -5.38
CA GLN A 90 -3.73 10.68 -6.20
C GLN A 90 -4.92 11.46 -5.63
N ASP A 91 -5.48 10.93 -4.55
CA ASP A 91 -6.61 11.56 -3.90
C ASP A 91 -6.16 12.18 -2.58
N GLY A 92 -4.86 12.44 -2.50
CA GLY A 92 -4.29 13.03 -1.30
C GLY A 92 -4.37 12.06 -0.12
N LYS A 93 -4.34 10.78 -0.46
CA LYS A 93 -4.40 9.73 0.56
C LYS A 93 -3.00 9.18 0.81
N GLU A 94 -2.44 9.58 1.94
CA GLU A 94 -1.10 9.13 2.31
C GLU A 94 -1.18 7.98 3.32
N TYR A 95 -0.26 7.05 3.18
CA TYR A 95 -0.21 5.91 4.07
C TYR A 95 1.23 5.61 4.51
N LEU A 96 1.34 4.91 5.63
CA LEU A 96 2.64 4.55 6.17
C LEU A 96 2.70 3.04 6.40
N PHE A 97 3.64 2.41 5.73
CA PHE A 97 3.81 0.96 5.86
C PHE A 97 5.24 0.61 6.28
N GLN A 98 5.33 -0.32 7.21
CA GLN A 98 6.63 -0.76 7.70
C GLN A 98 6.91 -2.20 7.27
N ALA A 99 7.91 -2.35 6.42
CA ALA A 99 8.29 -3.66 5.93
C ALA A 99 9.16 -4.36 6.97
N LYS A 100 9.40 -5.65 6.73
CA LYS A 100 10.21 -6.43 7.63
C LYS A 100 11.64 -5.90 7.62
N ASP A 101 12.05 -5.42 6.46
CA ASP A 101 13.39 -4.88 6.30
C ASP A 101 13.48 -4.11 4.99
N GLU A 102 14.66 -3.58 4.72
CA GLU A 102 14.88 -2.80 3.51
C GLU A 102 14.45 -3.62 2.29
N ALA A 103 14.67 -4.92 2.37
CA ALA A 103 14.31 -5.81 1.28
C ALA A 103 12.80 -5.73 1.04
N GLU A 104 12.05 -6.27 1.98
CA GLU A 104 10.60 -6.25 1.88
C GLU A 104 10.10 -4.87 1.47
N MET A 105 10.68 -3.86 2.12
CA MET A 105 10.31 -2.48 1.83
C MET A 105 10.64 -2.11 0.39
N SER A 106 11.94 -2.03 0.12
CA SER A 106 12.41 -1.70 -1.20
C SER A 106 11.57 -2.41 -2.27
N SER A 107 11.33 -3.69 -2.02
CA SER A 107 10.55 -4.49 -2.93
C SER A 107 9.17 -3.86 -3.14
N TRP A 108 8.48 -3.65 -2.03
CA TRP A 108 7.16 -3.05 -2.07
C TRP A 108 7.18 -1.92 -3.10
N LEU A 109 7.96 -0.90 -2.80
CA LEU A 109 8.08 0.25 -3.69
C LEU A 109 8.17 -0.25 -5.13
N ARG A 110 9.16 -1.10 -5.37
CA ARG A 110 9.36 -1.64 -6.71
C ARG A 110 8.06 -2.23 -7.25
N VAL A 111 7.29 -2.82 -6.34
CA VAL A 111 6.02 -3.41 -6.72
C VAL A 111 4.97 -2.31 -6.87
N VAL A 112 4.75 -1.59 -5.78
CA VAL A 112 3.78 -0.51 -5.78
C VAL A 112 3.98 0.35 -7.03
N ASN A 113 5.25 0.63 -7.31
CA ASN A 113 5.60 1.44 -8.48
C ASN A 113 5.23 0.67 -9.75
N ALA A 114 5.43 -0.63 -9.70
CA ALA A 114 5.13 -1.48 -10.84
C ALA A 114 3.63 -1.48 -11.09
N ALA A 115 2.89 -1.09 -10.06
CA ALA A 115 1.44 -1.04 -10.15
C ALA A 115 1.02 0.35 -10.63
N ILE A 116 1.72 1.36 -10.14
CA ILE A 116 1.42 2.73 -10.51
C ILE A 116 1.79 2.95 -11.98
N ALA A 117 2.87 2.31 -12.39
CA ALA A 117 3.34 2.42 -13.76
C ALA A 117 2.35 1.72 -14.69
N SER A 118 1.98 0.51 -14.31
CA SER A 118 1.06 -0.28 -15.09
C SER A 118 -0.37 -0.08 -14.58
N GLY A 119 -0.69 1.18 -14.29
CA GLY A 119 -2.01 1.52 -13.79
C GLY A 119 -2.99 1.75 -14.94
N PRO A 120 -4.12 2.43 -14.61
CA PRO A 120 -5.14 2.72 -15.60
C PRO A 120 -4.69 3.84 -16.54
N SER A 121 -5.42 3.98 -17.64
CA SER A 121 -5.11 5.01 -18.62
C SER A 121 -3.74 4.74 -19.24
N SER A 122 -3.76 3.92 -20.28
CA SER A 122 -2.54 3.57 -20.98
C SER A 122 -2.62 4.02 -22.44
N GLY A 123 -1.58 3.67 -23.19
CA GLY A 123 -1.53 4.02 -24.60
C GLY A 123 -0.94 2.89 -25.43
N GLY A 1 6.53 6.05 -20.48
CA GLY A 1 6.97 4.83 -19.84
C GLY A 1 7.14 3.70 -20.88
N SER A 2 7.98 2.75 -20.52
CA SER A 2 8.25 1.62 -21.41
C SER A 2 6.93 0.94 -21.80
N SER A 3 6.89 0.48 -23.04
CA SER A 3 5.69 -0.18 -23.55
C SER A 3 5.57 -1.57 -22.92
N GLY A 4 4.37 -1.86 -22.44
CA GLY A 4 4.10 -3.15 -21.82
C GLY A 4 3.54 -2.97 -20.40
N SER A 5 2.62 -3.86 -20.06
CA SER A 5 1.99 -3.81 -18.75
C SER A 5 2.63 -4.86 -17.82
N SER A 6 3.57 -4.39 -17.02
CA SER A 6 4.26 -5.26 -16.09
C SER A 6 3.33 -5.65 -14.94
N GLY A 7 3.33 -6.93 -14.62
CA GLY A 7 2.50 -7.43 -13.54
C GLY A 7 3.34 -7.88 -12.35
N GLU A 8 3.34 -7.05 -11.32
CA GLU A 8 4.11 -7.35 -10.11
C GLU A 8 3.21 -7.25 -8.88
N GLN A 9 2.88 -8.40 -8.33
CA GLN A 9 2.03 -8.45 -7.15
C GLN A 9 2.89 -8.63 -5.90
N MET A 10 2.35 -8.12 -4.79
CA MET A 10 3.05 -8.20 -3.52
C MET A 10 2.07 -8.15 -2.35
N GLU A 11 2.19 -9.14 -1.47
CA GLU A 11 1.33 -9.21 -0.30
C GLU A 11 2.10 -9.73 0.90
N GLY A 12 2.06 -8.95 1.97
CA GLY A 12 2.76 -9.32 3.19
C GLY A 12 2.35 -8.41 4.35
N MET A 13 2.62 -8.89 5.56
CA MET A 13 2.28 -8.14 6.75
C MET A 13 2.98 -6.78 6.77
N LEU A 14 2.19 -5.74 6.92
CA LEU A 14 2.72 -4.38 6.95
C LEU A 14 1.90 -3.54 7.92
N CYS A 15 2.54 -2.50 8.43
CA CYS A 15 1.88 -1.60 9.37
C CYS A 15 1.35 -0.40 8.60
N ARG A 16 0.09 -0.48 8.21
CA ARG A 16 -0.55 0.60 7.47
C ARG A 16 -1.14 1.64 8.42
N LYS A 17 -0.63 2.86 8.30
CA LYS A 17 -1.11 3.94 9.14
C LYS A 17 -1.62 5.09 8.26
N GLN A 18 -2.93 5.25 8.26
CA GLN A 18 -3.54 6.30 7.46
C GLN A 18 -3.23 7.67 8.06
N GLU A 19 -2.44 8.43 7.33
CA GLU A 19 -2.05 9.76 7.77
C GLU A 19 -3.08 10.79 7.30
N MET A 20 -3.45 10.68 6.04
CA MET A 20 -4.42 11.60 5.46
C MET A 20 -5.42 10.85 4.57
N GLU A 21 -6.67 11.28 4.64
CA GLU A 21 -7.72 10.67 3.86
C GLU A 21 -8.01 11.51 2.61
N ALA A 22 -7.44 12.71 2.58
CA ALA A 22 -7.63 13.61 1.47
C ALA A 22 -6.86 14.90 1.72
N PHE A 23 -6.85 15.76 0.71
CA PHE A 23 -6.16 17.03 0.81
C PHE A 23 -6.59 17.79 2.06
N GLY A 24 -5.62 18.05 2.93
CA GLY A 24 -5.89 18.78 4.16
C GLY A 24 -6.90 18.02 5.02
N LYS A 25 -7.10 16.76 4.68
CA LYS A 25 -8.04 15.93 5.41
C LYS A 25 -7.27 14.89 6.23
N LYS A 26 -7.51 14.89 7.52
CA LYS A 26 -6.85 13.95 8.42
C LYS A 26 -7.65 12.64 8.46
N ALA A 27 -6.93 11.55 8.66
CA ALA A 27 -7.55 10.25 8.73
C ALA A 27 -8.41 10.16 9.99
N ALA A 28 -9.44 9.32 9.92
CA ALA A 28 -10.34 9.14 11.04
C ALA A 28 -9.53 9.06 12.34
N ASN A 29 -8.99 7.87 12.58
CA ASN A 29 -8.19 7.64 13.78
C ASN A 29 -6.76 8.13 13.53
N ARG A 30 -6.18 7.61 12.45
CA ARG A 30 -4.82 7.98 12.09
C ARG A 30 -3.83 7.33 13.05
N SER A 31 -4.02 6.04 13.28
CA SER A 31 -3.15 5.30 14.18
C SER A 31 -2.48 4.16 13.42
N TRP A 32 -1.46 3.59 14.05
CA TRP A 32 -0.73 2.47 13.46
C TRP A 32 -1.51 1.19 13.74
N GLN A 33 -1.75 0.45 12.68
CA GLN A 33 -2.49 -0.80 12.80
C GLN A 33 -1.92 -1.85 11.83
N ASN A 34 -1.70 -3.04 12.36
CA ASN A 34 -1.16 -4.13 11.57
C ASN A 34 -2.18 -4.54 10.50
N VAL A 35 -1.90 -4.11 9.28
CA VAL A 35 -2.78 -4.41 8.16
C VAL A 35 -1.97 -5.08 7.04
N TYR A 36 -2.46 -6.23 6.61
CA TYR A 36 -1.79 -6.98 5.55
C TYR A 36 -2.03 -6.31 4.19
N CYS A 37 -0.93 -5.81 3.61
CA CYS A 37 -1.01 -5.16 2.32
C CYS A 37 -1.09 -6.25 1.23
N VAL A 38 -2.02 -6.05 0.32
CA VAL A 38 -2.21 -6.99 -0.76
C VAL A 38 -2.30 -6.24 -2.09
N LEU A 39 -1.22 -6.32 -2.86
CA LEU A 39 -1.17 -5.65 -4.15
C LEU A 39 -1.56 -6.63 -5.25
N ARG A 40 -2.40 -6.16 -6.16
CA ARG A 40 -2.85 -6.99 -7.27
C ARG A 40 -3.57 -6.14 -8.31
N ARG A 41 -3.31 -6.44 -9.56
CA ARG A 41 -3.92 -5.71 -10.66
C ARG A 41 -3.75 -4.20 -10.46
N GLY A 42 -2.67 -3.85 -9.79
CA GLY A 42 -2.37 -2.45 -9.52
C GLY A 42 -3.35 -1.87 -8.49
N SER A 43 -3.56 -2.64 -7.44
CA SER A 43 -4.46 -2.22 -6.37
C SER A 43 -3.97 -2.74 -5.02
N LEU A 44 -3.75 -1.81 -4.11
CA LEU A 44 -3.29 -2.16 -2.78
C LEU A 44 -4.49 -2.43 -1.87
N GLY A 45 -4.64 -3.69 -1.49
CA GLY A 45 -5.74 -4.08 -0.63
C GLY A 45 -5.27 -4.24 0.82
N PHE A 46 -6.20 -4.07 1.74
CA PHE A 46 -5.90 -4.19 3.16
C PHE A 46 -6.67 -5.36 3.78
N TYR A 47 -5.93 -6.15 4.56
CA TYR A 47 -6.53 -7.30 5.21
C TYR A 47 -5.91 -7.52 6.60
N LYS A 48 -6.63 -8.27 7.42
CA LYS A 48 -6.17 -8.57 8.76
C LYS A 48 -4.74 -9.12 8.70
N ASP A 49 -4.63 -10.32 8.13
CA ASP A 49 -3.34 -10.98 8.00
C ASP A 49 -3.37 -11.92 6.79
N ALA A 50 -2.28 -12.64 6.62
CA ALA A 50 -2.16 -13.57 5.50
C ALA A 50 -3.24 -14.65 5.64
N LYS A 51 -3.83 -14.70 6.83
CA LYS A 51 -4.87 -15.68 7.09
C LYS A 51 -6.20 -15.19 6.51
N ALA A 52 -6.34 -13.87 6.48
CA ALA A 52 -7.55 -13.27 5.94
C ALA A 52 -7.42 -13.15 4.42
N ALA A 53 -6.34 -12.49 4.00
CA ALA A 53 -6.09 -12.30 2.59
C ALA A 53 -6.44 -13.59 1.82
N SER A 54 -5.93 -14.70 2.34
CA SER A 54 -6.18 -15.99 1.73
C SER A 54 -7.68 -16.30 1.75
N ALA A 55 -8.29 -16.02 2.89
CA ALA A 55 -9.71 -16.26 3.06
C ALA A 55 -10.50 -15.17 2.34
N GLY A 56 -9.76 -14.24 1.75
CA GLY A 56 -10.37 -13.14 1.02
C GLY A 56 -11.30 -12.34 1.93
N VAL A 57 -10.89 -12.21 3.19
CA VAL A 57 -11.69 -11.47 4.16
C VAL A 57 -11.05 -10.10 4.39
N PRO A 58 -11.86 -9.05 4.14
CA PRO A 58 -11.39 -7.68 4.32
C PRO A 58 -11.31 -7.32 5.80
N TYR A 59 -10.18 -6.72 6.17
CA TYR A 59 -9.98 -6.31 7.55
C TYR A 59 -11.19 -5.56 8.09
N HIS A 60 -11.44 -4.40 7.52
CA HIS A 60 -12.57 -3.59 7.92
C HIS A 60 -13.53 -3.38 6.75
N GLY A 61 -13.71 -4.45 5.99
CA GLY A 61 -14.59 -4.41 4.83
C GLY A 61 -14.18 -3.27 3.88
N GLU A 62 -12.93 -2.87 4.00
CA GLU A 62 -12.40 -1.81 3.15
C GLU A 62 -11.87 -2.38 1.84
N VAL A 63 -12.20 -1.71 0.75
CA VAL A 63 -11.77 -2.13 -0.57
C VAL A 63 -10.32 -1.69 -0.78
N PRO A 64 -9.74 -2.19 -1.91
CA PRO A 64 -8.36 -1.86 -2.25
C PRO A 64 -8.25 -0.43 -2.79
N VAL A 65 -7.14 0.20 -2.45
CA VAL A 65 -6.91 1.57 -2.89
C VAL A 65 -6.18 1.56 -4.23
N SER A 66 -6.76 2.27 -5.18
CA SER A 66 -6.18 2.35 -6.52
C SER A 66 -4.88 3.16 -6.48
N LEU A 67 -3.82 2.53 -6.96
CA LEU A 67 -2.51 3.18 -6.98
C LEU A 67 -2.37 3.96 -8.30
N ALA A 68 -3.43 4.64 -8.67
CA ALA A 68 -3.42 5.43 -9.89
C ALA A 68 -2.91 6.83 -9.59
N ARG A 69 -1.84 7.20 -10.30
CA ARG A 69 -1.24 8.51 -10.11
C ARG A 69 -0.78 8.68 -8.67
N ALA A 70 -0.58 7.55 -8.01
CA ALA A 70 -0.14 7.57 -6.62
C ALA A 70 1.39 7.71 -6.57
N GLN A 71 1.89 7.93 -5.37
CA GLN A 71 3.32 8.09 -5.17
C GLN A 71 3.81 7.18 -4.03
N GLY A 72 4.97 6.57 -4.25
CA GLY A 72 5.54 5.69 -3.25
C GLY A 72 7.04 5.96 -3.08
N SER A 73 7.38 6.50 -1.92
CA SER A 73 8.76 6.82 -1.62
C SER A 73 9.08 6.42 -0.17
N VAL A 74 10.37 6.29 0.11
CA VAL A 74 10.82 5.93 1.44
C VAL A 74 10.45 7.05 2.41
N ALA A 75 10.16 6.64 3.64
CA ALA A 75 9.79 7.59 4.68
C ALA A 75 11.02 7.90 5.53
N PHE A 76 12.09 8.31 4.84
CA PHE A 76 13.33 8.64 5.53
C PHE A 76 13.06 9.54 6.74
N ASP A 77 12.19 10.50 6.54
CA ASP A 77 11.84 11.44 7.60
C ASP A 77 11.59 10.65 8.90
N TYR A 78 10.70 9.67 8.79
CA TYR A 78 10.37 8.85 9.95
C TYR A 78 11.62 8.45 10.72
N ARG A 79 11.60 8.69 12.02
CA ARG A 79 12.73 8.37 12.87
C ARG A 79 12.25 7.60 14.10
N LYS A 80 11.58 6.48 13.85
CA LYS A 80 11.07 5.65 14.92
C LYS A 80 11.30 4.18 14.57
N ARG A 81 10.79 3.79 13.41
CA ARG A 81 10.94 2.41 12.95
C ARG A 81 11.93 2.34 11.80
N LYS A 82 12.03 1.16 11.21
CA LYS A 82 12.94 0.94 10.08
C LYS A 82 12.15 0.39 8.90
N HIS A 83 12.73 0.56 7.72
CA HIS A 83 12.10 0.09 6.50
C HIS A 83 10.65 0.58 6.45
N VAL A 84 10.50 1.89 6.31
CA VAL A 84 9.19 2.49 6.25
C VAL A 84 9.12 3.44 5.05
N PHE A 85 8.09 3.24 4.24
CA PHE A 85 7.89 4.06 3.06
C PHE A 85 6.50 4.67 3.03
N LYS A 86 6.43 5.90 2.54
CA LYS A 86 5.15 6.60 2.46
C LYS A 86 4.50 6.31 1.11
N LEU A 87 3.18 6.32 1.11
CA LEU A 87 2.41 6.06 -0.10
C LEU A 87 1.31 7.10 -0.24
N GLY A 88 1.59 8.10 -1.07
CA GLY A 88 0.63 9.17 -1.30
C GLY A 88 -0.20 8.90 -2.55
N LEU A 89 -1.50 8.69 -2.33
CA LEU A 89 -2.41 8.41 -3.43
C LEU A 89 -2.64 9.70 -4.23
N GLN A 90 -3.63 9.64 -5.11
CA GLN A 90 -3.96 10.79 -5.93
C GLN A 90 -5.14 11.55 -5.32
N ASP A 91 -5.80 10.91 -4.37
CA ASP A 91 -6.94 11.51 -3.71
C ASP A 91 -6.50 12.10 -2.36
N GLY A 92 -5.23 12.49 -2.32
CA GLY A 92 -4.68 13.07 -1.11
C GLY A 92 -4.70 12.06 0.04
N LYS A 93 -4.53 10.80 -0.31
CA LYS A 93 -4.53 9.73 0.67
C LYS A 93 -3.10 9.25 0.90
N GLU A 94 -2.58 9.61 2.07
CA GLU A 94 -1.22 9.23 2.42
C GLU A 94 -1.24 8.08 3.44
N TYR A 95 -0.39 7.10 3.19
CA TYR A 95 -0.30 5.94 4.08
C TYR A 95 1.16 5.62 4.41
N LEU A 96 1.34 4.95 5.54
CA LEU A 96 2.67 4.58 5.99
C LEU A 96 2.70 3.07 6.25
N PHE A 97 3.59 2.39 5.53
CA PHE A 97 3.73 0.96 5.68
C PHE A 97 5.15 0.60 6.13
N GLN A 98 5.22 -0.07 7.28
CA GLN A 98 6.50 -0.48 7.83
C GLN A 98 6.81 -1.93 7.44
N ALA A 99 7.70 -2.07 6.47
CA ALA A 99 8.10 -3.38 5.99
C ALA A 99 8.81 -4.13 7.12
N LYS A 100 9.20 -5.36 6.81
CA LYS A 100 9.88 -6.19 7.78
C LYS A 100 11.39 -5.89 7.74
N ASP A 101 11.87 -5.58 6.55
CA ASP A 101 13.26 -5.27 6.35
C ASP A 101 13.42 -4.39 5.12
N GLU A 102 14.67 -3.99 4.87
CA GLU A 102 14.96 -3.15 3.72
C GLU A 102 14.44 -3.79 2.44
N ALA A 103 14.77 -5.07 2.26
CA ALA A 103 14.34 -5.80 1.10
C ALA A 103 12.82 -5.66 0.94
N GLU A 104 12.11 -6.25 1.88
CA GLU A 104 10.65 -6.21 1.86
C GLU A 104 10.17 -4.84 1.37
N MET A 105 10.71 -3.80 2.00
CA MET A 105 10.35 -2.44 1.64
C MET A 105 10.66 -2.17 0.16
N SER A 106 11.94 -2.06 -0.14
CA SER A 106 12.37 -1.80 -1.50
C SER A 106 11.44 -2.51 -2.49
N SER A 107 11.20 -3.78 -2.22
CA SER A 107 10.33 -4.58 -3.08
C SER A 107 8.96 -3.92 -3.18
N TRP A 108 8.37 -3.64 -2.02
CA TRP A 108 7.06 -3.02 -1.97
C TRP A 108 7.08 -1.80 -2.90
N LEU A 109 8.11 -0.98 -2.73
CA LEU A 109 8.27 0.20 -3.55
C LEU A 109 8.32 -0.19 -5.02
N ARG A 110 9.16 -1.18 -5.30
CA ARG A 110 9.32 -1.67 -6.66
C ARG A 110 7.98 -2.18 -7.20
N VAL A 111 7.27 -2.90 -6.34
CA VAL A 111 5.99 -3.46 -6.71
C VAL A 111 4.96 -2.33 -6.84
N VAL A 112 4.79 -1.60 -5.75
CA VAL A 112 3.85 -0.49 -5.73
C VAL A 112 4.10 0.41 -6.95
N ASN A 113 5.37 0.53 -7.31
CA ASN A 113 5.75 1.35 -8.44
C ASN A 113 5.33 0.65 -9.74
N ALA A 114 5.47 -0.67 -9.74
CA ALA A 114 5.12 -1.46 -10.90
C ALA A 114 3.59 -1.42 -11.08
N ALA A 115 2.91 -1.03 -10.03
CA ALA A 115 1.45 -0.93 -10.06
C ALA A 115 1.05 0.47 -10.50
N ILE A 116 1.73 1.46 -9.91
CA ILE A 116 1.44 2.85 -10.23
C ILE A 116 1.60 3.06 -11.74
N ALA A 117 2.79 2.77 -12.22
CA ALA A 117 3.08 2.93 -13.64
C ALA A 117 2.03 2.16 -14.46
N SER A 118 1.99 0.86 -14.22
CA SER A 118 1.04 0.01 -14.93
C SER A 118 -0.36 0.64 -14.88
N GLY A 119 -0.77 1.19 -16.02
CA GLY A 119 -2.06 1.83 -16.13
C GLY A 119 -3.10 1.09 -15.28
N PRO A 120 -3.85 1.89 -14.46
CA PRO A 120 -4.87 1.33 -13.60
C PRO A 120 -6.11 0.94 -14.40
N SER A 121 -6.09 -0.30 -14.88
CA SER A 121 -7.21 -0.80 -15.66
C SER A 121 -7.41 0.06 -16.91
N SER A 122 -7.19 -0.56 -18.06
CA SER A 122 -7.34 0.14 -19.32
C SER A 122 -6.33 1.30 -19.41
N GLY A 123 -5.23 1.03 -20.09
CA GLY A 123 -4.20 2.02 -20.26
C GLY A 123 -2.93 1.41 -20.89
N GLY A 1 -12.37 -13.78 -9.97
CA GLY A 1 -11.82 -13.36 -11.24
C GLY A 1 -10.45 -14.01 -11.49
N SER A 2 -10.35 -14.71 -12.60
CA SER A 2 -9.12 -15.39 -12.96
C SER A 2 -8.31 -14.51 -13.93
N SER A 3 -7.01 -14.77 -13.96
CA SER A 3 -6.12 -14.03 -14.83
C SER A 3 -4.69 -14.56 -14.71
N GLY A 4 -4.19 -14.53 -13.48
CA GLY A 4 -2.84 -15.00 -13.22
C GLY A 4 -1.81 -13.89 -13.45
N SER A 5 -0.83 -14.20 -14.27
CA SER A 5 0.22 -13.24 -14.58
C SER A 5 -0.38 -11.99 -15.19
N SER A 6 -0.46 -10.93 -14.38
CA SER A 6 -1.01 -9.68 -14.84
C SER A 6 0.06 -8.59 -14.78
N GLY A 7 0.66 -8.44 -13.62
CA GLY A 7 1.69 -7.44 -13.42
C GLY A 7 2.53 -7.75 -12.18
N GLU A 8 3.11 -6.70 -11.62
CA GLU A 8 3.93 -6.85 -10.43
C GLU A 8 3.07 -6.81 -9.17
N GLN A 9 2.83 -7.98 -8.62
CA GLN A 9 2.02 -8.10 -7.43
C GLN A 9 2.91 -8.26 -6.19
N MET A 10 2.32 -7.96 -5.04
CA MET A 10 3.05 -8.07 -3.78
C MET A 10 2.10 -8.02 -2.59
N GLU A 11 2.26 -8.99 -1.70
CA GLU A 11 1.42 -9.06 -0.52
C GLU A 11 2.24 -9.58 0.68
N GLY A 12 2.09 -8.88 1.79
CA GLY A 12 2.80 -9.26 3.01
C GLY A 12 2.32 -8.43 4.20
N MET A 13 2.78 -8.83 5.38
CA MET A 13 2.41 -8.13 6.59
C MET A 13 3.12 -6.77 6.69
N LEU A 14 2.30 -5.73 6.77
CA LEU A 14 2.83 -4.38 6.86
C LEU A 14 1.97 -3.56 7.84
N CYS A 15 2.58 -2.54 8.40
CA CYS A 15 1.89 -1.69 9.35
C CYS A 15 1.35 -0.47 8.59
N ARG A 16 0.08 -0.57 8.20
CA ARG A 16 -0.56 0.51 7.46
C ARG A 16 -1.17 1.52 8.44
N LYS A 17 -0.69 2.75 8.35
CA LYS A 17 -1.19 3.81 9.21
C LYS A 17 -1.72 4.95 8.36
N GLN A 18 -3.03 4.92 8.13
CA GLN A 18 -3.68 5.94 7.33
C GLN A 18 -3.45 7.32 7.95
N GLU A 19 -2.65 8.12 7.28
CA GLU A 19 -2.35 9.46 7.75
C GLU A 19 -3.34 10.47 7.17
N MET A 20 -3.46 10.45 5.85
CA MET A 20 -4.37 11.35 5.17
C MET A 20 -5.44 10.57 4.41
N GLU A 21 -6.64 11.11 4.43
CA GLU A 21 -7.76 10.49 3.75
C GLU A 21 -8.20 11.31 2.54
N ALA A 22 -7.73 12.55 2.51
CA ALA A 22 -8.05 13.46 1.42
C ALA A 22 -7.18 14.71 1.53
N PHE A 23 -7.15 15.46 0.44
CA PHE A 23 -6.36 16.69 0.41
C PHE A 23 -6.58 17.53 1.66
N GLY A 24 -5.49 17.78 2.37
CA GLY A 24 -5.55 18.55 3.59
C GLY A 24 -6.59 17.98 4.56
N LYS A 25 -6.92 16.72 4.33
CA LYS A 25 -7.89 16.04 5.17
C LYS A 25 -7.18 14.95 5.99
N LYS A 26 -7.37 15.04 7.30
CA LYS A 26 -6.75 14.08 8.21
C LYS A 26 -7.72 12.92 8.46
N ALA A 27 -7.18 11.71 8.45
CA ALA A 27 -7.98 10.52 8.68
C ALA A 27 -8.40 10.47 10.14
N ALA A 28 -9.65 10.05 10.35
CA ALA A 28 -10.19 9.96 11.69
C ALA A 28 -9.11 9.40 12.63
N ASN A 29 -8.93 8.09 12.56
CA ASN A 29 -7.94 7.43 13.40
C ASN A 29 -6.61 7.37 12.66
N ARG A 30 -5.55 7.70 13.38
CA ARG A 30 -4.22 7.69 12.80
C ARG A 30 -3.27 6.88 13.67
N SER A 31 -3.67 5.64 13.94
CA SER A 31 -2.86 4.75 14.76
C SER A 31 -2.23 3.66 13.88
N TRP A 32 -1.18 3.06 14.41
CA TRP A 32 -0.48 2.00 13.69
C TRP A 32 -1.23 0.69 13.94
N GLN A 33 -1.46 -0.04 12.85
CA GLN A 33 -2.15 -1.31 12.94
C GLN A 33 -1.60 -2.28 11.89
N ASN A 34 -1.35 -3.51 12.34
CA ASN A 34 -0.83 -4.54 11.46
C ASN A 34 -1.88 -4.88 10.41
N VAL A 35 -1.66 -4.38 9.20
CA VAL A 35 -2.59 -4.62 8.10
C VAL A 35 -1.84 -5.32 6.97
N TYR A 36 -2.42 -6.42 6.50
CA TYR A 36 -1.82 -7.18 5.42
C TYR A 36 -2.03 -6.49 4.08
N CYS A 37 -0.94 -5.97 3.54
CA CYS A 37 -0.99 -5.27 2.25
C CYS A 37 -1.08 -6.31 1.15
N VAL A 38 -2.01 -6.08 0.23
CA VAL A 38 -2.20 -6.99 -0.88
C VAL A 38 -2.31 -6.19 -2.19
N LEU A 39 -1.25 -6.25 -2.96
CA LEU A 39 -1.20 -5.53 -4.23
C LEU A 39 -1.56 -6.49 -5.37
N ARG A 40 -2.37 -6.00 -6.30
CA ARG A 40 -2.79 -6.80 -7.43
C ARG A 40 -3.51 -5.92 -8.45
N ARG A 41 -3.33 -6.27 -9.72
CA ARG A 41 -3.96 -5.55 -10.80
C ARG A 41 -3.85 -4.04 -10.55
N GLY A 42 -2.78 -3.66 -9.87
CA GLY A 42 -2.55 -2.25 -9.55
C GLY A 42 -3.58 -1.75 -8.53
N SER A 43 -3.63 -2.46 -7.41
CA SER A 43 -4.56 -2.09 -6.35
C SER A 43 -4.07 -2.66 -5.01
N LEU A 44 -3.90 -1.77 -4.04
CA LEU A 44 -3.45 -2.17 -2.73
C LEU A 44 -4.65 -2.47 -1.84
N GLY A 45 -4.69 -3.70 -1.34
CA GLY A 45 -5.77 -4.13 -0.49
C GLY A 45 -5.30 -4.30 0.96
N PHE A 46 -6.25 -4.19 1.88
CA PHE A 46 -5.94 -4.34 3.29
C PHE A 46 -6.77 -5.46 3.92
N TYR A 47 -6.11 -6.25 4.75
CA TYR A 47 -6.77 -7.36 5.41
C TYR A 47 -6.18 -7.59 6.80
N LYS A 48 -7.01 -8.14 7.69
CA LYS A 48 -6.59 -8.42 9.05
C LYS A 48 -5.16 -8.97 9.02
N ASP A 49 -5.00 -10.08 8.31
CA ASP A 49 -3.70 -10.71 8.20
C ASP A 49 -3.70 -11.67 7.01
N ALA A 50 -2.61 -12.41 6.88
CA ALA A 50 -2.48 -13.36 5.79
C ALA A 50 -3.55 -14.44 5.92
N LYS A 51 -4.18 -14.47 7.09
CA LYS A 51 -5.23 -15.44 7.37
C LYS A 51 -6.57 -14.90 6.86
N ALA A 52 -6.60 -13.60 6.66
CA ALA A 52 -7.82 -12.94 6.19
C ALA A 52 -7.70 -12.74 4.68
N ALA A 53 -6.49 -12.82 4.18
CA ALA A 53 -6.23 -12.64 2.76
C ALA A 53 -6.70 -13.89 2.01
N SER A 54 -6.48 -15.04 2.62
CA SER A 54 -6.88 -16.30 2.03
C SER A 54 -8.40 -16.43 2.02
N ALA A 55 -9.00 -15.98 3.12
CA ALA A 55 -10.45 -16.04 3.25
C ALA A 55 -11.06 -14.84 2.53
N GLY A 56 -10.20 -13.94 2.10
CA GLY A 56 -10.64 -12.75 1.40
C GLY A 56 -11.51 -11.88 2.30
N VAL A 57 -11.00 -11.62 3.49
CA VAL A 57 -11.72 -10.81 4.46
C VAL A 57 -11.09 -9.41 4.51
N PRO A 58 -11.83 -8.43 3.92
CA PRO A 58 -11.37 -7.06 3.89
C PRO A 58 -11.52 -6.40 5.25
N TYR A 59 -10.43 -5.80 5.71
CA TYR A 59 -10.43 -5.14 7.01
C TYR A 59 -11.65 -4.21 7.13
N HIS A 60 -12.51 -4.55 8.09
CA HIS A 60 -13.71 -3.76 8.33
C HIS A 60 -14.44 -3.54 7.00
N GLY A 61 -14.16 -4.41 6.05
CA GLY A 61 -14.79 -4.32 4.74
C GLY A 61 -14.17 -3.20 3.92
N GLU A 62 -12.88 -3.01 4.12
CA GLU A 62 -12.16 -1.97 3.39
C GLU A 62 -11.68 -2.49 2.04
N VAL A 63 -12.02 -1.76 1.00
CA VAL A 63 -11.62 -2.14 -0.34
C VAL A 63 -10.19 -1.69 -0.60
N PRO A 64 -9.64 -2.16 -1.76
CA PRO A 64 -8.28 -1.82 -2.13
C PRO A 64 -8.19 -0.38 -2.64
N VAL A 65 -7.05 0.24 -2.36
CA VAL A 65 -6.83 1.62 -2.78
C VAL A 65 -6.20 1.63 -4.17
N SER A 66 -6.84 2.36 -5.08
CA SER A 66 -6.36 2.46 -6.43
C SER A 66 -5.06 3.27 -6.47
N LEU A 67 -4.04 2.67 -7.08
CA LEU A 67 -2.75 3.32 -7.19
C LEU A 67 -2.70 4.15 -8.47
N ALA A 68 -3.81 4.83 -8.74
CA ALA A 68 -3.92 5.67 -9.92
C ALA A 68 -3.32 7.05 -9.62
N ARG A 69 -2.18 7.31 -10.27
CA ARG A 69 -1.50 8.58 -10.08
C ARG A 69 -0.89 8.65 -8.68
N ALA A 70 -0.75 7.49 -8.07
CA ALA A 70 -0.18 7.41 -6.74
C ALA A 70 1.35 7.42 -6.84
N GLN A 71 1.98 7.51 -5.68
CA GLN A 71 3.43 7.52 -5.62
C GLN A 71 3.92 6.91 -4.31
N GLY A 72 4.91 6.03 -4.43
CA GLY A 72 5.48 5.37 -3.26
C GLY A 72 6.91 5.83 -3.02
N SER A 73 7.11 6.46 -1.87
CA SER A 73 8.43 6.96 -1.50
C SER A 73 8.84 6.35 -0.16
N VAL A 74 10.15 6.38 0.09
CA VAL A 74 10.69 5.85 1.33
C VAL A 74 10.68 6.95 2.39
N ALA A 75 10.63 6.51 3.65
CA ALA A 75 10.61 7.44 4.75
C ALA A 75 11.90 7.29 5.57
N PHE A 76 12.97 7.84 5.02
CA PHE A 76 14.27 7.77 5.68
C PHE A 76 14.38 8.81 6.79
N ASP A 77 13.27 9.51 7.01
CA ASP A 77 13.23 10.53 8.04
C ASP A 77 11.92 10.40 8.83
N TYR A 78 11.65 9.19 9.27
CA TYR A 78 10.45 8.91 10.03
C TYR A 78 10.78 8.63 11.50
N ARG A 79 11.96 8.07 11.71
CA ARG A 79 12.41 7.73 13.05
C ARG A 79 11.45 6.74 13.70
N LYS A 80 11.78 6.36 14.92
CA LYS A 80 10.96 5.42 15.67
C LYS A 80 11.21 4.01 15.13
N ARG A 81 10.74 3.78 13.90
CA ARG A 81 10.91 2.48 13.27
C ARG A 81 11.94 2.57 12.15
N LYS A 82 12.12 1.46 11.45
CA LYS A 82 13.07 1.40 10.35
C LYS A 82 12.40 0.75 9.14
N HIS A 83 12.98 1.01 7.98
CA HIS A 83 12.46 0.46 6.74
C HIS A 83 10.97 0.79 6.62
N VAL A 84 10.70 2.09 6.51
CA VAL A 84 9.32 2.55 6.38
C VAL A 84 9.22 3.49 5.17
N PHE A 85 8.16 3.30 4.41
CA PHE A 85 7.92 4.11 3.23
C PHE A 85 6.52 4.73 3.26
N LYS A 86 6.46 5.99 2.83
CA LYS A 86 5.19 6.70 2.80
C LYS A 86 4.54 6.52 1.42
N LEU A 87 3.37 5.91 1.44
CA LEU A 87 2.63 5.67 0.20
C LEU A 87 1.63 6.81 -0.02
N GLY A 88 2.04 7.74 -0.86
CA GLY A 88 1.19 8.89 -1.17
C GLY A 88 0.44 8.67 -2.48
N LEU A 89 -0.88 8.56 -2.35
CA LEU A 89 -1.73 8.35 -3.51
C LEU A 89 -1.72 9.62 -4.38
N GLN A 90 -2.92 10.05 -4.73
CA GLN A 90 -3.07 11.24 -5.55
C GLN A 90 -3.09 12.49 -4.67
N ASP A 91 -2.49 12.36 -3.49
CA ASP A 91 -2.44 13.47 -2.56
C ASP A 91 -3.69 13.45 -1.67
N GLY A 92 -4.71 12.76 -2.16
CA GLY A 92 -5.96 12.66 -1.43
C GLY A 92 -5.93 11.45 -0.48
N LYS A 93 -4.76 10.87 -0.34
CA LYS A 93 -4.59 9.71 0.52
C LYS A 93 -3.11 9.46 0.75
N GLU A 94 -2.75 9.29 2.02
CA GLU A 94 -1.37 9.05 2.39
C GLU A 94 -1.29 8.05 3.54
N TYR A 95 -0.63 6.93 3.26
CA TYR A 95 -0.48 5.89 4.28
C TYR A 95 0.99 5.70 4.65
N LEU A 96 1.20 5.00 5.75
CA LEU A 96 2.55 4.73 6.24
C LEU A 96 2.70 3.24 6.50
N PHE A 97 3.48 2.59 5.65
CA PHE A 97 3.72 1.16 5.79
C PHE A 97 5.14 0.89 6.26
N GLN A 98 5.26 -0.06 7.17
CA GLN A 98 6.56 -0.43 7.71
C GLN A 98 6.93 -1.85 7.28
N ALA A 99 7.77 -1.92 6.27
CA ALA A 99 8.21 -3.20 5.75
C ALA A 99 8.90 -3.99 6.87
N LYS A 100 9.27 -5.22 6.54
CA LYS A 100 9.93 -6.09 7.51
C LYS A 100 11.44 -5.78 7.51
N ASP A 101 11.89 -5.23 6.39
CA ASP A 101 13.30 -4.89 6.26
C ASP A 101 13.50 -4.06 4.99
N GLU A 102 14.76 -3.75 4.71
CA GLU A 102 15.09 -2.96 3.54
C GLU A 102 14.56 -3.64 2.28
N ALA A 103 14.66 -4.96 2.26
CA ALA A 103 14.20 -5.73 1.12
C ALA A 103 12.69 -5.53 0.96
N GLU A 104 11.94 -6.11 1.88
CA GLU A 104 10.49 -6.00 1.85
C GLU A 104 10.07 -4.58 1.46
N MET A 105 10.77 -3.61 2.05
CA MET A 105 10.48 -2.22 1.78
C MET A 105 10.75 -1.88 0.31
N SER A 106 12.03 -1.89 -0.04
CA SER A 106 12.43 -1.59 -1.41
C SER A 106 11.53 -2.33 -2.39
N SER A 107 11.40 -3.63 -2.17
CA SER A 107 10.56 -4.46 -3.03
C SER A 107 9.19 -3.81 -3.22
N TRP A 108 8.52 -3.60 -2.10
CA TRP A 108 7.20 -2.99 -2.13
C TRP A 108 7.24 -1.81 -3.11
N LEU A 109 8.05 -0.82 -2.75
CA LEU A 109 8.18 0.35 -3.59
C LEU A 109 8.32 -0.07 -5.06
N ARG A 110 9.24 -1.01 -5.29
CA ARG A 110 9.47 -1.51 -6.62
C ARG A 110 8.18 -2.08 -7.22
N VAL A 111 7.37 -2.67 -6.35
CA VAL A 111 6.12 -3.26 -6.76
C VAL A 111 5.07 -2.15 -6.92
N VAL A 112 4.83 -1.45 -5.82
CA VAL A 112 3.87 -0.36 -5.83
C VAL A 112 4.10 0.52 -7.05
N ASN A 113 5.38 0.72 -7.37
CA ASN A 113 5.74 1.54 -8.51
C ASN A 113 5.40 0.78 -9.80
N ALA A 114 5.60 -0.52 -9.76
CA ALA A 114 5.32 -1.36 -10.91
C ALA A 114 3.81 -1.39 -11.16
N ALA A 115 3.07 -1.00 -10.12
CA ALA A 115 1.62 -0.98 -10.21
C ALA A 115 1.16 0.40 -10.68
N ILE A 116 1.74 1.42 -10.07
CA ILE A 116 1.40 2.80 -10.41
C ILE A 116 1.62 3.02 -11.91
N ALA A 117 2.87 2.85 -12.31
CA ALA A 117 3.22 3.03 -13.72
C ALA A 117 2.26 2.23 -14.59
N SER A 118 2.28 0.92 -14.40
CA SER A 118 1.42 0.04 -15.17
C SER A 118 -0.01 0.60 -15.20
N GLY A 119 -0.53 0.85 -14.00
CA GLY A 119 -1.88 1.39 -13.89
C GLY A 119 -2.89 0.27 -13.60
N PRO A 120 -4.08 0.69 -13.09
CA PRO A 120 -5.13 -0.26 -12.77
C PRO A 120 -5.81 -0.76 -14.04
N SER A 121 -5.09 -1.60 -14.77
CA SER A 121 -5.61 -2.16 -16.00
C SER A 121 -5.84 -1.06 -17.03
N SER A 122 -4.93 -0.99 -17.99
CA SER A 122 -5.02 0.01 -19.03
C SER A 122 -5.83 -0.52 -20.22
N GLY A 123 -6.45 0.39 -20.94
CA GLY A 123 -7.25 0.02 -22.10
C GLY A 123 -7.11 1.05 -23.22
N GLY A 1 4.97 4.98 -25.21
CA GLY A 1 4.62 4.53 -23.87
C GLY A 1 3.61 3.40 -23.91
N SER A 2 4.12 2.18 -23.85
CA SER A 2 3.27 1.00 -23.88
C SER A 2 4.11 -0.26 -23.63
N SER A 3 4.30 -0.55 -22.36
CA SER A 3 5.07 -1.72 -21.97
C SER A 3 4.49 -2.98 -22.61
N GLY A 4 3.21 -3.20 -22.32
CA GLY A 4 2.52 -4.36 -22.87
C GLY A 4 2.10 -5.32 -21.75
N SER A 5 2.84 -6.42 -21.64
CA SER A 5 2.55 -7.41 -20.62
C SER A 5 3.38 -7.13 -19.36
N SER A 6 2.68 -7.02 -18.25
CA SER A 6 3.35 -6.75 -16.98
C SER A 6 2.36 -6.93 -15.83
N GLY A 7 2.90 -6.93 -14.61
CA GLY A 7 2.08 -7.10 -13.43
C GLY A 7 2.91 -7.60 -12.25
N GLU A 8 3.03 -6.74 -11.25
CA GLU A 8 3.81 -7.07 -10.06
C GLU A 8 2.93 -6.94 -8.81
N GLN A 9 2.53 -8.09 -8.29
CA GLN A 9 1.69 -8.11 -7.09
C GLN A 9 2.54 -8.37 -5.85
N MET A 10 2.14 -7.74 -4.76
CA MET A 10 2.86 -7.89 -3.50
C MET A 10 1.90 -7.90 -2.32
N GLU A 11 2.05 -8.92 -1.49
CA GLU A 11 1.20 -9.07 -0.32
C GLU A 11 2.00 -9.61 0.86
N GLY A 12 1.97 -8.86 1.96
CA GLY A 12 2.69 -9.25 3.16
C GLY A 12 2.28 -8.38 4.35
N MET A 13 2.55 -8.90 5.53
CA MET A 13 2.22 -8.19 6.75
C MET A 13 2.91 -6.83 6.80
N LEU A 14 2.11 -5.79 6.97
CA LEU A 14 2.63 -4.44 7.03
C LEU A 14 1.79 -3.61 8.01
N CYS A 15 2.42 -2.58 8.55
CA CYS A 15 1.74 -1.70 9.50
C CYS A 15 1.24 -0.48 8.74
N ARG A 16 -0.03 -0.53 8.37
CA ARG A 16 -0.64 0.57 7.64
C ARG A 16 -1.20 1.61 8.61
N LYS A 17 -0.68 2.82 8.50
CA LYS A 17 -1.12 3.91 9.37
C LYS A 17 -1.58 5.08 8.50
N GLN A 18 -2.90 5.16 8.32
CA GLN A 18 -3.48 6.22 7.53
C GLN A 18 -3.12 7.58 8.12
N GLU A 19 -2.26 8.30 7.40
CA GLU A 19 -1.83 9.62 7.84
C GLU A 19 -2.82 10.68 7.36
N MET A 20 -3.16 10.60 6.09
CA MET A 20 -4.09 11.55 5.51
C MET A 20 -5.19 10.84 4.72
N GLU A 21 -6.36 11.45 4.70
CA GLU A 21 -7.49 10.88 4.00
C GLU A 21 -7.77 11.66 2.71
N ALA A 22 -7.12 12.81 2.61
CA ALA A 22 -7.28 13.66 1.44
C ALA A 22 -6.47 14.95 1.64
N PHE A 23 -6.17 15.60 0.52
CA PHE A 23 -5.41 16.83 0.55
C PHE A 23 -5.84 17.71 1.72
N GLY A 24 -4.95 17.80 2.71
CA GLY A 24 -5.23 18.60 3.88
C GLY A 24 -5.98 17.79 4.94
N LYS A 25 -6.92 16.97 4.46
CA LYS A 25 -7.71 16.15 5.34
C LYS A 25 -6.81 15.08 5.98
N LYS A 26 -6.85 15.03 7.30
CA LYS A 26 -6.06 14.07 8.04
C LYS A 26 -6.96 12.95 8.56
N ALA A 27 -6.45 11.73 8.48
CA ALA A 27 -7.20 10.58 8.94
C ALA A 27 -7.60 10.78 10.41
N ALA A 28 -8.85 10.46 10.70
CA ALA A 28 -9.35 10.59 12.06
C ALA A 28 -8.53 9.72 13.01
N ASN A 29 -8.65 8.42 12.82
CA ASN A 29 -7.93 7.48 13.65
C ASN A 29 -6.43 7.79 13.60
N ARG A 30 -5.86 7.61 12.41
CA ARG A 30 -4.45 7.88 12.21
C ARG A 30 -3.62 7.15 13.27
N SER A 31 -3.88 5.86 13.41
CA SER A 31 -3.17 5.05 14.39
C SER A 31 -2.44 3.91 13.67
N TRP A 32 -1.55 3.27 14.41
CA TRP A 32 -0.77 2.17 13.87
C TRP A 32 -1.57 0.88 14.10
N GLN A 33 -1.75 0.14 13.01
CA GLN A 33 -2.48 -1.11 13.07
C GLN A 33 -1.92 -2.11 12.06
N ASN A 34 -1.76 -3.34 12.52
CA ASN A 34 -1.23 -4.40 11.68
C ASN A 34 -2.25 -4.73 10.59
N VAL A 35 -1.98 -4.25 9.38
CA VAL A 35 -2.86 -4.50 8.25
C VAL A 35 -2.06 -5.13 7.12
N TYR A 36 -2.53 -6.29 6.68
CA TYR A 36 -1.87 -7.01 5.60
C TYR A 36 -2.11 -6.31 4.26
N CYS A 37 -1.03 -5.76 3.72
CA CYS A 37 -1.11 -5.07 2.44
C CYS A 37 -1.18 -6.11 1.33
N VAL A 38 -2.13 -5.92 0.43
CA VAL A 38 -2.31 -6.83 -0.68
C VAL A 38 -2.36 -6.03 -1.98
N LEU A 39 -1.27 -6.11 -2.73
CA LEU A 39 -1.16 -5.40 -3.99
C LEU A 39 -1.40 -6.39 -5.14
N ARG A 40 -2.06 -5.88 -6.18
CA ARG A 40 -2.35 -6.71 -7.34
C ARG A 40 -2.11 -5.91 -8.63
N ARG A 41 -2.89 -6.25 -9.64
CA ARG A 41 -2.77 -5.58 -10.92
C ARG A 41 -3.18 -4.10 -10.80
N GLY A 42 -2.31 -3.35 -10.14
CA GLY A 42 -2.57 -1.93 -9.94
C GLY A 42 -3.65 -1.71 -8.87
N SER A 43 -3.39 -2.28 -7.70
CA SER A 43 -4.32 -2.15 -6.60
C SER A 43 -3.62 -2.46 -5.27
N LEU A 44 -4.28 -2.09 -4.19
CA LEU A 44 -3.73 -2.32 -2.86
C LEU A 44 -4.87 -2.52 -1.86
N GLY A 45 -5.14 -3.78 -1.56
CA GLY A 45 -6.19 -4.13 -0.62
C GLY A 45 -5.63 -4.38 0.78
N PHE A 46 -6.45 -4.10 1.77
CA PHE A 46 -6.05 -4.30 3.16
C PHE A 46 -6.79 -5.48 3.77
N TYR A 47 -6.08 -6.22 4.62
CA TYR A 47 -6.65 -7.37 5.28
C TYR A 47 -5.99 -7.60 6.66
N LYS A 48 -6.74 -8.26 7.53
CA LYS A 48 -6.25 -8.56 8.86
C LYS A 48 -4.84 -9.13 8.78
N ASP A 49 -4.75 -10.30 8.15
CA ASP A 49 -3.47 -10.97 8.00
C ASP A 49 -3.46 -11.75 6.67
N ALA A 50 -2.38 -12.46 6.45
CA ALA A 50 -2.23 -13.25 5.24
C ALA A 50 -3.27 -14.37 5.24
N LYS A 51 -3.79 -14.65 6.42
CA LYS A 51 -4.80 -15.69 6.57
C LYS A 51 -6.17 -15.12 6.25
N ALA A 52 -6.25 -13.79 6.26
CA ALA A 52 -7.50 -13.11 5.97
C ALA A 52 -7.51 -12.69 4.49
N ALA A 53 -6.34 -12.73 3.90
CA ALA A 53 -6.19 -12.35 2.50
C ALA A 53 -6.50 -13.57 1.61
N SER A 54 -5.92 -14.69 1.99
CA SER A 54 -6.11 -15.92 1.25
C SER A 54 -7.59 -16.32 1.28
N ALA A 55 -8.21 -16.11 2.44
CA ALA A 55 -9.62 -16.44 2.61
C ALA A 55 -10.47 -15.38 1.91
N GLY A 56 -9.85 -14.23 1.68
CA GLY A 56 -10.54 -13.13 1.02
C GLY A 56 -11.44 -12.38 2.01
N VAL A 57 -10.95 -12.28 3.24
CA VAL A 57 -11.69 -11.59 4.28
C VAL A 57 -11.08 -10.22 4.51
N PRO A 58 -11.90 -9.16 4.29
CA PRO A 58 -11.45 -7.80 4.47
C PRO A 58 -11.35 -7.44 5.96
N TYR A 59 -10.25 -6.80 6.31
CA TYR A 59 -10.01 -6.41 7.69
C TYR A 59 -11.26 -5.73 8.29
N HIS A 60 -11.57 -4.57 7.73
CA HIS A 60 -12.74 -3.82 8.18
C HIS A 60 -13.68 -3.58 7.01
N GLY A 61 -13.92 -4.64 6.25
CA GLY A 61 -14.80 -4.57 5.10
C GLY A 61 -14.39 -3.44 4.16
N GLU A 62 -13.14 -3.01 4.31
CA GLU A 62 -12.61 -1.94 3.48
C GLU A 62 -12.31 -2.46 2.08
N VAL A 63 -12.22 -1.52 1.14
CA VAL A 63 -11.94 -1.87 -0.24
C VAL A 63 -10.48 -1.51 -0.56
N PRO A 64 -10.03 -2.00 -1.75
CA PRO A 64 -8.67 -1.74 -2.18
C PRO A 64 -8.52 -0.31 -2.69
N VAL A 65 -7.30 0.21 -2.57
CA VAL A 65 -7.02 1.56 -3.01
C VAL A 65 -6.33 1.52 -4.38
N SER A 66 -6.92 2.22 -5.32
CA SER A 66 -6.38 2.27 -6.68
C SER A 66 -5.10 3.11 -6.69
N LEU A 67 -4.05 2.51 -7.24
CA LEU A 67 -2.77 3.19 -7.32
C LEU A 67 -2.71 4.00 -8.62
N ALA A 68 -3.81 4.68 -8.91
CA ALA A 68 -3.89 5.48 -10.11
C ALA A 68 -3.28 6.87 -9.84
N ARG A 69 -2.19 7.14 -10.54
CA ARG A 69 -1.51 8.41 -10.38
C ARG A 69 -0.96 8.55 -8.96
N ALA A 70 -0.81 7.41 -8.31
CA ALA A 70 -0.30 7.39 -6.94
C ALA A 70 1.24 7.42 -6.97
N GLN A 71 1.82 7.56 -5.80
CA GLN A 71 3.27 7.61 -5.68
C GLN A 71 3.70 6.95 -4.36
N GLY A 72 4.78 6.16 -4.48
CA GLY A 72 5.30 5.47 -3.32
C GLY A 72 6.77 5.81 -3.10
N SER A 73 7.06 6.33 -1.91
CA SER A 73 8.43 6.70 -1.57
C SER A 73 8.75 6.26 -0.15
N VAL A 74 10.04 6.13 0.13
CA VAL A 74 10.49 5.70 1.44
C VAL A 74 10.31 6.85 2.43
N ALA A 75 10.18 6.49 3.70
CA ALA A 75 10.00 7.49 4.75
C ALA A 75 11.30 7.61 5.54
N PHE A 76 12.25 8.32 4.96
CA PHE A 76 13.54 8.54 5.60
C PHE A 76 13.40 9.41 6.84
N ASP A 77 12.52 10.39 6.74
CA ASP A 77 12.27 11.30 7.86
C ASP A 77 11.96 10.48 9.11
N TYR A 78 10.97 9.62 8.98
CA TYR A 78 10.56 8.77 10.09
C TYR A 78 11.78 8.20 10.83
N ARG A 79 12.17 8.91 11.89
CA ARG A 79 13.31 8.48 12.68
C ARG A 79 12.85 7.69 13.90
N LYS A 80 11.96 6.73 13.64
CA LYS A 80 11.44 5.89 14.70
C LYS A 80 11.78 4.43 14.40
N ARG A 81 11.24 3.93 13.30
CA ARG A 81 11.49 2.56 12.90
C ARG A 81 12.17 2.52 11.52
N LYS A 82 12.52 1.31 11.11
CA LYS A 82 13.17 1.12 9.83
C LYS A 82 12.18 0.53 8.83
N HIS A 83 12.60 0.48 7.58
CA HIS A 83 11.76 -0.06 6.52
C HIS A 83 10.37 0.58 6.59
N VAL A 84 10.35 1.89 6.41
CA VAL A 84 9.11 2.63 6.45
C VAL A 84 9.02 3.55 5.23
N PHE A 85 8.02 3.30 4.42
CA PHE A 85 7.81 4.09 3.21
C PHE A 85 6.39 4.66 3.17
N LYS A 86 6.31 5.91 2.73
CA LYS A 86 5.03 6.59 2.64
C LYS A 86 4.41 6.31 1.27
N LEU A 87 3.09 6.18 1.27
CA LEU A 87 2.37 5.91 0.04
C LEU A 87 1.26 6.96 -0.13
N GLY A 88 1.56 7.95 -0.96
CA GLY A 88 0.60 9.01 -1.23
C GLY A 88 -0.20 8.73 -2.49
N LEU A 89 -1.49 8.53 -2.30
CA LEU A 89 -2.38 8.24 -3.41
C LEU A 89 -2.63 9.53 -4.20
N GLN A 90 -3.49 9.42 -5.21
CA GLN A 90 -3.82 10.56 -6.04
C GLN A 90 -4.99 11.34 -5.43
N ASP A 91 -5.60 10.75 -4.43
CA ASP A 91 -6.73 11.38 -3.75
C ASP A 91 -6.25 11.99 -2.43
N GLY A 92 -4.97 12.33 -2.40
CA GLY A 92 -4.38 12.91 -1.21
C GLY A 92 -4.43 11.95 -0.03
N LYS A 93 -4.36 10.66 -0.35
CA LYS A 93 -4.40 9.62 0.66
C LYS A 93 -2.97 9.12 0.91
N GLU A 94 -2.45 9.47 2.08
CA GLU A 94 -1.11 9.05 2.45
C GLU A 94 -1.17 7.90 3.45
N TYR A 95 -0.26 6.95 3.27
CA TYR A 95 -0.20 5.80 4.14
C TYR A 95 1.25 5.48 4.53
N LEU A 96 1.39 4.92 5.73
CA LEU A 96 2.71 4.56 6.24
C LEU A 96 2.76 3.06 6.52
N PHE A 97 3.55 2.36 5.72
CA PHE A 97 3.69 0.92 5.87
C PHE A 97 5.09 0.56 6.34
N GLN A 98 5.17 -0.42 7.22
CA GLN A 98 6.44 -0.87 7.74
C GLN A 98 6.70 -2.33 7.33
N ALA A 99 7.71 -2.50 6.51
CA ALA A 99 8.07 -3.83 6.02
C ALA A 99 8.82 -4.57 7.13
N LYS A 100 9.94 -5.17 6.74
CA LYS A 100 10.75 -5.92 7.70
C LYS A 100 12.17 -5.36 7.70
N ASP A 101 12.66 -5.06 6.50
CA ASP A 101 14.00 -4.52 6.35
C ASP A 101 14.05 -3.62 5.12
N GLU A 102 15.25 -3.17 4.81
CA GLU A 102 15.44 -2.29 3.66
C GLU A 102 15.17 -3.05 2.36
N ALA A 103 14.99 -4.36 2.50
CA ALA A 103 14.72 -5.21 1.36
C ALA A 103 13.21 -5.27 1.13
N GLU A 104 12.55 -5.99 2.03
CA GLU A 104 11.10 -6.14 1.94
C GLU A 104 10.45 -4.84 1.46
N MET A 105 10.91 -3.74 2.03
CA MET A 105 10.39 -2.43 1.66
C MET A 105 10.79 -2.06 0.24
N SER A 106 12.10 -1.97 0.02
CA SER A 106 12.61 -1.63 -1.30
C SER A 106 11.79 -2.34 -2.39
N SER A 107 11.45 -3.58 -2.10
CA SER A 107 10.67 -4.38 -3.03
C SER A 107 9.27 -3.79 -3.19
N TRP A 108 8.63 -3.56 -2.05
CA TRP A 108 7.29 -2.99 -2.03
C TRP A 108 7.25 -1.85 -3.05
N LEU A 109 8.07 -0.83 -2.78
CA LEU A 109 8.13 0.31 -3.66
C LEU A 109 8.21 -0.15 -5.12
N ARG A 110 9.15 -1.05 -5.37
CA ARG A 110 9.33 -1.59 -6.70
C ARG A 110 8.03 -2.20 -7.22
N VAL A 111 7.26 -2.73 -6.29
CA VAL A 111 5.98 -3.35 -6.63
C VAL A 111 4.93 -2.26 -6.78
N VAL A 112 4.77 -1.46 -5.73
CA VAL A 112 3.80 -0.39 -5.73
C VAL A 112 3.99 0.46 -6.99
N ASN A 113 5.24 0.66 -7.35
CA ASN A 113 5.57 1.44 -8.53
C ASN A 113 5.21 0.64 -9.78
N ALA A 114 5.44 -0.66 -9.70
CA ALA A 114 5.15 -1.54 -10.81
C ALA A 114 3.64 -1.69 -10.96
N ALA A 115 2.93 -1.29 -9.91
CA ALA A 115 1.48 -1.39 -9.90
C ALA A 115 0.90 -0.07 -10.41
N ILE A 116 1.49 1.03 -9.95
CA ILE A 116 1.04 2.35 -10.34
C ILE A 116 1.07 2.46 -11.87
N ALA A 117 2.25 2.26 -12.43
CA ALA A 117 2.43 2.33 -13.87
C ALA A 117 1.38 1.44 -14.55
N SER A 118 1.42 0.16 -14.19
CA SER A 118 0.48 -0.79 -14.76
C SER A 118 -0.90 -0.15 -14.91
N GLY A 119 -1.24 0.69 -13.93
CA GLY A 119 -2.53 1.37 -13.94
C GLY A 119 -2.55 2.46 -15.02
N PRO A 120 -3.39 3.50 -14.76
CA PRO A 120 -3.51 4.61 -15.68
C PRO A 120 -2.29 5.53 -15.62
N SER A 121 -2.43 6.70 -16.23
CA SER A 121 -1.35 7.66 -16.25
C SER A 121 -0.22 7.17 -17.15
N SER A 122 0.41 6.08 -16.72
CA SER A 122 1.51 5.50 -17.48
C SER A 122 1.08 4.17 -18.09
N GLY A 123 1.91 3.66 -18.99
CA GLY A 123 1.62 2.40 -19.65
C GLY A 123 2.79 1.98 -20.54
N GLY A 1 -10.80 -3.65 -21.79
CA GLY A 1 -9.71 -3.97 -20.88
C GLY A 1 -10.21 -4.77 -19.68
N SER A 2 -9.90 -6.05 -19.69
CA SER A 2 -10.31 -6.93 -18.61
C SER A 2 -9.55 -8.26 -18.70
N SER A 3 -8.71 -8.49 -17.72
CA SER A 3 -7.91 -9.71 -17.67
C SER A 3 -6.97 -9.76 -18.87
N GLY A 4 -5.68 -9.79 -18.56
CA GLY A 4 -4.66 -9.84 -19.61
C GLY A 4 -3.53 -10.80 -19.22
N SER A 5 -2.74 -10.36 -18.24
CA SER A 5 -1.63 -11.16 -17.77
C SER A 5 -1.18 -10.67 -16.40
N SER A 6 -0.65 -11.61 -15.61
CA SER A 6 -0.17 -11.28 -14.28
C SER A 6 0.84 -10.13 -14.34
N GLY A 7 0.88 -9.38 -13.26
CA GLY A 7 1.80 -8.25 -13.18
C GLY A 7 2.64 -8.31 -11.90
N GLU A 8 3.12 -7.14 -11.50
CA GLU A 8 3.94 -7.06 -10.31
C GLU A 8 3.05 -6.91 -9.07
N GLN A 9 2.76 -8.05 -8.45
CA GLN A 9 1.93 -8.05 -7.26
C GLN A 9 2.78 -8.30 -6.02
N MET A 10 2.35 -7.71 -4.92
CA MET A 10 3.06 -7.85 -3.66
C MET A 10 2.09 -7.84 -2.47
N GLU A 11 2.25 -8.81 -1.60
CA GLU A 11 1.41 -8.92 -0.42
C GLU A 11 2.21 -9.44 0.77
N GLY A 12 2.07 -8.76 1.89
CA GLY A 12 2.77 -9.13 3.10
C GLY A 12 2.31 -8.30 4.30
N MET A 13 2.62 -8.80 5.48
CA MET A 13 2.24 -8.12 6.70
C MET A 13 2.97 -6.78 6.84
N LEU A 14 2.19 -5.71 6.83
CA LEU A 14 2.75 -4.38 6.94
C LEU A 14 1.93 -3.56 7.94
N CYS A 15 2.59 -2.60 8.57
CA CYS A 15 1.93 -1.75 9.54
C CYS A 15 1.39 -0.52 8.82
N ARG A 16 0.12 -0.59 8.47
CA ARG A 16 -0.54 0.51 7.77
C ARG A 16 -1.11 1.51 8.78
N LYS A 17 -0.62 2.74 8.70
CA LYS A 17 -1.07 3.79 9.58
C LYS A 17 -1.57 4.97 8.76
N GLN A 18 -2.89 5.01 8.58
CA GLN A 18 -3.51 6.08 7.82
C GLN A 18 -3.24 7.43 8.48
N GLU A 19 -2.66 8.32 7.70
CA GLU A 19 -2.35 9.66 8.19
C GLU A 19 -3.31 10.69 7.59
N MET A 20 -3.41 10.66 6.27
CA MET A 20 -4.29 11.57 5.56
C MET A 20 -5.33 10.81 4.75
N GLU A 21 -6.45 11.49 4.51
CA GLU A 21 -7.53 10.90 3.75
C GLU A 21 -7.71 11.62 2.42
N ALA A 22 -7.04 12.77 2.31
CA ALA A 22 -7.12 13.56 1.10
C ALA A 22 -6.34 14.87 1.31
N PHE A 23 -6.22 15.62 0.23
CA PHE A 23 -5.50 16.89 0.28
C PHE A 23 -5.94 17.72 1.48
N GLY A 24 -5.01 17.93 2.39
CA GLY A 24 -5.29 18.70 3.59
C GLY A 24 -6.41 18.06 4.41
N LYS A 25 -6.65 16.78 4.13
CA LYS A 25 -7.68 16.05 4.84
C LYS A 25 -7.04 15.17 5.91
N LYS A 26 -7.39 15.43 7.15
CA LYS A 26 -6.86 14.67 8.27
C LYS A 26 -7.70 13.42 8.48
N ALA A 27 -7.04 12.28 8.45
CA ALA A 27 -7.71 11.00 8.63
C ALA A 27 -8.23 10.91 10.08
N ALA A 28 -9.37 10.27 10.22
CA ALA A 28 -9.98 10.11 11.53
C ALA A 28 -8.99 9.41 12.47
N ASN A 29 -8.87 8.10 12.28
CA ASN A 29 -7.96 7.32 13.10
C ASN A 29 -6.63 7.16 12.37
N ARG A 30 -5.56 7.51 13.07
CA ARG A 30 -4.23 7.42 12.50
C ARG A 30 -3.29 6.70 13.47
N SER A 31 -3.62 5.45 13.75
CA SER A 31 -2.82 4.65 14.66
C SER A 31 -2.12 3.54 13.88
N TRP A 32 -1.04 3.03 14.47
CA TRP A 32 -0.27 1.97 13.85
C TRP A 32 -1.00 0.65 14.12
N GLN A 33 -1.24 -0.08 13.05
CA GLN A 33 -1.93 -1.36 13.15
C GLN A 33 -1.42 -2.32 12.07
N ASN A 34 -1.26 -3.58 12.47
CA ASN A 34 -0.79 -4.60 11.55
C ASN A 34 -1.87 -4.90 10.52
N VAL A 35 -1.66 -4.38 9.31
CA VAL A 35 -2.61 -4.58 8.23
C VAL A 35 -1.90 -5.28 7.07
N TYR A 36 -2.48 -6.38 6.65
CA TYR A 36 -1.93 -7.15 5.54
C TYR A 36 -2.14 -6.43 4.21
N CYS A 37 -1.05 -5.88 3.69
CA CYS A 37 -1.10 -5.17 2.44
C CYS A 37 -1.15 -6.19 1.30
N VAL A 38 -2.12 -6.02 0.42
CA VAL A 38 -2.28 -6.92 -0.71
C VAL A 38 -2.30 -6.10 -2.01
N LEU A 39 -1.19 -6.16 -2.72
CA LEU A 39 -1.08 -5.44 -3.98
C LEU A 39 -1.30 -6.41 -5.15
N ARG A 40 -2.01 -5.92 -6.15
CA ARG A 40 -2.31 -6.73 -7.32
C ARG A 40 -2.08 -5.92 -8.60
N ARG A 41 -2.87 -6.24 -9.61
CA ARG A 41 -2.77 -5.55 -10.88
C ARG A 41 -3.19 -4.08 -10.72
N GLY A 42 -2.32 -3.32 -10.06
CA GLY A 42 -2.59 -1.91 -9.84
C GLY A 42 -3.67 -1.72 -8.76
N SER A 43 -3.41 -2.29 -7.60
CA SER A 43 -4.35 -2.20 -6.49
C SER A 43 -3.63 -2.50 -5.17
N LEU A 44 -4.30 -2.18 -4.09
CA LEU A 44 -3.75 -2.41 -2.77
C LEU A 44 -4.88 -2.66 -1.77
N GLY A 45 -5.11 -3.93 -1.50
CA GLY A 45 -6.17 -4.32 -0.57
C GLY A 45 -5.60 -4.59 0.81
N PHE A 46 -6.39 -4.27 1.83
CA PHE A 46 -5.98 -4.48 3.21
C PHE A 46 -6.77 -5.61 3.85
N TYR A 47 -6.06 -6.40 4.65
CA TYR A 47 -6.68 -7.53 5.33
C TYR A 47 -6.00 -7.80 6.67
N LYS A 48 -6.78 -8.37 7.59
CA LYS A 48 -6.27 -8.69 8.90
C LYS A 48 -4.89 -9.33 8.77
N ASP A 49 -4.86 -10.48 8.11
CA ASP A 49 -3.62 -11.20 7.91
C ASP A 49 -3.75 -12.11 6.68
N ALA A 50 -2.70 -12.89 6.45
CA ALA A 50 -2.69 -13.80 5.31
C ALA A 50 -3.81 -14.82 5.48
N LYS A 51 -4.36 -14.87 6.68
CA LYS A 51 -5.43 -15.80 6.98
C LYS A 51 -6.75 -15.24 6.45
N ALA A 52 -6.90 -13.93 6.59
CA ALA A 52 -8.11 -13.26 6.13
C ALA A 52 -8.04 -13.09 4.61
N ALA A 53 -6.95 -12.45 4.16
CA ALA A 53 -6.75 -12.22 2.75
C ALA A 53 -7.00 -13.52 1.98
N SER A 54 -6.48 -14.61 2.54
CA SER A 54 -6.64 -15.91 1.92
C SER A 54 -8.12 -16.25 1.78
N ALA A 55 -8.86 -16.04 2.86
CA ALA A 55 -10.28 -16.31 2.86
C ALA A 55 -11.02 -15.15 2.20
N GLY A 56 -10.25 -14.19 1.73
CA GLY A 56 -10.82 -13.03 1.06
C GLY A 56 -11.70 -12.23 2.03
N VAL A 57 -11.22 -12.10 3.26
CA VAL A 57 -11.96 -11.38 4.28
C VAL A 57 -11.27 -10.04 4.53
N PRO A 58 -12.04 -8.94 4.32
CA PRO A 58 -11.51 -7.60 4.52
C PRO A 58 -11.41 -7.28 6.02
N TYR A 59 -10.26 -6.73 6.38
CA TYR A 59 -10.01 -6.37 7.77
C TYR A 59 -11.21 -5.60 8.35
N HIS A 60 -11.40 -4.39 7.83
CA HIS A 60 -12.49 -3.55 8.29
C HIS A 60 -13.46 -3.29 7.13
N GLY A 61 -13.81 -4.37 6.45
CA GLY A 61 -14.72 -4.28 5.32
C GLY A 61 -14.30 -3.16 4.36
N GLU A 62 -13.02 -2.84 4.41
CA GLU A 62 -12.48 -1.80 3.55
C GLU A 62 -12.20 -2.36 2.15
N VAL A 63 -12.11 -1.45 1.19
CA VAL A 63 -11.85 -1.83 -0.18
C VAL A 63 -10.39 -1.48 -0.53
N PRO A 64 -9.96 -2.00 -1.71
CA PRO A 64 -8.60 -1.76 -2.17
C PRO A 64 -8.45 -0.33 -2.70
N VAL A 65 -7.24 0.18 -2.58
CA VAL A 65 -6.95 1.54 -3.04
C VAL A 65 -6.27 1.46 -4.41
N SER A 66 -6.86 2.16 -5.37
CA SER A 66 -6.32 2.19 -6.72
C SER A 66 -5.07 3.05 -6.77
N LEU A 67 -4.01 2.46 -7.30
CA LEU A 67 -2.74 3.16 -7.40
C LEU A 67 -2.69 3.93 -8.73
N ALA A 68 -3.79 4.61 -9.02
CA ALA A 68 -3.89 5.39 -10.24
C ALA A 68 -3.30 6.77 -10.00
N ARG A 69 -2.15 7.00 -10.62
CA ARG A 69 -1.47 8.28 -10.49
C ARG A 69 -0.92 8.45 -9.07
N ALA A 70 -0.79 7.32 -8.38
CA ALA A 70 -0.29 7.34 -7.02
C ALA A 70 1.25 7.40 -7.05
N GLN A 71 1.82 7.51 -5.86
CA GLN A 71 3.27 7.59 -5.74
C GLN A 71 3.72 6.97 -4.42
N GLY A 72 4.77 6.16 -4.50
CA GLY A 72 5.31 5.51 -3.31
C GLY A 72 6.76 5.92 -3.08
N SER A 73 7.02 6.38 -1.87
CA SER A 73 8.36 6.81 -1.50
C SER A 73 8.71 6.29 -0.11
N VAL A 74 10.00 6.25 0.16
CA VAL A 74 10.49 5.78 1.46
C VAL A 74 10.35 6.90 2.49
N ALA A 75 10.17 6.50 3.74
CA ALA A 75 10.02 7.46 4.81
C ALA A 75 11.37 7.65 5.51
N PHE A 76 12.20 8.48 4.90
CA PHE A 76 13.52 8.74 5.46
C PHE A 76 13.42 9.62 6.71
N ASP A 77 12.37 10.44 6.74
CA ASP A 77 12.15 11.33 7.86
C ASP A 77 11.87 10.50 9.12
N TYR A 78 10.88 9.62 8.99
CA TYR A 78 10.50 8.76 10.10
C TYR A 78 11.73 8.22 10.82
N ARG A 79 12.07 8.85 11.92
CA ARG A 79 13.22 8.43 12.71
C ARG A 79 12.77 7.61 13.92
N LYS A 80 12.14 6.48 13.63
CA LYS A 80 11.66 5.61 14.68
C LYS A 80 11.89 4.15 14.26
N ARG A 81 11.09 3.71 13.30
CA ARG A 81 11.20 2.35 12.81
C ARG A 81 11.85 2.32 11.43
N LYS A 82 12.49 1.21 11.13
CA LYS A 82 13.17 1.06 9.84
C LYS A 82 12.18 0.48 8.82
N HIS A 83 12.61 0.46 7.58
CA HIS A 83 11.78 -0.06 6.50
C HIS A 83 10.39 0.57 6.58
N VAL A 84 10.36 1.88 6.40
CA VAL A 84 9.10 2.61 6.44
C VAL A 84 8.99 3.51 5.22
N PHE A 85 7.98 3.23 4.41
CA PHE A 85 7.75 4.00 3.20
C PHE A 85 6.33 4.58 3.17
N LYS A 86 6.25 5.85 2.82
CA LYS A 86 4.96 6.52 2.75
C LYS A 86 4.36 6.31 1.37
N LEU A 87 3.05 6.10 1.35
CA LEU A 87 2.33 5.88 0.10
C LEU A 87 1.23 6.92 -0.03
N GLY A 88 1.50 7.94 -0.84
CA GLY A 88 0.55 9.01 -1.07
C GLY A 88 -0.20 8.80 -2.38
N LEU A 89 -1.50 8.56 -2.25
CA LEU A 89 -2.34 8.34 -3.42
C LEU A 89 -2.60 9.68 -4.12
N GLN A 90 -3.21 9.59 -5.29
CA GLN A 90 -3.53 10.79 -6.06
C GLN A 90 -4.72 11.51 -5.45
N ASP A 91 -5.43 10.80 -4.57
CA ASP A 91 -6.59 11.36 -3.92
C ASP A 91 -6.18 12.03 -2.61
N GLY A 92 -4.88 12.27 -2.50
CA GLY A 92 -4.33 12.90 -1.30
C GLY A 92 -4.41 11.95 -0.10
N LYS A 93 -4.28 10.66 -0.39
CA LYS A 93 -4.33 9.66 0.65
C LYS A 93 -2.91 9.19 0.98
N GLU A 94 -2.45 9.55 2.17
CA GLU A 94 -1.12 9.18 2.61
C GLU A 94 -1.19 7.97 3.55
N TYR A 95 -0.28 7.04 3.34
CA TYR A 95 -0.23 5.84 4.17
C TYR A 95 1.20 5.54 4.61
N LEU A 96 1.30 4.85 5.74
CA LEU A 96 2.61 4.50 6.28
C LEU A 96 2.66 2.98 6.50
N PHE A 97 3.62 2.35 5.84
CA PHE A 97 3.79 0.92 5.96
C PHE A 97 5.19 0.58 6.49
N GLN A 98 5.26 -0.54 7.19
CA GLN A 98 6.52 -0.99 7.75
C GLN A 98 6.80 -2.45 7.35
N ALA A 99 7.77 -2.61 6.47
CA ALA A 99 8.14 -3.94 5.99
C ALA A 99 8.92 -4.68 7.10
N LYS A 100 10.03 -5.27 6.70
CA LYS A 100 10.86 -6.00 7.63
C LYS A 100 12.28 -5.41 7.62
N ASP A 101 12.75 -5.12 6.42
CA ASP A 101 14.08 -4.56 6.25
C ASP A 101 14.09 -3.64 5.02
N GLU A 102 15.27 -3.14 4.71
CA GLU A 102 15.43 -2.25 3.57
C GLU A 102 15.16 -3.01 2.27
N ALA A 103 15.04 -4.32 2.39
CA ALA A 103 14.77 -5.16 1.25
C ALA A 103 13.26 -5.26 1.03
N GLU A 104 12.61 -5.98 1.92
CA GLU A 104 11.17 -6.16 1.84
C GLU A 104 10.50 -4.87 1.39
N MET A 105 10.97 -3.76 1.96
CA MET A 105 10.43 -2.45 1.62
C MET A 105 10.81 -2.05 0.20
N SER A 106 12.11 -1.95 -0.02
CA SER A 106 12.62 -1.58 -1.33
C SER A 106 11.81 -2.27 -2.43
N SER A 107 11.48 -3.52 -2.17
CA SER A 107 10.71 -4.31 -3.12
C SER A 107 9.32 -3.72 -3.28
N TRP A 108 8.66 -3.51 -2.14
CA TRP A 108 7.32 -2.95 -2.14
C TRP A 108 7.30 -1.79 -3.14
N LEU A 109 8.07 -0.76 -2.83
CA LEU A 109 8.15 0.41 -3.68
C LEU A 109 8.26 -0.03 -5.14
N ARG A 110 9.23 -0.91 -5.38
CA ARG A 110 9.46 -1.42 -6.72
C ARG A 110 8.17 -2.02 -7.28
N VAL A 111 7.38 -2.59 -6.39
CA VAL A 111 6.12 -3.21 -6.78
C VAL A 111 5.05 -2.12 -6.93
N VAL A 112 4.84 -1.38 -5.85
CA VAL A 112 3.86 -0.32 -5.85
C VAL A 112 4.06 0.56 -7.09
N ASN A 113 5.33 0.81 -7.40
CA ASN A 113 5.67 1.63 -8.54
C ASN A 113 5.35 0.86 -9.82
N ALA A 114 5.59 -0.45 -9.76
CA ALA A 114 5.34 -1.31 -10.91
C ALA A 114 3.83 -1.49 -11.09
N ALA A 115 3.10 -1.14 -10.05
CA ALA A 115 1.65 -1.26 -10.07
C ALA A 115 1.04 0.06 -10.54
N ILE A 116 1.58 1.15 -10.00
CA ILE A 116 1.10 2.48 -10.36
C ILE A 116 1.15 2.65 -11.87
N ALA A 117 2.36 2.52 -12.40
CA ALA A 117 2.56 2.65 -13.84
C ALA A 117 1.54 1.78 -14.58
N SER A 118 1.62 0.48 -14.31
CA SER A 118 0.72 -0.47 -14.93
C SER A 118 -0.69 0.13 -15.02
N GLY A 119 -1.20 0.54 -13.87
CA GLY A 119 -2.53 1.12 -13.80
C GLY A 119 -3.59 0.05 -13.54
N PRO A 120 -4.74 0.52 -12.99
CA PRO A 120 -5.83 -0.39 -12.68
C PRO A 120 -6.57 -0.81 -13.95
N SER A 121 -7.42 -1.82 -13.79
CA SER A 121 -8.18 -2.33 -14.92
C SER A 121 -9.14 -1.25 -15.43
N SER A 122 -9.29 -1.21 -16.74
CA SER A 122 -10.17 -0.23 -17.36
C SER A 122 -11.63 -0.63 -17.14
N GLY A 123 -11.96 -1.84 -17.57
CA GLY A 123 -13.32 -2.34 -17.42
C GLY A 123 -13.69 -2.47 -15.95
N GLY A 1 15.15 1.52 -13.41
CA GLY A 1 15.82 1.89 -14.64
C GLY A 1 16.20 0.65 -15.45
N SER A 2 15.41 0.38 -16.48
CA SER A 2 15.66 -0.76 -17.33
C SER A 2 15.88 -2.02 -16.49
N SER A 3 14.77 -2.59 -16.03
CA SER A 3 14.84 -3.78 -15.20
C SER A 3 13.52 -4.55 -15.29
N GLY A 4 12.44 -3.87 -14.95
CA GLY A 4 11.12 -4.48 -14.99
C GLY A 4 10.20 -3.86 -13.93
N SER A 5 9.16 -3.21 -14.43
CA SER A 5 8.19 -2.57 -13.54
C SER A 5 6.84 -2.45 -14.24
N SER A 6 6.08 -3.53 -14.16
CA SER A 6 4.76 -3.56 -14.78
C SER A 6 4.08 -4.89 -14.49
N GLY A 7 2.88 -4.80 -13.93
CA GLY A 7 2.11 -5.99 -13.60
C GLY A 7 2.81 -6.80 -12.50
N GLU A 8 3.01 -6.14 -11.37
CA GLU A 8 3.66 -6.78 -10.24
C GLU A 8 2.80 -6.64 -8.98
N GLN A 9 2.41 -7.78 -8.43
CA GLN A 9 1.60 -7.80 -7.23
C GLN A 9 2.44 -8.17 -6.01
N MET A 10 2.09 -7.56 -4.89
CA MET A 10 2.81 -7.82 -3.66
C MET A 10 1.86 -7.82 -2.45
N GLU A 11 2.02 -8.81 -1.60
CA GLU A 11 1.18 -8.93 -0.42
C GLU A 11 2.00 -9.48 0.76
N GLY A 12 1.99 -8.74 1.84
CA GLY A 12 2.72 -9.13 3.03
C GLY A 12 2.35 -8.26 4.24
N MET A 13 2.66 -8.78 5.41
CA MET A 13 2.36 -8.06 6.64
C MET A 13 3.06 -6.69 6.67
N LEU A 14 2.27 -5.66 6.89
CA LEU A 14 2.80 -4.31 6.93
C LEU A 14 2.00 -3.48 7.94
N CYS A 15 2.65 -2.46 8.46
CA CYS A 15 2.01 -1.58 9.44
C CYS A 15 1.46 -0.35 8.71
N ARG A 16 0.19 -0.42 8.36
CA ARG A 16 -0.46 0.67 7.65
C ARG A 16 -1.02 1.69 8.65
N LYS A 17 -0.58 2.93 8.49
CA LYS A 17 -1.02 4.00 9.36
C LYS A 17 -1.62 5.13 8.52
N GLN A 18 -2.94 5.08 8.38
CA GLN A 18 -3.64 6.10 7.60
C GLN A 18 -3.41 7.48 8.20
N GLU A 19 -2.88 8.37 7.37
CA GLU A 19 -2.61 9.73 7.81
C GLU A 19 -3.61 10.70 7.19
N MET A 20 -3.77 10.57 5.89
CA MET A 20 -4.71 11.42 5.16
C MET A 20 -5.63 10.59 4.27
N GLU A 21 -6.88 11.01 4.23
CA GLU A 21 -7.88 10.32 3.42
C GLU A 21 -8.25 11.15 2.19
N ALA A 22 -7.77 12.39 2.19
CA ALA A 22 -8.03 13.30 1.09
C ALA A 22 -7.53 14.69 1.45
N PHE A 23 -7.20 15.47 0.42
CA PHE A 23 -6.71 16.81 0.61
C PHE A 23 -7.47 17.51 1.75
N GLY A 24 -6.73 17.83 2.80
CA GLY A 24 -7.32 18.50 3.96
C GLY A 24 -7.95 17.48 4.91
N LYS A 25 -8.65 16.53 4.34
CA LYS A 25 -9.31 15.50 5.12
C LYS A 25 -8.26 14.73 5.92
N LYS A 26 -8.41 14.78 7.24
CA LYS A 26 -7.48 14.09 8.12
C LYS A 26 -8.02 12.69 8.43
N ALA A 27 -7.10 11.73 8.44
CA ALA A 27 -7.47 10.35 8.72
C ALA A 27 -8.00 10.24 10.15
N ALA A 28 -9.28 9.90 10.24
CA ALA A 28 -9.92 9.77 11.53
C ALA A 28 -8.96 9.08 12.51
N ASN A 29 -8.69 7.81 12.23
CA ASN A 29 -7.79 7.04 13.06
C ASN A 29 -6.36 7.13 12.51
N ARG A 30 -5.54 7.89 13.23
CA ARG A 30 -4.16 8.07 12.82
C ARG A 30 -3.22 7.29 13.75
N SER A 31 -3.49 6.00 13.87
CA SER A 31 -2.69 5.14 14.72
C SER A 31 -2.06 4.01 13.89
N TRP A 32 -1.06 3.38 14.47
CA TRP A 32 -0.37 2.29 13.79
C TRP A 32 -1.15 1.00 14.07
N GLN A 33 -1.38 0.25 13.00
CA GLN A 33 -2.11 -1.01 13.11
C GLN A 33 -1.60 -2.01 12.08
N ASN A 34 -1.39 -3.24 12.55
CA ASN A 34 -0.89 -4.30 11.70
C ASN A 34 -1.96 -4.62 10.65
N VAL A 35 -1.71 -4.15 9.43
CA VAL A 35 -2.63 -4.38 8.33
C VAL A 35 -1.87 -5.00 7.16
N TYR A 36 -2.36 -6.16 6.73
CA TYR A 36 -1.73 -6.88 5.63
C TYR A 36 -1.99 -6.15 4.29
N CYS A 37 -0.91 -5.65 3.71
CA CYS A 37 -1.00 -4.94 2.44
C CYS A 37 -1.11 -5.98 1.32
N VAL A 38 -2.08 -5.77 0.46
CA VAL A 38 -2.30 -6.67 -0.67
C VAL A 38 -2.37 -5.86 -1.96
N LEU A 39 -1.28 -5.93 -2.72
CA LEU A 39 -1.21 -5.20 -3.99
C LEU A 39 -1.48 -6.17 -5.14
N ARG A 40 -2.15 -5.66 -6.15
CA ARG A 40 -2.47 -6.47 -7.32
C ARG A 40 -2.23 -5.67 -8.61
N ARG A 41 -3.03 -5.96 -9.61
CA ARG A 41 -2.91 -5.28 -10.90
C ARG A 41 -3.28 -3.80 -10.75
N GLY A 42 -2.41 -3.08 -10.04
CA GLY A 42 -2.63 -1.66 -9.83
C GLY A 42 -3.69 -1.43 -8.73
N SER A 43 -3.44 -2.00 -7.57
CA SER A 43 -4.35 -1.88 -6.45
C SER A 43 -3.62 -2.18 -5.14
N LEU A 44 -4.28 -1.84 -4.05
CA LEU A 44 -3.70 -2.08 -2.73
C LEU A 44 -4.82 -2.30 -1.72
N GLY A 45 -5.07 -3.57 -1.43
CA GLY A 45 -6.12 -3.93 -0.49
C GLY A 45 -5.53 -4.21 0.89
N PHE A 46 -6.35 -3.97 1.91
CA PHE A 46 -5.93 -4.19 3.29
C PHE A 46 -6.65 -5.40 3.89
N TYR A 47 -5.91 -6.16 4.69
CA TYR A 47 -6.47 -7.34 5.33
C TYR A 47 -5.77 -7.59 6.68
N LYS A 48 -6.48 -8.32 7.53
CA LYS A 48 -5.96 -8.64 8.85
C LYS A 48 -4.54 -9.21 8.70
N ASP A 49 -4.47 -10.39 8.10
CA ASP A 49 -3.19 -11.05 7.89
C ASP A 49 -3.27 -11.93 6.64
N ALA A 50 -2.18 -12.65 6.40
CA ALA A 50 -2.12 -13.53 5.25
C ALA A 50 -3.21 -14.61 5.38
N LYS A 51 -3.76 -14.70 6.57
CA LYS A 51 -4.80 -15.68 6.83
C LYS A 51 -6.13 -15.16 6.28
N ALA A 52 -6.31 -13.86 6.38
CA ALA A 52 -7.52 -13.22 5.89
C ALA A 52 -7.41 -13.01 4.38
N ALA A 53 -6.23 -12.57 3.96
CA ALA A 53 -5.98 -12.32 2.56
C ALA A 53 -6.25 -13.60 1.76
N SER A 54 -5.89 -14.72 2.36
CA SER A 54 -6.09 -16.01 1.72
C SER A 54 -7.58 -16.35 1.70
N ALA A 55 -8.26 -15.99 2.77
CA ALA A 55 -9.69 -16.26 2.87
C ALA A 55 -10.47 -15.08 2.28
N GLY A 56 -9.74 -14.23 1.58
CA GLY A 56 -10.35 -13.07 0.96
C GLY A 56 -11.25 -12.33 1.94
N VAL A 57 -10.79 -12.24 3.17
CA VAL A 57 -11.54 -11.57 4.21
C VAL A 57 -10.92 -10.19 4.49
N PRO A 58 -11.75 -9.13 4.29
CA PRO A 58 -11.30 -7.77 4.51
C PRO A 58 -11.20 -7.47 6.01
N TYR A 59 -10.09 -6.84 6.38
CA TYR A 59 -9.86 -6.49 7.76
C TYR A 59 -11.09 -5.80 8.36
N HIS A 60 -11.37 -4.60 7.85
CA HIS A 60 -12.50 -3.83 8.33
C HIS A 60 -13.48 -3.59 7.17
N GLY A 61 -13.75 -4.67 6.44
CA GLY A 61 -14.66 -4.59 5.31
C GLY A 61 -14.30 -3.40 4.40
N GLU A 62 -13.02 -3.08 4.38
CA GLU A 62 -12.53 -1.98 3.56
C GLU A 62 -12.23 -2.47 2.14
N VAL A 63 -12.13 -1.50 1.23
CA VAL A 63 -11.84 -1.82 -0.16
C VAL A 63 -10.39 -1.44 -0.47
N PRO A 64 -9.92 -1.90 -1.66
CA PRO A 64 -8.56 -1.62 -2.09
C PRO A 64 -8.43 -0.17 -2.56
N VAL A 65 -7.24 0.38 -2.37
CA VAL A 65 -6.97 1.75 -2.77
C VAL A 65 -6.29 1.75 -4.14
N SER A 66 -6.83 2.56 -5.04
CA SER A 66 -6.28 2.66 -6.38
C SER A 66 -4.99 3.47 -6.36
N LEU A 67 -3.94 2.87 -6.88
CA LEU A 67 -2.64 3.52 -6.93
C LEU A 67 -2.57 4.41 -8.17
N ALA A 68 -3.61 5.23 -8.34
CA ALA A 68 -3.67 6.13 -9.47
C ALA A 68 -2.87 7.41 -9.15
N ARG A 69 -1.86 7.64 -9.96
CA ARG A 69 -1.01 8.81 -9.78
C ARG A 69 -0.32 8.76 -8.41
N ALA A 70 -0.35 7.58 -7.81
CA ALA A 70 0.26 7.39 -6.51
C ALA A 70 1.77 7.23 -6.69
N GLN A 71 2.48 7.30 -5.56
CA GLN A 71 3.93 7.18 -5.58
C GLN A 71 4.42 6.58 -4.26
N GLY A 72 5.49 5.80 -4.37
CA GLY A 72 6.07 5.16 -3.19
C GLY A 72 7.49 5.67 -2.93
N SER A 73 7.68 6.20 -1.74
CA SER A 73 8.98 6.72 -1.35
C SER A 73 9.32 6.30 0.08
N VAL A 74 10.61 6.20 0.35
CA VAL A 74 11.07 5.82 1.68
C VAL A 74 10.87 6.98 2.64
N ALA A 75 10.47 6.64 3.86
CA ALA A 75 10.24 7.64 4.89
C ALA A 75 11.48 7.75 5.77
N PHE A 76 12.62 7.96 5.12
CA PHE A 76 13.88 8.09 5.84
C PHE A 76 13.78 9.14 6.93
N ASP A 77 12.78 10.01 6.80
CA ASP A 77 12.56 11.06 7.77
C ASP A 77 12.03 10.46 9.07
N TYR A 78 11.14 9.49 8.91
CA TYR A 78 10.55 8.82 10.06
C TYR A 78 11.63 8.32 11.02
N ARG A 79 11.62 8.88 12.22
CA ARG A 79 12.58 8.51 13.23
C ARG A 79 11.89 7.78 14.39
N LYS A 80 11.60 6.51 14.16
CA LYS A 80 10.94 5.70 15.16
C LYS A 80 11.02 4.22 14.75
N ARG A 81 10.52 3.95 13.56
CA ARG A 81 10.52 2.59 13.04
C ARG A 81 11.64 2.42 12.02
N LYS A 82 11.73 1.22 11.47
CA LYS A 82 12.74 0.91 10.47
C LYS A 82 12.06 0.49 9.17
N HIS A 83 12.74 0.75 8.06
CA HIS A 83 12.22 0.40 6.76
C HIS A 83 10.74 0.81 6.67
N VAL A 84 10.55 2.11 6.45
CA VAL A 84 9.20 2.65 6.34
C VAL A 84 9.14 3.62 5.16
N PHE A 85 8.16 3.40 4.31
CA PHE A 85 7.98 4.25 3.13
C PHE A 85 6.59 4.90 3.13
N LYS A 86 6.58 6.17 2.76
CA LYS A 86 5.33 6.92 2.70
C LYS A 86 4.66 6.70 1.35
N LEU A 87 3.47 6.12 1.40
CA LEU A 87 2.71 5.85 0.20
C LEU A 87 1.75 7.00 -0.06
N GLY A 88 2.16 7.90 -0.95
CA GLY A 88 1.35 9.05 -1.29
C GLY A 88 0.52 8.77 -2.55
N LEU A 89 -0.79 8.74 -2.36
CA LEU A 89 -1.70 8.47 -3.46
C LEU A 89 -1.72 9.70 -4.39
N GLN A 90 -2.91 10.28 -4.52
CA GLN A 90 -3.08 11.44 -5.37
C GLN A 90 -2.70 12.71 -4.62
N ASP A 91 -1.92 12.53 -3.56
CA ASP A 91 -1.47 13.65 -2.74
C ASP A 91 -2.50 13.90 -1.64
N GLY A 92 -3.73 13.49 -1.91
CA GLY A 92 -4.81 13.66 -0.95
C GLY A 92 -4.88 12.47 0.01
N LYS A 93 -4.25 11.38 -0.40
CA LYS A 93 -4.23 10.18 0.42
C LYS A 93 -2.78 9.76 0.67
N GLU A 94 -2.43 9.71 1.95
CA GLU A 94 -1.08 9.32 2.34
C GLU A 94 -1.14 8.19 3.37
N TYR A 95 -0.16 7.30 3.27
CA TYR A 95 -0.09 6.18 4.18
C TYR A 95 1.37 5.88 4.57
N LEU A 96 1.51 5.12 5.65
CA LEU A 96 2.84 4.77 6.13
C LEU A 96 2.89 3.26 6.43
N PHE A 97 3.67 2.56 5.62
CA PHE A 97 3.80 1.13 5.77
C PHE A 97 5.24 0.76 6.15
N GLN A 98 5.34 -0.14 7.14
CA GLN A 98 6.63 -0.58 7.61
C GLN A 98 6.91 -2.00 7.13
N ALA A 99 7.80 -2.11 6.16
CA ALA A 99 8.16 -3.41 5.61
C ALA A 99 8.96 -4.19 6.64
N LYS A 100 9.00 -5.50 6.46
CA LYS A 100 9.73 -6.37 7.35
C LYS A 100 11.20 -5.95 7.39
N ASP A 101 11.75 -5.75 6.20
CA ASP A 101 13.14 -5.35 6.07
C ASP A 101 13.34 -4.63 4.73
N GLU A 102 14.59 -4.29 4.47
CA GLU A 102 14.94 -3.61 3.23
C GLU A 102 14.37 -4.37 2.03
N ALA A 103 14.29 -5.68 2.19
CA ALA A 103 13.77 -6.54 1.12
C ALA A 103 12.30 -6.18 0.86
N GLU A 104 11.46 -6.54 1.82
CA GLU A 104 10.04 -6.27 1.70
C GLU A 104 9.81 -4.82 1.26
N MET A 105 10.57 -3.92 1.88
CA MET A 105 10.46 -2.50 1.57
C MET A 105 10.82 -2.24 0.10
N SER A 106 12.10 -2.40 -0.20
CA SER A 106 12.58 -2.18 -1.55
C SER A 106 11.61 -2.80 -2.56
N SER A 107 11.27 -4.05 -2.31
CA SER A 107 10.35 -4.76 -3.18
C SER A 107 9.02 -4.01 -3.26
N TRP A 108 8.43 -3.78 -2.10
CA TRP A 108 7.15 -3.08 -2.03
C TRP A 108 7.23 -1.88 -2.98
N LEU A 109 8.09 -0.93 -2.63
CA LEU A 109 8.27 0.27 -3.44
C LEU A 109 8.33 -0.14 -4.91
N ARG A 110 9.19 -1.10 -5.20
CA ARG A 110 9.36 -1.58 -6.56
C ARG A 110 8.03 -2.06 -7.12
N VAL A 111 7.30 -2.78 -6.28
CA VAL A 111 6.00 -3.31 -6.68
C VAL A 111 5.00 -2.16 -6.79
N VAL A 112 4.79 -1.48 -5.67
CA VAL A 112 3.86 -0.36 -5.64
C VAL A 112 4.08 0.51 -6.87
N ASN A 113 5.34 0.71 -7.21
CA ASN A 113 5.69 1.51 -8.36
C ASN A 113 5.31 0.77 -9.64
N ALA A 114 5.51 -0.54 -9.61
CA ALA A 114 5.20 -1.37 -10.76
C ALA A 114 3.69 -1.45 -10.92
N ALA A 115 2.98 -1.15 -9.83
CA ALA A 115 1.53 -1.19 -9.85
C ALA A 115 1.00 0.17 -10.33
N ILE A 116 1.55 1.23 -9.75
CA ILE A 116 1.14 2.58 -10.12
C ILE A 116 1.05 2.68 -11.63
N ALA A 117 2.19 2.47 -12.29
CA ALA A 117 2.25 2.55 -13.74
C ALA A 117 1.00 1.90 -14.33
N SER A 118 0.82 0.62 -14.00
CA SER A 118 -0.33 -0.12 -14.50
C SER A 118 -1.62 0.58 -14.07
N GLY A 119 -1.87 0.55 -12.77
CA GLY A 119 -3.07 1.17 -12.23
C GLY A 119 -4.25 1.04 -13.20
N PRO A 120 -4.74 2.22 -13.66
CA PRO A 120 -5.86 2.25 -14.59
C PRO A 120 -5.42 1.85 -16.00
N SER A 121 -6.32 1.19 -16.71
CA SER A 121 -6.03 0.74 -18.06
C SER A 121 -7.12 1.24 -19.02
N SER A 122 -6.74 1.33 -20.28
CA SER A 122 -7.67 1.79 -21.30
C SER A 122 -8.37 3.07 -20.83
N GLY A 123 -7.72 4.20 -21.10
CA GLY A 123 -8.26 5.49 -20.72
C GLY A 123 -7.65 6.61 -21.56
N GLY A 1 9.83 -6.70 -23.14
CA GLY A 1 8.96 -5.78 -22.42
C GLY A 1 8.21 -6.51 -21.31
N SER A 2 6.88 -6.45 -21.42
CA SER A 2 6.03 -7.10 -20.43
C SER A 2 5.69 -8.53 -20.88
N SER A 3 6.32 -9.48 -20.21
CA SER A 3 6.11 -10.89 -20.53
C SER A 3 6.60 -11.77 -19.37
N GLY A 4 5.86 -12.84 -19.14
CA GLY A 4 6.21 -13.77 -18.08
C GLY A 4 5.16 -13.75 -16.97
N SER A 5 5.55 -13.21 -15.83
CA SER A 5 4.65 -13.13 -14.69
C SER A 5 3.44 -12.26 -15.04
N SER A 6 2.40 -12.39 -14.22
CA SER A 6 1.18 -11.64 -14.44
C SER A 6 1.15 -10.43 -13.52
N GLY A 7 1.86 -9.39 -13.94
CA GLY A 7 1.93 -8.16 -13.16
C GLY A 7 2.75 -8.36 -11.89
N GLU A 8 3.27 -7.26 -11.37
CA GLU A 8 4.08 -7.30 -10.17
C GLU A 8 3.19 -7.19 -8.92
N GLN A 9 2.95 -8.33 -8.31
CA GLN A 9 2.12 -8.39 -7.12
C GLN A 9 2.99 -8.54 -5.87
N MET A 10 2.44 -8.10 -4.74
CA MET A 10 3.16 -8.18 -3.49
C MET A 10 2.19 -8.15 -2.31
N GLU A 11 2.34 -9.15 -1.44
CA GLU A 11 1.48 -9.25 -0.26
C GLU A 11 2.28 -9.76 0.93
N GLY A 12 2.26 -8.96 2.00
CA GLY A 12 2.98 -9.31 3.21
C GLY A 12 2.56 -8.42 4.38
N MET A 13 2.83 -8.91 5.58
CA MET A 13 2.48 -8.18 6.78
C MET A 13 3.15 -6.80 6.79
N LEU A 14 2.33 -5.77 6.95
CA LEU A 14 2.83 -4.41 6.98
C LEU A 14 1.96 -3.57 7.92
N CYS A 15 2.59 -2.56 8.52
CA CYS A 15 1.89 -1.68 9.43
C CYS A 15 1.39 -0.48 8.65
N ARG A 16 0.12 -0.56 8.24
CA ARG A 16 -0.49 0.52 7.48
C ARG A 16 -1.10 1.56 8.43
N LYS A 17 -0.53 2.75 8.40
CA LYS A 17 -1.01 3.83 9.24
C LYS A 17 -1.36 5.04 8.37
N GLN A 18 -2.66 5.25 8.21
CA GLN A 18 -3.15 6.36 7.40
C GLN A 18 -2.63 7.68 7.95
N GLU A 19 -2.40 8.62 7.05
CA GLU A 19 -1.91 9.94 7.43
C GLU A 19 -2.89 11.02 6.98
N MET A 20 -3.31 10.92 5.73
CA MET A 20 -4.24 11.87 5.16
C MET A 20 -5.31 11.18 4.32
N GLU A 21 -6.51 11.74 4.38
CA GLU A 21 -7.62 11.19 3.63
C GLU A 21 -7.83 11.96 2.32
N ALA A 22 -7.15 13.09 2.24
CA ALA A 22 -7.24 13.93 1.05
C ALA A 22 -6.43 15.20 1.27
N PHE A 23 -6.25 15.95 0.18
CA PHE A 23 -5.49 17.18 0.25
C PHE A 23 -5.93 18.04 1.44
N GLY A 24 -5.01 18.18 2.38
CA GLY A 24 -5.28 18.96 3.58
C GLY A 24 -6.36 18.30 4.43
N LYS A 25 -6.43 16.98 4.33
CA LYS A 25 -7.41 16.22 5.08
C LYS A 25 -6.71 15.09 5.84
N LYS A 26 -7.03 14.98 7.12
CA LYS A 26 -6.44 13.94 7.95
C LYS A 26 -7.48 12.86 8.23
N ALA A 27 -7.00 11.63 8.34
CA ALA A 27 -7.87 10.51 8.61
C ALA A 27 -8.40 10.60 10.03
N ALA A 28 -9.72 10.53 10.16
CA ALA A 28 -10.36 10.61 11.46
C ALA A 28 -9.55 9.79 12.47
N ASN A 29 -9.72 8.48 12.38
CA ASN A 29 -9.03 7.58 13.28
C ASN A 29 -7.97 6.80 12.49
N ARG A 30 -6.75 7.30 12.54
CA ARG A 30 -5.65 6.67 11.84
C ARG A 30 -4.52 6.32 12.82
N SER A 31 -4.55 5.07 13.27
CA SER A 31 -3.54 4.60 14.21
C SER A 31 -2.76 3.43 13.59
N TRP A 32 -1.63 3.13 14.21
CA TRP A 32 -0.78 2.04 13.74
C TRP A 32 -1.53 0.72 13.97
N GLN A 33 -1.78 0.01 12.88
CA GLN A 33 -2.48 -1.25 12.95
C GLN A 33 -1.89 -2.25 11.95
N ASN A 34 -1.61 -3.44 12.43
CA ASN A 34 -1.04 -4.49 11.59
C ASN A 34 -2.06 -4.86 10.51
N VAL A 35 -1.79 -4.37 9.31
CA VAL A 35 -2.67 -4.65 8.18
C VAL A 35 -1.85 -5.28 7.05
N TYR A 36 -2.28 -6.47 6.64
CA TYR A 36 -1.60 -7.18 5.58
C TYR A 36 -1.87 -6.53 4.22
N CYS A 37 -0.81 -5.94 3.67
CA CYS A 37 -0.91 -5.27 2.38
C CYS A 37 -0.99 -6.34 1.30
N VAL A 38 -1.96 -6.15 0.40
CA VAL A 38 -2.15 -7.09 -0.68
C VAL A 38 -2.25 -6.32 -2.00
N LEU A 39 -1.18 -6.41 -2.79
CA LEU A 39 -1.13 -5.73 -4.07
C LEU A 39 -1.45 -6.73 -5.18
N ARG A 40 -2.22 -6.27 -6.14
CA ARG A 40 -2.60 -7.10 -7.27
C ARG A 40 -3.53 -6.34 -8.22
N ARG A 41 -3.28 -6.50 -9.51
CA ARG A 41 -4.08 -5.83 -10.52
C ARG A 41 -3.85 -4.32 -10.47
N GLY A 42 -2.88 -3.93 -9.65
CA GLY A 42 -2.54 -2.52 -9.50
C GLY A 42 -3.39 -1.87 -8.41
N SER A 43 -3.80 -2.69 -7.45
CA SER A 43 -4.61 -2.21 -6.35
C SER A 43 -4.07 -2.76 -5.02
N LEU A 44 -3.97 -1.87 -4.05
CA LEU A 44 -3.47 -2.25 -2.74
C LEU A 44 -4.65 -2.55 -1.81
N GLY A 45 -4.78 -3.81 -1.45
CA GLY A 45 -5.86 -4.24 -0.56
C GLY A 45 -5.35 -4.46 0.86
N PHE A 46 -6.19 -4.09 1.82
CA PHE A 46 -5.84 -4.25 3.22
C PHE A 46 -6.58 -5.43 3.84
N TYR A 47 -5.86 -6.16 4.68
CA TYR A 47 -6.43 -7.32 5.35
C TYR A 47 -5.80 -7.53 6.73
N LYS A 48 -6.42 -8.41 7.50
CA LYS A 48 -5.94 -8.70 8.84
C LYS A 48 -4.57 -9.35 8.75
N ASP A 49 -4.52 -10.48 8.05
CA ASP A 49 -3.27 -11.20 7.88
C ASP A 49 -3.30 -11.95 6.55
N ALA A 50 -2.23 -12.68 6.29
CA ALA A 50 -2.12 -13.45 5.07
C ALA A 50 -3.22 -14.52 5.03
N LYS A 51 -3.79 -14.76 6.20
CA LYS A 51 -4.84 -15.75 6.32
C LYS A 51 -6.19 -15.08 6.04
N ALA A 52 -6.20 -13.77 6.14
CA ALA A 52 -7.41 -13.01 5.89
C ALA A 52 -7.42 -12.53 4.44
N ALA A 53 -6.26 -12.60 3.81
CA ALA A 53 -6.12 -12.19 2.43
C ALA A 53 -6.55 -13.32 1.51
N SER A 54 -6.05 -14.51 1.82
CA SER A 54 -6.37 -15.69 1.04
C SER A 54 -7.85 -16.04 1.21
N ALA A 55 -8.31 -15.91 2.45
CA ALA A 55 -9.70 -16.22 2.76
C ALA A 55 -10.61 -15.13 2.17
N GLY A 56 -9.96 -14.06 1.72
CA GLY A 56 -10.70 -12.94 1.13
C GLY A 56 -11.45 -12.16 2.21
N VAL A 57 -10.93 -12.22 3.43
CA VAL A 57 -11.54 -11.53 4.54
C VAL A 57 -10.88 -10.16 4.71
N PRO A 58 -11.69 -9.09 4.46
CA PRO A 58 -11.20 -7.73 4.57
C PRO A 58 -11.06 -7.33 6.04
N TYR A 59 -9.97 -6.62 6.33
CA TYR A 59 -9.70 -6.18 7.69
C TYR A 59 -10.94 -5.51 8.29
N HIS A 60 -11.33 -4.39 7.70
CA HIS A 60 -12.48 -3.65 8.17
C HIS A 60 -13.46 -3.43 7.01
N GLY A 61 -13.60 -4.47 6.20
CA GLY A 61 -14.49 -4.40 5.06
C GLY A 61 -14.10 -3.27 4.11
N GLU A 62 -12.88 -2.79 4.30
CA GLU A 62 -12.37 -1.71 3.47
C GLU A 62 -11.89 -2.24 2.13
N VAL A 63 -12.27 -1.53 1.07
CA VAL A 63 -11.89 -1.93 -0.28
C VAL A 63 -10.43 -1.55 -0.52
N PRO A 64 -9.88 -2.07 -1.65
CA PRO A 64 -8.50 -1.79 -2.01
C PRO A 64 -8.35 -0.36 -2.56
N VAL A 65 -7.24 0.26 -2.22
CA VAL A 65 -6.96 1.61 -2.66
C VAL A 65 -6.27 1.56 -4.03
N SER A 66 -6.87 2.24 -4.99
CA SER A 66 -6.32 2.28 -6.34
C SER A 66 -5.00 3.05 -6.34
N LEU A 67 -3.99 2.42 -6.91
CA LEU A 67 -2.67 3.03 -6.99
C LEU A 67 -2.53 3.78 -8.31
N ALA A 68 -3.66 4.23 -8.81
CA ALA A 68 -3.69 4.96 -10.07
C ALA A 68 -3.23 6.41 -9.83
N ARG A 69 -2.08 6.73 -10.41
CA ARG A 69 -1.52 8.06 -10.26
C ARG A 69 -1.05 8.30 -8.82
N ALA A 70 -0.88 7.19 -8.11
CA ALA A 70 -0.44 7.25 -6.72
C ALA A 70 1.08 7.48 -6.69
N GLN A 71 1.58 7.73 -5.49
CA GLN A 71 3.00 7.96 -5.31
C GLN A 71 3.54 7.08 -4.17
N GLY A 72 4.62 6.38 -4.48
CA GLY A 72 5.25 5.50 -3.50
C GLY A 72 6.67 5.95 -3.20
N SER A 73 6.87 6.41 -1.97
CA SER A 73 8.18 6.86 -1.55
C SER A 73 8.47 6.36 -0.13
N VAL A 74 9.76 6.35 0.20
CA VAL A 74 10.19 5.89 1.51
C VAL A 74 10.08 7.05 2.52
N ALA A 75 10.11 6.69 3.79
CA ALA A 75 10.03 7.68 4.85
C ALA A 75 11.22 7.51 5.79
N PHE A 76 12.40 7.81 5.26
CA PHE A 76 13.62 7.71 6.04
C PHE A 76 13.55 8.57 7.30
N ASP A 77 12.71 9.59 7.22
CA ASP A 77 12.53 10.49 8.35
C ASP A 77 12.09 9.70 9.58
N TYR A 78 11.42 8.59 9.32
CA TYR A 78 10.94 7.73 10.40
C TYR A 78 12.07 6.84 10.92
N ARG A 79 12.51 7.17 12.13
CA ARG A 79 13.58 6.41 12.76
C ARG A 79 13.00 5.31 13.65
N LYS A 80 11.86 5.62 14.25
CA LYS A 80 11.19 4.67 15.12
C LYS A 80 11.19 3.28 14.47
N ARG A 81 10.27 3.11 13.53
CA ARG A 81 10.16 1.85 12.83
C ARG A 81 10.99 1.88 11.54
N LYS A 82 11.98 1.00 11.49
CA LYS A 82 12.85 0.91 10.33
C LYS A 82 12.05 0.38 9.13
N HIS A 83 12.61 0.59 7.96
CA HIS A 83 11.97 0.15 6.73
C HIS A 83 10.51 0.62 6.71
N VAL A 84 10.36 1.94 6.63
CA VAL A 84 9.03 2.54 6.61
C VAL A 84 8.95 3.55 5.46
N PHE A 85 8.00 3.29 4.57
CA PHE A 85 7.81 4.17 3.42
C PHE A 85 6.41 4.78 3.42
N LYS A 86 6.31 5.97 2.84
CA LYS A 86 5.04 6.67 2.77
C LYS A 86 4.42 6.43 1.39
N LEU A 87 3.12 6.20 1.40
CA LEU A 87 2.38 5.95 0.17
C LEU A 87 1.30 7.01 0.01
N GLY A 88 1.57 7.97 -0.86
CA GLY A 88 0.61 9.04 -1.11
C GLY A 88 -0.18 8.79 -2.39
N LEU A 89 -1.48 8.59 -2.20
CA LEU A 89 -2.36 8.34 -3.33
C LEU A 89 -2.62 9.64 -4.09
N GLN A 90 -3.24 9.52 -5.25
CA GLN A 90 -3.56 10.67 -6.06
C GLN A 90 -4.75 11.43 -5.47
N ASP A 91 -5.44 10.77 -4.56
CA ASP A 91 -6.59 11.38 -3.92
C ASP A 91 -6.14 12.09 -2.63
N GLY A 92 -4.86 12.40 -2.60
CA GLY A 92 -4.29 13.07 -1.44
C GLY A 92 -4.36 12.18 -0.20
N LYS A 93 -4.21 10.88 -0.42
CA LYS A 93 -4.26 9.92 0.66
C LYS A 93 -2.84 9.43 0.96
N GLU A 94 -2.36 9.78 2.15
CA GLU A 94 -1.03 9.38 2.56
C GLU A 94 -1.10 8.24 3.57
N TYR A 95 -0.29 7.23 3.32
CA TYR A 95 -0.25 6.06 4.19
C TYR A 95 1.18 5.73 4.62
N LEU A 96 1.29 5.01 5.72
CA LEU A 96 2.58 4.63 6.24
C LEU A 96 2.63 3.11 6.42
N PHE A 97 3.59 2.50 5.74
CA PHE A 97 3.76 1.06 5.80
C PHE A 97 5.17 0.69 6.25
N GLN A 98 5.23 -0.19 7.25
CA GLN A 98 6.52 -0.63 7.77
C GLN A 98 6.83 -2.04 7.26
N ALA A 99 7.95 -2.14 6.56
CA ALA A 99 8.38 -3.42 6.02
C ALA A 99 9.14 -4.20 7.09
N LYS A 100 9.43 -5.46 6.78
CA LYS A 100 10.15 -6.31 7.71
C LYS A 100 11.64 -5.93 7.70
N ASP A 101 12.04 -5.33 6.59
CA ASP A 101 13.44 -4.91 6.43
C ASP A 101 13.56 -4.01 5.21
N GLU A 102 14.79 -3.62 4.92
CA GLU A 102 15.06 -2.76 3.78
C GLU A 102 14.66 -3.45 2.48
N ALA A 103 14.76 -4.78 2.49
CA ALA A 103 14.41 -5.57 1.33
C ALA A 103 12.90 -5.52 1.12
N GLU A 104 12.17 -6.11 2.06
CA GLU A 104 10.72 -6.15 1.99
C GLU A 104 10.19 -4.81 1.45
N MET A 105 10.70 -3.74 2.04
CA MET A 105 10.29 -2.41 1.63
C MET A 105 10.65 -2.14 0.17
N SER A 106 11.94 -2.02 -0.09
CA SER A 106 12.42 -1.76 -1.43
C SER A 106 11.54 -2.49 -2.46
N SER A 107 11.28 -3.77 -2.17
CA SER A 107 10.46 -4.57 -3.03
C SER A 107 9.08 -3.93 -3.21
N TRP A 108 8.45 -3.64 -2.08
CA TRP A 108 7.15 -3.02 -2.09
C TRP A 108 7.17 -1.86 -3.08
N LEU A 109 7.96 -0.85 -2.74
CA LEU A 109 8.08 0.33 -3.58
C LEU A 109 8.20 -0.12 -5.05
N ARG A 110 9.08 -1.07 -5.28
CA ARG A 110 9.30 -1.60 -6.61
C ARG A 110 8.00 -2.17 -7.17
N VAL A 111 7.25 -2.81 -6.29
CA VAL A 111 5.99 -3.42 -6.68
C VAL A 111 4.92 -2.33 -6.82
N VAL A 112 4.70 -1.63 -5.72
CA VAL A 112 3.71 -0.56 -5.69
C VAL A 112 3.91 0.33 -6.93
N ASN A 113 5.18 0.51 -7.29
CA ASN A 113 5.50 1.33 -8.45
C ASN A 113 5.11 0.59 -9.73
N ALA A 114 5.31 -0.72 -9.70
CA ALA A 114 4.98 -1.55 -10.85
C ALA A 114 3.46 -1.58 -11.03
N ALA A 115 2.76 -1.18 -9.97
CA ALA A 115 1.31 -1.16 -10.00
C ALA A 115 0.84 0.22 -10.43
N ILE A 116 1.54 1.24 -9.95
CA ILE A 116 1.20 2.61 -10.28
C ILE A 116 1.37 2.83 -11.78
N ALA A 117 2.58 2.55 -12.26
CA ALA A 117 2.89 2.70 -13.67
C ALA A 117 1.84 1.96 -14.51
N SER A 118 1.58 0.72 -14.10
CA SER A 118 0.60 -0.11 -14.79
C SER A 118 -0.82 0.31 -14.38
N GLY A 119 -1.09 1.59 -14.54
CA GLY A 119 -2.41 2.12 -14.21
C GLY A 119 -3.17 2.55 -15.46
N PRO A 120 -4.24 3.35 -15.23
CA PRO A 120 -5.07 3.82 -16.33
C PRO A 120 -4.36 4.94 -17.11
N SER A 121 -4.06 4.65 -18.36
CA SER A 121 -3.39 5.61 -19.21
C SER A 121 -4.24 6.86 -19.37
N SER A 122 -3.64 7.89 -19.95
CA SER A 122 -4.34 9.14 -20.17
C SER A 122 -4.53 9.87 -18.83
N GLY A 123 -5.25 9.22 -17.94
CA GLY A 123 -5.52 9.79 -16.63
C GLY A 123 -6.99 10.16 -16.48
N GLY A 1 6.54 -16.91 -17.74
CA GLY A 1 6.74 -15.58 -18.32
C GLY A 1 7.49 -15.68 -19.65
N SER A 2 8.74 -15.22 -19.63
CA SER A 2 9.56 -15.25 -20.83
C SER A 2 8.94 -14.36 -21.91
N SER A 3 9.57 -13.21 -22.13
CA SER A 3 9.10 -12.28 -23.12
C SER A 3 7.60 -12.01 -22.93
N GLY A 4 7.32 -11.05 -22.06
CA GLY A 4 5.94 -10.69 -21.77
C GLY A 4 5.66 -10.76 -20.26
N SER A 5 4.74 -9.93 -19.83
CA SER A 5 4.36 -9.88 -18.42
C SER A 5 3.01 -9.19 -18.26
N SER A 6 2.31 -9.58 -17.20
CA SER A 6 1.01 -9.01 -16.91
C SER A 6 1.14 -7.81 -15.98
N GLY A 7 1.55 -8.09 -14.75
CA GLY A 7 1.72 -7.05 -13.75
C GLY A 7 2.52 -7.57 -12.56
N GLU A 8 2.66 -6.71 -11.56
CA GLU A 8 3.40 -7.07 -10.37
C GLU A 8 2.50 -6.94 -9.13
N GLN A 9 2.46 -8.01 -8.36
CA GLN A 9 1.64 -8.03 -7.16
C GLN A 9 2.52 -8.34 -5.94
N MET A 10 2.13 -7.76 -4.80
CA MET A 10 2.86 -7.96 -3.57
C MET A 10 1.92 -7.93 -2.37
N GLU A 11 2.04 -8.95 -1.53
CA GLU A 11 1.21 -9.06 -0.34
C GLU A 11 2.04 -9.54 0.84
N GLY A 12 1.98 -8.77 1.92
CA GLY A 12 2.71 -9.11 3.13
C GLY A 12 2.28 -8.23 4.30
N MET A 13 2.45 -8.78 5.50
CA MET A 13 2.08 -8.05 6.71
C MET A 13 2.84 -6.73 6.80
N LEU A 14 2.07 -5.65 6.91
CA LEU A 14 2.66 -4.33 7.01
C LEU A 14 1.85 -3.49 8.00
N CYS A 15 2.49 -2.47 8.54
CA CYS A 15 1.85 -1.59 9.50
C CYS A 15 1.32 -0.36 8.74
N ARG A 16 0.06 -0.42 8.39
CA ARG A 16 -0.58 0.67 7.67
C ARG A 16 -1.15 1.70 8.65
N LYS A 17 -0.67 2.92 8.53
CA LYS A 17 -1.12 3.99 9.40
C LYS A 17 -1.64 5.16 8.54
N GLN A 18 -2.96 5.19 8.39
CA GLN A 18 -3.58 6.24 7.60
C GLN A 18 -3.27 7.61 8.19
N GLU A 19 -2.43 8.36 7.48
CA GLU A 19 -2.05 9.69 7.93
C GLU A 19 -3.02 10.74 7.37
N MET A 20 -3.30 10.62 6.08
CA MET A 20 -4.20 11.54 5.41
C MET A 20 -5.30 10.79 4.68
N GLU A 21 -6.49 11.38 4.71
CA GLU A 21 -7.64 10.77 4.05
C GLU A 21 -7.94 11.51 2.75
N ALA A 22 -7.29 12.65 2.57
CA ALA A 22 -7.48 13.46 1.38
C ALA A 22 -6.70 14.76 1.52
N PHE A 23 -6.66 15.50 0.42
CA PHE A 23 -5.94 16.78 0.41
C PHE A 23 -6.33 17.63 1.62
N GLY A 24 -5.35 17.85 2.49
CA GLY A 24 -5.57 18.64 3.69
C GLY A 24 -6.56 17.95 4.63
N LYS A 25 -6.75 16.66 4.40
CA LYS A 25 -7.66 15.87 5.21
C LYS A 25 -6.85 14.92 6.10
N LYS A 26 -7.14 14.97 7.39
CA LYS A 26 -6.45 14.12 8.35
C LYS A 26 -7.35 12.92 8.68
N ALA A 27 -6.70 11.78 8.84
CA ALA A 27 -7.42 10.56 9.17
C ALA A 27 -7.88 10.61 10.62
N ALA A 28 -9.15 10.28 10.81
CA ALA A 28 -9.73 10.29 12.15
C ALA A 28 -8.87 9.43 13.08
N ASN A 29 -8.90 8.13 12.81
CA ASN A 29 -8.14 7.18 13.61
C ASN A 29 -6.66 7.57 13.58
N ARG A 30 -6.07 7.42 12.41
CA ARG A 30 -4.66 7.75 12.22
C ARG A 30 -3.81 7.07 13.30
N SER A 31 -4.08 5.78 13.48
CA SER A 31 -3.34 5.01 14.48
C SER A 31 -2.62 3.84 13.79
N TRP A 32 -1.47 3.50 14.36
CA TRP A 32 -0.67 2.40 13.82
C TRP A 32 -1.44 1.09 14.06
N GLN A 33 -1.64 0.36 12.97
CA GLN A 33 -2.36 -0.90 13.05
C GLN A 33 -1.79 -1.89 12.03
N ASN A 34 -1.51 -3.09 12.50
CA ASN A 34 -0.97 -4.14 11.65
C ASN A 34 -2.03 -4.53 10.61
N VAL A 35 -1.81 -4.05 9.39
CA VAL A 35 -2.73 -4.34 8.31
C VAL A 35 -1.96 -4.98 7.15
N TYR A 36 -2.42 -6.16 6.75
CA TYR A 36 -1.78 -6.88 5.67
C TYR A 36 -2.00 -6.18 4.33
N CYS A 37 -0.91 -5.70 3.75
CA CYS A 37 -0.98 -5.00 2.48
C CYS A 37 -1.04 -6.05 1.37
N VAL A 38 -2.06 -5.89 0.52
CA VAL A 38 -2.25 -6.81 -0.59
C VAL A 38 -2.30 -6.02 -1.90
N LEU A 39 -1.21 -6.09 -2.64
CA LEU A 39 -1.11 -5.38 -3.90
C LEU A 39 -1.41 -6.36 -5.04
N ARG A 40 -2.06 -5.83 -6.08
CA ARG A 40 -2.40 -6.65 -7.24
C ARG A 40 -2.22 -5.84 -8.52
N ARG A 41 -3.09 -6.13 -9.48
CA ARG A 41 -3.04 -5.44 -10.76
C ARG A 41 -3.39 -3.96 -10.58
N GLY A 42 -2.51 -3.26 -9.88
CA GLY A 42 -2.72 -1.84 -9.62
C GLY A 42 -3.84 -1.62 -8.59
N SER A 43 -3.72 -2.34 -7.48
CA SER A 43 -4.71 -2.23 -6.43
C SER A 43 -4.12 -2.74 -5.10
N LEU A 44 -4.13 -1.87 -4.11
CA LEU A 44 -3.59 -2.21 -2.81
C LEU A 44 -4.75 -2.43 -1.84
N GLY A 45 -5.00 -3.69 -1.53
CA GLY A 45 -6.08 -4.04 -0.61
C GLY A 45 -5.53 -4.32 0.80
N PHE A 46 -6.37 -4.05 1.78
CA PHE A 46 -5.99 -4.27 3.17
C PHE A 46 -6.75 -5.45 3.77
N TYR A 47 -6.03 -6.24 4.54
CA TYR A 47 -6.62 -7.41 5.18
C TYR A 47 -6.03 -7.61 6.58
N LYS A 48 -6.81 -8.31 7.41
CA LYS A 48 -6.38 -8.60 8.77
C LYS A 48 -4.95 -9.12 8.75
N ASP A 49 -4.78 -10.26 8.10
CA ASP A 49 -3.47 -10.88 8.00
C ASP A 49 -3.42 -11.78 6.75
N ALA A 50 -2.32 -12.50 6.64
CA ALA A 50 -2.14 -13.40 5.51
C ALA A 50 -3.16 -14.53 5.59
N LYS A 51 -3.83 -14.60 6.73
CA LYS A 51 -4.83 -15.64 6.94
C LYS A 51 -6.15 -15.19 6.32
N ALA A 52 -6.29 -13.88 6.17
CA ALA A 52 -7.50 -13.32 5.60
C ALA A 52 -7.27 -13.05 4.10
N ALA A 53 -6.02 -12.75 3.77
CA ALA A 53 -5.66 -12.48 2.39
C ALA A 53 -5.97 -13.70 1.54
N SER A 54 -5.67 -14.86 2.08
CA SER A 54 -5.91 -16.11 1.37
C SER A 54 -7.39 -16.48 1.48
N ALA A 55 -8.03 -15.99 2.54
CA ALA A 55 -9.43 -16.27 2.77
C ALA A 55 -10.28 -15.17 2.10
N GLY A 56 -9.61 -14.37 1.29
CA GLY A 56 -10.28 -13.28 0.59
C GLY A 56 -11.19 -12.51 1.54
N VAL A 57 -10.82 -12.52 2.81
CA VAL A 57 -11.59 -11.82 3.83
C VAL A 57 -10.93 -10.48 4.14
N PRO A 58 -11.70 -9.39 3.94
CA PRO A 58 -11.20 -8.05 4.20
C PRO A 58 -11.14 -7.77 5.69
N TYR A 59 -10.15 -6.96 6.07
CA TYR A 59 -9.96 -6.61 7.46
C TYR A 59 -11.23 -5.98 8.05
N HIS A 60 -11.55 -4.81 7.54
CA HIS A 60 -12.73 -4.09 8.00
C HIS A 60 -13.68 -3.85 6.82
N GLY A 61 -13.87 -4.89 6.03
CA GLY A 61 -14.75 -4.81 4.87
C GLY A 61 -14.30 -3.68 3.94
N GLU A 62 -13.08 -3.24 4.14
CA GLU A 62 -12.53 -2.16 3.33
C GLU A 62 -12.20 -2.67 1.93
N VAL A 63 -12.17 -1.74 0.98
CA VAL A 63 -11.87 -2.08 -0.40
C VAL A 63 -10.43 -1.68 -0.72
N PRO A 64 -9.95 -2.16 -1.89
CA PRO A 64 -8.60 -1.86 -2.32
C PRO A 64 -8.49 -0.42 -2.83
N VAL A 65 -7.32 0.18 -2.62
CA VAL A 65 -7.09 1.54 -3.05
C VAL A 65 -6.40 1.53 -4.42
N SER A 66 -7.04 2.17 -5.38
CA SER A 66 -6.51 2.25 -6.73
C SER A 66 -5.09 2.81 -6.70
N LEU A 67 -4.19 2.11 -7.37
CA LEU A 67 -2.80 2.54 -7.42
C LEU A 67 -2.54 3.23 -8.75
N ALA A 68 -3.41 4.19 -9.07
CA ALA A 68 -3.28 4.94 -10.30
C ALA A 68 -1.92 5.62 -10.35
N ARG A 69 -1.95 6.95 -10.35
CA ARG A 69 -0.73 7.73 -10.39
C ARG A 69 -0.15 7.88 -8.98
N ALA A 70 -0.66 7.05 -8.08
CA ALA A 70 -0.21 7.08 -6.70
C ALA A 70 1.32 7.23 -6.67
N GLN A 71 1.82 7.62 -5.51
CA GLN A 71 3.26 7.81 -5.33
C GLN A 71 3.77 6.94 -4.19
N GLY A 72 4.88 6.27 -4.45
CA GLY A 72 5.48 5.40 -3.45
C GLY A 72 6.94 5.79 -3.20
N SER A 73 7.17 6.36 -2.02
CA SER A 73 8.51 6.78 -1.64
C SER A 73 8.80 6.38 -0.19
N VAL A 74 10.08 6.24 0.11
CA VAL A 74 10.48 5.88 1.45
C VAL A 74 10.10 6.99 2.43
N ALA A 75 9.95 6.61 3.69
CA ALA A 75 9.59 7.57 4.72
C ALA A 75 10.81 8.40 5.11
N PHE A 76 11.89 7.70 5.44
CA PHE A 76 13.13 8.35 5.82
C PHE A 76 12.92 9.25 7.04
N ASP A 77 12.32 10.40 6.79
CA ASP A 77 12.05 11.36 7.85
C ASP A 77 11.65 10.60 9.12
N TYR A 78 10.97 9.48 8.91
CA TYR A 78 10.54 8.67 10.03
C TYR A 78 11.73 8.06 10.78
N ARG A 79 12.02 8.65 11.93
CA ARG A 79 13.12 8.19 12.75
C ARG A 79 12.60 7.39 13.94
N LYS A 80 12.00 6.25 13.62
CA LYS A 80 11.45 5.38 14.65
C LYS A 80 11.49 3.93 14.17
N ARG A 81 10.71 3.67 13.14
CA ARG A 81 10.66 2.33 12.56
C ARG A 81 11.55 2.24 11.32
N LYS A 82 12.30 1.15 11.25
CA LYS A 82 13.19 0.93 10.13
C LYS A 82 12.41 0.32 8.96
N HIS A 83 12.87 0.63 7.76
CA HIS A 83 12.22 0.11 6.57
C HIS A 83 10.77 0.58 6.53
N VAL A 84 10.59 1.88 6.35
CA VAL A 84 9.26 2.45 6.29
C VAL A 84 9.15 3.38 5.08
N PHE A 85 8.06 3.20 4.34
CA PHE A 85 7.83 4.01 3.16
C PHE A 85 6.43 4.63 3.18
N LYS A 86 6.35 5.86 2.69
CA LYS A 86 5.09 6.57 2.65
C LYS A 86 4.45 6.39 1.27
N LEU A 87 3.14 6.18 1.29
CA LEU A 87 2.40 5.99 0.05
C LEU A 87 1.29 7.04 -0.04
N GLY A 88 1.44 7.91 -1.03
CA GLY A 88 0.46 8.97 -1.24
C GLY A 88 -0.31 8.75 -2.55
N LEU A 89 -1.60 8.52 -2.41
CA LEU A 89 -2.46 8.29 -3.56
C LEU A 89 -2.69 9.62 -4.28
N GLN A 90 -3.52 9.56 -5.30
CA GLN A 90 -3.84 10.74 -6.08
C GLN A 90 -5.07 11.45 -5.48
N ASP A 91 -5.68 10.79 -4.53
CA ASP A 91 -6.86 11.34 -3.87
C ASP A 91 -6.44 12.01 -2.55
N GLY A 92 -5.14 12.25 -2.45
CA GLY A 92 -4.60 12.88 -1.25
C GLY A 92 -4.61 11.91 -0.06
N LYS A 93 -4.48 10.63 -0.39
CA LYS A 93 -4.48 9.61 0.64
C LYS A 93 -3.04 9.15 0.91
N GLU A 94 -2.55 9.50 2.09
CA GLU A 94 -1.19 9.14 2.48
C GLU A 94 -1.22 8.01 3.52
N TYR A 95 -0.42 6.99 3.25
CA TYR A 95 -0.35 5.85 4.14
C TYR A 95 1.10 5.55 4.53
N LEU A 96 1.26 5.04 5.74
CA LEU A 96 2.57 4.70 6.25
C LEU A 96 2.67 3.19 6.48
N PHE A 97 3.55 2.56 5.73
CA PHE A 97 3.75 1.12 5.86
C PHE A 97 5.17 0.80 6.31
N GLN A 98 5.28 -0.19 7.18
CA GLN A 98 6.57 -0.62 7.69
C GLN A 98 6.85 -2.06 7.30
N ALA A 99 7.90 -2.23 6.51
CA ALA A 99 8.29 -3.57 6.06
C ALA A 99 9.11 -4.25 7.15
N LYS A 100 9.36 -5.53 6.94
CA LYS A 100 10.13 -6.31 7.90
C LYS A 100 11.59 -5.84 7.88
N ASP A 101 12.06 -5.57 6.67
CA ASP A 101 13.44 -5.11 6.50
C ASP A 101 13.51 -4.17 5.29
N GLU A 102 14.73 -3.88 4.88
CA GLU A 102 14.95 -3.00 3.75
C GLU A 102 14.47 -3.68 2.46
N ALA A 103 14.79 -4.95 2.34
CA ALA A 103 14.40 -5.72 1.18
C ALA A 103 12.88 -5.64 1.00
N GLU A 104 12.18 -6.28 1.93
CA GLU A 104 10.73 -6.28 1.89
C GLU A 104 10.20 -4.92 1.46
N MET A 105 10.80 -3.87 2.01
CA MET A 105 10.40 -2.52 1.69
C MET A 105 10.72 -2.19 0.23
N SER A 106 12.01 -2.11 -0.07
CA SER A 106 12.46 -1.80 -1.41
C SER A 106 11.59 -2.54 -2.43
N SER A 107 11.26 -3.77 -2.11
CA SER A 107 10.45 -4.59 -2.98
C SER A 107 9.08 -3.94 -3.16
N TRP A 108 8.41 -3.71 -2.05
CA TRP A 108 7.09 -3.08 -2.07
C TRP A 108 7.12 -1.95 -3.10
N LEU A 109 7.90 -0.93 -2.78
CA LEU A 109 8.03 0.22 -3.66
C LEU A 109 8.12 -0.27 -5.11
N ARG A 110 9.10 -1.11 -5.36
CA ARG A 110 9.30 -1.66 -6.69
C ARG A 110 7.99 -2.23 -7.24
N VAL A 111 7.23 -2.84 -6.34
CA VAL A 111 5.95 -3.43 -6.72
C VAL A 111 4.91 -2.32 -6.87
N VAL A 112 4.69 -1.61 -5.77
CA VAL A 112 3.72 -0.53 -5.75
C VAL A 112 3.91 0.33 -7.00
N ASN A 113 5.17 0.62 -7.30
CA ASN A 113 5.50 1.43 -8.46
C ASN A 113 5.10 0.68 -9.73
N ALA A 114 5.34 -0.63 -9.70
CA ALA A 114 5.02 -1.47 -10.84
C ALA A 114 3.51 -1.45 -11.08
N ALA A 115 2.78 -1.06 -10.04
CA ALA A 115 1.33 -0.99 -10.12
C ALA A 115 0.93 0.40 -10.60
N ILE A 116 1.68 1.39 -10.16
CA ILE A 116 1.41 2.77 -10.53
C ILE A 116 1.83 3.00 -11.99
N ALA A 117 2.98 2.43 -12.33
CA ALA A 117 3.49 2.55 -13.68
C ALA A 117 2.57 1.81 -14.65
N SER A 118 2.31 0.55 -14.33
CA SER A 118 1.44 -0.27 -15.16
C SER A 118 -0.01 -0.18 -14.66
N GLY A 119 -0.62 0.96 -14.94
CA GLY A 119 -2.00 1.19 -14.54
C GLY A 119 -2.79 1.90 -15.63
N PRO A 120 -3.70 2.80 -15.19
CA PRO A 120 -4.52 3.56 -16.12
C PRO A 120 -3.72 4.67 -16.78
N SER A 121 -4.35 5.32 -17.75
CA SER A 121 -3.70 6.40 -18.48
C SER A 121 -4.74 7.44 -18.91
N SER A 122 -5.74 6.95 -19.64
CA SER A 122 -6.79 7.82 -20.13
C SER A 122 -7.87 7.99 -19.06
N GLY A 123 -7.89 9.17 -18.46
CA GLY A 123 -8.86 9.47 -17.42
C GLY A 123 -8.16 9.87 -16.12
N GLY A 1 -12.46 0.39 -20.33
CA GLY A 1 -12.31 -1.03 -20.08
C GLY A 1 -10.83 -1.45 -20.15
N SER A 2 -10.32 -1.89 -19.01
CA SER A 2 -8.94 -2.32 -18.92
C SER A 2 -8.62 -2.78 -17.50
N SER A 3 -8.83 -4.08 -17.28
CA SER A 3 -8.57 -4.67 -15.98
C SER A 3 -7.09 -5.00 -15.83
N GLY A 4 -6.61 -5.82 -16.76
CA GLY A 4 -5.22 -6.23 -16.74
C GLY A 4 -5.07 -7.72 -17.06
N SER A 5 -4.09 -8.33 -16.41
CA SER A 5 -3.84 -9.75 -16.61
C SER A 5 -2.83 -10.25 -15.58
N SER A 6 -1.78 -9.47 -15.40
CA SER A 6 -0.73 -9.82 -14.46
C SER A 6 0.40 -8.79 -14.51
N GLY A 7 1.22 -8.81 -13.47
CA GLY A 7 2.34 -7.88 -13.39
C GLY A 7 3.15 -8.12 -12.12
N GLU A 8 3.54 -7.02 -11.49
CA GLU A 8 4.32 -7.10 -10.27
C GLU A 8 3.40 -7.10 -9.04
N GLN A 9 3.14 -8.29 -8.55
CA GLN A 9 2.27 -8.45 -7.38
C GLN A 9 3.12 -8.59 -6.11
N MET A 10 2.54 -8.14 -5.00
CA MET A 10 3.23 -8.20 -3.72
C MET A 10 2.23 -8.18 -2.57
N GLU A 11 2.46 -9.07 -1.61
CA GLU A 11 1.60 -9.17 -0.45
C GLU A 11 2.38 -9.64 0.77
N GLY A 12 2.20 -8.92 1.87
CA GLY A 12 2.89 -9.26 3.10
C GLY A 12 2.36 -8.43 4.27
N MET A 13 2.72 -8.85 5.48
CA MET A 13 2.29 -8.14 6.67
C MET A 13 3.01 -6.79 6.80
N LEU A 14 2.23 -5.74 6.70
CA LEU A 14 2.77 -4.39 6.80
C LEU A 14 1.93 -3.58 7.79
N CYS A 15 2.55 -2.57 8.36
CA CYS A 15 1.88 -1.71 9.32
C CYS A 15 1.34 -0.49 8.58
N ARG A 16 0.07 -0.56 8.20
CA ARG A 16 -0.57 0.52 7.49
C ARG A 16 -1.18 1.52 8.49
N LYS A 17 -0.70 2.75 8.41
CA LYS A 17 -1.19 3.79 9.30
C LYS A 17 -1.69 4.98 8.46
N GLN A 18 -3.00 5.05 8.32
CA GLN A 18 -3.61 6.11 7.55
C GLN A 18 -3.32 7.48 8.19
N GLU A 19 -2.49 8.25 7.50
CA GLU A 19 -2.12 9.56 8.00
C GLU A 19 -3.16 10.60 7.57
N MET A 20 -3.35 10.69 6.26
CA MET A 20 -4.30 11.64 5.71
C MET A 20 -5.38 10.92 4.90
N GLU A 21 -6.55 11.54 4.83
CA GLU A 21 -7.65 10.97 4.08
C GLU A 21 -7.87 11.74 2.78
N ALA A 22 -7.20 12.88 2.68
CA ALA A 22 -7.31 13.71 1.50
C ALA A 22 -6.55 15.02 1.73
N PHE A 23 -6.47 15.82 0.66
CA PHE A 23 -5.77 17.09 0.74
C PHE A 23 -6.23 17.88 1.97
N GLY A 24 -5.27 18.12 2.86
CA GLY A 24 -5.56 18.86 4.08
C GLY A 24 -6.60 18.14 4.93
N LYS A 25 -6.85 16.90 4.57
CA LYS A 25 -7.82 16.09 5.29
C LYS A 25 -7.08 15.15 6.26
N LYS A 26 -7.55 15.14 7.49
CA LYS A 26 -6.95 14.30 8.51
C LYS A 26 -7.77 13.02 8.67
N ALA A 27 -7.06 11.91 8.84
CA ALA A 27 -7.70 10.62 9.00
C ALA A 27 -8.44 10.59 10.33
N ALA A 28 -9.53 9.85 10.36
CA ALA A 28 -10.34 9.72 11.56
C ALA A 28 -9.45 9.25 12.71
N ASN A 29 -9.15 7.95 12.68
CA ASN A 29 -8.31 7.36 13.71
C ASN A 29 -6.89 7.89 13.57
N ARG A 30 -6.19 7.41 12.55
CA ARG A 30 -4.83 7.83 12.30
C ARG A 30 -3.88 7.14 13.28
N SER A 31 -4.09 5.85 13.47
CA SER A 31 -3.27 5.07 14.38
C SER A 31 -2.59 3.93 13.62
N TRP A 32 -1.51 3.42 14.21
CA TRP A 32 -0.77 2.34 13.60
C TRP A 32 -1.57 1.05 13.79
N GLN A 33 -1.73 0.33 12.69
CA GLN A 33 -2.48 -0.92 12.73
C GLN A 33 -1.90 -1.92 11.72
N ASN A 34 -1.44 -3.05 12.24
CA ASN A 34 -0.86 -4.08 11.40
C ASN A 34 -1.91 -4.56 10.40
N VAL A 35 -1.75 -4.10 9.16
CA VAL A 35 -2.67 -4.48 8.10
C VAL A 35 -1.90 -5.17 6.97
N TYR A 36 -2.37 -6.36 6.62
CA TYR A 36 -1.74 -7.13 5.57
C TYR A 36 -1.93 -6.47 4.21
N CYS A 37 -0.82 -6.04 3.62
CA CYS A 37 -0.85 -5.38 2.33
C CYS A 37 -0.92 -6.47 1.25
N VAL A 38 -1.86 -6.30 0.34
CA VAL A 38 -2.04 -7.25 -0.75
C VAL A 38 -2.18 -6.49 -2.07
N LEU A 39 -1.11 -6.53 -2.86
CA LEU A 39 -1.11 -5.85 -4.14
C LEU A 39 -1.41 -6.87 -5.25
N ARG A 40 -2.22 -6.44 -6.20
CA ARG A 40 -2.60 -7.29 -7.32
C ARG A 40 -3.27 -6.46 -8.41
N ARG A 41 -2.98 -6.83 -9.65
CA ARG A 41 -3.56 -6.13 -10.79
C ARG A 41 -3.38 -4.62 -10.64
N GLY A 42 -2.36 -4.26 -9.88
CA GLY A 42 -2.08 -2.85 -9.64
C GLY A 42 -3.10 -2.23 -8.68
N SER A 43 -3.32 -2.94 -7.58
CA SER A 43 -4.27 -2.47 -6.58
C SER A 43 -3.88 -3.02 -5.20
N LEU A 44 -3.75 -2.11 -4.25
CA LEU A 44 -3.38 -2.47 -2.90
C LEU A 44 -4.66 -2.78 -2.09
N GLY A 45 -4.69 -3.97 -1.53
CA GLY A 45 -5.84 -4.39 -0.74
C GLY A 45 -5.42 -4.68 0.70
N PHE A 46 -6.15 -4.07 1.63
CA PHE A 46 -5.87 -4.27 3.04
C PHE A 46 -6.70 -5.41 3.61
N TYR A 47 -6.03 -6.26 4.39
CA TYR A 47 -6.70 -7.39 5.00
C TYR A 47 -6.25 -7.58 6.45
N LYS A 48 -7.18 -8.01 7.28
CA LYS A 48 -6.89 -8.24 8.69
C LYS A 48 -5.50 -8.85 8.83
N ASP A 49 -5.32 -9.99 8.18
CA ASP A 49 -4.05 -10.68 8.22
C ASP A 49 -3.95 -11.65 7.04
N ALA A 50 -2.84 -12.36 6.99
CA ALA A 50 -2.62 -13.32 5.92
C ALA A 50 -3.72 -14.38 5.95
N LYS A 51 -4.33 -14.52 7.11
CA LYS A 51 -5.41 -15.48 7.28
C LYS A 51 -6.70 -14.91 6.72
N ALA A 52 -6.70 -13.60 6.53
CA ALA A 52 -7.87 -12.91 6.00
C ALA A 52 -7.70 -12.71 4.50
N ALA A 53 -6.45 -12.66 4.07
CA ALA A 53 -6.13 -12.48 2.67
C ALA A 53 -6.39 -13.79 1.92
N SER A 54 -5.99 -14.88 2.55
CA SER A 54 -6.17 -16.20 1.96
C SER A 54 -7.65 -16.56 1.93
N ALA A 55 -8.38 -15.98 2.88
CA ALA A 55 -9.82 -16.23 2.98
C ALA A 55 -10.57 -15.18 2.17
N GLY A 56 -9.81 -14.27 1.57
CA GLY A 56 -10.39 -13.21 0.76
C GLY A 56 -11.34 -12.35 1.60
N VAL A 57 -10.93 -12.11 2.84
CA VAL A 57 -11.73 -11.31 3.75
C VAL A 57 -11.07 -9.94 3.92
N PRO A 58 -11.77 -8.88 3.42
CA PRO A 58 -11.26 -7.53 3.53
C PRO A 58 -11.40 -6.99 4.96
N TYR A 59 -10.33 -6.40 5.44
CA TYR A 59 -10.31 -5.84 6.78
C TYR A 59 -11.41 -4.78 6.94
N HIS A 60 -12.35 -5.07 7.82
CA HIS A 60 -13.44 -4.15 8.08
C HIS A 60 -14.13 -3.80 6.76
N GLY A 61 -13.92 -4.65 5.77
CA GLY A 61 -14.50 -4.43 4.46
C GLY A 61 -13.95 -3.16 3.81
N GLU A 62 -12.64 -2.98 3.97
CA GLU A 62 -11.97 -1.82 3.41
C GLU A 62 -11.45 -2.13 2.01
N VAL A 63 -12.26 -1.84 1.01
CA VAL A 63 -11.89 -2.08 -0.37
C VAL A 63 -10.44 -1.65 -0.59
N PRO A 64 -9.88 -2.09 -1.74
CA PRO A 64 -8.51 -1.77 -2.08
C PRO A 64 -8.38 -0.31 -2.52
N VAL A 65 -7.14 0.17 -2.52
CA VAL A 65 -6.88 1.55 -2.91
C VAL A 65 -6.20 1.55 -4.29
N SER A 66 -6.82 2.25 -5.21
CA SER A 66 -6.29 2.34 -6.57
C SER A 66 -4.98 3.13 -6.56
N LEU A 67 -3.98 2.56 -7.21
CA LEU A 67 -2.68 3.20 -7.28
C LEU A 67 -2.57 3.98 -8.59
N ALA A 68 -3.72 4.45 -9.06
CA ALA A 68 -3.76 5.21 -10.30
C ALA A 68 -3.32 6.64 -10.02
N ARG A 69 -2.13 6.96 -10.49
CA ARG A 69 -1.57 8.30 -10.30
C ARG A 69 -1.10 8.48 -8.86
N ALA A 70 -0.82 7.35 -8.21
CA ALA A 70 -0.36 7.36 -6.83
C ALA A 70 1.17 7.39 -6.82
N GLN A 71 1.71 7.97 -5.75
CA GLN A 71 3.15 8.06 -5.60
C GLN A 71 3.61 7.22 -4.42
N GLY A 72 4.72 6.52 -4.62
CA GLY A 72 5.28 5.67 -3.58
C GLY A 72 6.74 6.03 -3.29
N SER A 73 6.97 6.47 -2.07
CA SER A 73 8.32 6.85 -1.66
C SER A 73 8.60 6.32 -0.25
N VAL A 74 9.89 6.27 0.08
CA VAL A 74 10.31 5.79 1.37
C VAL A 74 10.19 6.92 2.40
N ALA A 75 10.22 6.53 3.67
CA ALA A 75 10.11 7.50 4.74
C ALA A 75 11.23 7.24 5.77
N PHE A 76 12.46 7.34 5.29
CA PHE A 76 13.61 7.11 6.14
C PHE A 76 13.57 8.03 7.37
N ASP A 77 13.22 9.28 7.12
CA ASP A 77 13.13 10.26 8.18
C ASP A 77 12.52 9.61 9.42
N TYR A 78 11.40 8.93 9.20
CA TYR A 78 10.70 8.27 10.28
C TYR A 78 11.69 7.56 11.22
N ARG A 79 11.93 8.19 12.36
CA ARG A 79 12.85 7.64 13.34
C ARG A 79 12.07 6.85 14.40
N LYS A 80 11.72 5.62 14.04
CA LYS A 80 10.98 4.76 14.95
C LYS A 80 10.90 3.36 14.35
N ARG A 81 10.23 3.28 13.21
CA ARG A 81 10.06 2.01 12.52
C ARG A 81 11.09 1.87 11.39
N LYS A 82 11.74 0.71 11.36
CA LYS A 82 12.74 0.45 10.35
C LYS A 82 12.05 0.01 9.05
N HIS A 83 12.72 0.29 7.94
CA HIS A 83 12.18 -0.07 6.64
C HIS A 83 10.73 0.39 6.54
N VAL A 84 10.56 1.70 6.41
CA VAL A 84 9.24 2.28 6.30
C VAL A 84 9.19 3.25 5.10
N PHE A 85 8.05 3.25 4.43
CA PHE A 85 7.88 4.12 3.27
C PHE A 85 6.47 4.72 3.26
N LYS A 86 6.40 5.94 2.73
CA LYS A 86 5.13 6.64 2.64
C LYS A 86 4.51 6.41 1.27
N LEU A 87 3.19 6.34 1.25
CA LEU A 87 2.47 6.12 0.00
C LEU A 87 1.34 7.15 -0.11
N GLY A 88 1.56 8.14 -0.96
CA GLY A 88 0.58 9.18 -1.17
C GLY A 88 -0.24 8.92 -2.43
N LEU A 89 -1.53 8.68 -2.23
CA LEU A 89 -2.43 8.42 -3.34
C LEU A 89 -2.67 9.71 -4.12
N GLN A 90 -3.48 9.60 -5.15
CA GLN A 90 -3.81 10.75 -5.98
C GLN A 90 -5.03 11.48 -5.41
N ASP A 91 -5.54 10.96 -4.31
CA ASP A 91 -6.69 11.55 -3.66
C ASP A 91 -6.25 12.20 -2.35
N GLY A 92 -4.97 12.46 -2.25
CA GLY A 92 -4.41 13.08 -1.06
C GLY A 92 -4.45 12.11 0.12
N LYS A 93 -4.39 10.83 -0.20
CA LYS A 93 -4.42 9.79 0.82
C LYS A 93 -3.00 9.28 1.05
N GLU A 94 -2.41 9.73 2.16
CA GLU A 94 -1.06 9.32 2.51
C GLU A 94 -1.09 8.19 3.54
N TYR A 95 -0.38 7.13 3.22
CA TYR A 95 -0.32 5.97 4.10
C TYR A 95 1.12 5.69 4.54
N LEU A 96 1.24 4.90 5.60
CA LEU A 96 2.54 4.55 6.12
C LEU A 96 2.62 3.04 6.33
N PHE A 97 3.55 2.42 5.62
CA PHE A 97 3.74 0.98 5.71
C PHE A 97 5.16 0.64 6.17
N GLN A 98 5.22 -0.26 7.15
CA GLN A 98 6.51 -0.69 7.69
C GLN A 98 6.81 -2.11 7.25
N ALA A 99 7.78 -2.24 6.36
CA ALA A 99 8.18 -3.55 5.85
C ALA A 99 8.92 -4.30 6.96
N LYS A 100 9.24 -5.56 6.66
CA LYS A 100 9.95 -6.39 7.62
C LYS A 100 11.43 -5.99 7.64
N ASP A 101 11.93 -5.63 6.47
CA ASP A 101 13.31 -5.23 6.34
C ASP A 101 13.47 -4.30 5.13
N GLU A 102 14.70 -3.89 4.89
CA GLU A 102 15.00 -3.01 3.78
C GLU A 102 14.54 -3.65 2.46
N ALA A 103 14.85 -4.93 2.33
CA ALA A 103 14.49 -5.66 1.13
C ALA A 103 12.97 -5.59 0.93
N GLU A 104 12.26 -6.23 1.84
CA GLU A 104 10.81 -6.26 1.79
C GLU A 104 10.28 -4.89 1.34
N MET A 105 10.82 -3.85 1.95
CA MET A 105 10.42 -2.49 1.64
C MET A 105 10.68 -2.18 0.16
N SER A 106 11.96 -2.03 -0.16
CA SER A 106 12.36 -1.73 -1.52
C SER A 106 11.42 -2.43 -2.52
N SER A 107 11.24 -3.73 -2.29
CA SER A 107 10.37 -4.52 -3.15
C SER A 107 8.99 -3.87 -3.23
N TRP A 108 8.42 -3.60 -2.06
CA TRP A 108 7.11 -2.98 -1.99
C TRP A 108 7.11 -1.74 -2.89
N LEU A 109 8.11 -0.90 -2.67
CA LEU A 109 8.25 0.32 -3.45
C LEU A 109 8.31 -0.04 -4.94
N ARG A 110 9.17 -0.99 -5.25
CA ARG A 110 9.33 -1.44 -6.63
C ARG A 110 8.00 -1.96 -7.18
N VAL A 111 7.31 -2.73 -6.34
CA VAL A 111 6.03 -3.29 -6.72
C VAL A 111 4.99 -2.18 -6.83
N VAL A 112 4.79 -1.49 -5.72
CA VAL A 112 3.83 -0.39 -5.68
C VAL A 112 4.05 0.52 -6.89
N ASN A 113 5.31 0.75 -7.19
CA ASN A 113 5.67 1.60 -8.31
C ASN A 113 5.33 0.88 -9.61
N ALA A 114 5.56 -0.43 -9.62
CA ALA A 114 5.28 -1.23 -10.79
C ALA A 114 3.77 -1.29 -11.02
N ALA A 115 3.03 -0.95 -9.97
CA ALA A 115 1.58 -0.95 -10.04
C ALA A 115 1.09 0.42 -10.48
N ILE A 116 1.72 1.45 -9.92
CA ILE A 116 1.36 2.81 -10.25
C ILE A 116 1.54 3.05 -11.75
N ALA A 117 2.73 2.72 -12.22
CA ALA A 117 3.04 2.88 -13.63
C ALA A 117 1.98 2.15 -14.47
N SER A 118 1.65 0.95 -14.03
CA SER A 118 0.66 0.15 -14.73
C SER A 118 -0.74 0.61 -14.36
N GLY A 119 -1.02 1.88 -14.68
CA GLY A 119 -2.32 2.45 -14.40
C GLY A 119 -3.24 2.39 -15.62
N PRO A 120 -4.33 3.20 -15.57
CA PRO A 120 -5.29 3.24 -16.66
C PRO A 120 -4.72 4.03 -17.84
N SER A 121 -3.74 3.44 -18.49
CA SER A 121 -3.11 4.07 -19.63
C SER A 121 -3.26 3.20 -20.88
N SER A 122 -2.95 3.77 -22.02
CA SER A 122 -3.05 3.05 -23.28
C SER A 122 -1.67 2.97 -23.94
N GLY A 123 -1.57 2.09 -24.93
CA GLY A 123 -0.32 1.89 -25.65
C GLY A 123 -0.57 1.73 -27.15
N GLY A 1 -4.02 -3.17 -28.78
CA GLY A 1 -4.02 -3.01 -27.34
C GLY A 1 -5.20 -3.74 -26.70
N SER A 2 -4.89 -4.59 -25.73
CA SER A 2 -5.92 -5.33 -25.04
C SER A 2 -5.46 -5.66 -23.61
N SER A 3 -6.40 -6.14 -22.82
CA SER A 3 -6.11 -6.49 -21.44
C SER A 3 -5.30 -7.80 -21.40
N GLY A 4 -4.32 -7.81 -20.49
CA GLY A 4 -3.46 -8.99 -20.35
C GLY A 4 -3.15 -9.24 -18.87
N SER A 5 -2.46 -10.34 -18.64
CA SER A 5 -2.09 -10.71 -17.28
C SER A 5 -0.60 -10.43 -17.05
N SER A 6 -0.32 -9.26 -16.50
CA SER A 6 1.05 -8.85 -16.23
C SER A 6 1.07 -7.83 -15.09
N GLY A 7 2.24 -7.71 -14.47
CA GLY A 7 2.41 -6.78 -13.38
C GLY A 7 3.08 -7.46 -12.18
N GLU A 8 3.72 -6.63 -11.37
CA GLU A 8 4.41 -7.14 -10.18
C GLU A 8 3.45 -7.14 -8.98
N GLN A 9 3.17 -8.34 -8.49
CA GLN A 9 2.29 -8.50 -7.36
C GLN A 9 3.10 -8.61 -6.05
N MET A 10 2.53 -8.06 -4.99
CA MET A 10 3.18 -8.09 -3.70
C MET A 10 2.15 -8.07 -2.56
N GLU A 11 2.40 -8.90 -1.57
CA GLU A 11 1.51 -8.98 -0.42
C GLU A 11 2.28 -9.48 0.81
N GLY A 12 2.08 -8.78 1.92
CA GLY A 12 2.75 -9.14 3.15
C GLY A 12 2.23 -8.29 4.31
N MET A 13 2.56 -8.72 5.53
CA MET A 13 2.15 -8.00 6.72
C MET A 13 2.90 -6.69 6.86
N LEU A 14 2.14 -5.60 6.78
CA LEU A 14 2.72 -4.28 6.90
C LEU A 14 1.89 -3.45 7.88
N CYS A 15 2.57 -2.52 8.55
CA CYS A 15 1.91 -1.66 9.52
C CYS A 15 1.36 -0.44 8.79
N ARG A 16 0.08 -0.53 8.43
CA ARG A 16 -0.57 0.56 7.72
C ARG A 16 -1.16 1.56 8.73
N LYS A 17 -0.65 2.79 8.64
CA LYS A 17 -1.12 3.84 9.53
C LYS A 17 -1.63 5.02 8.70
N GLN A 18 -2.94 5.03 8.48
CA GLN A 18 -3.56 6.09 7.70
C GLN A 18 -3.30 7.45 8.36
N GLU A 19 -2.51 8.27 7.67
CA GLU A 19 -2.19 9.59 8.17
C GLU A 19 -3.18 10.62 7.63
N MET A 20 -3.26 10.67 6.30
CA MET A 20 -4.16 11.61 5.65
C MET A 20 -5.21 10.87 4.83
N GLU A 21 -6.33 11.55 4.62
CA GLU A 21 -7.43 10.97 3.86
C GLU A 21 -7.59 11.70 2.52
N ALA A 22 -6.91 12.83 2.42
CA ALA A 22 -6.97 13.63 1.20
C ALA A 22 -6.21 14.94 1.42
N PHE A 23 -6.08 15.70 0.35
CA PHE A 23 -5.38 16.97 0.41
C PHE A 23 -5.84 17.80 1.61
N GLY A 24 -4.91 18.06 2.51
CA GLY A 24 -5.20 18.83 3.70
C GLY A 24 -6.30 18.15 4.53
N LYS A 25 -6.55 16.90 4.21
CA LYS A 25 -7.56 16.12 4.91
C LYS A 25 -6.88 15.22 5.94
N LYS A 26 -7.35 15.32 7.18
CA LYS A 26 -6.79 14.52 8.25
C LYS A 26 -7.66 13.27 8.45
N ALA A 27 -6.97 12.15 8.68
CA ALA A 27 -7.67 10.89 8.88
C ALA A 27 -8.22 10.84 10.30
N ALA A 28 -9.49 10.47 10.40
CA ALA A 28 -10.14 10.37 11.69
C ALA A 28 -9.19 9.74 12.70
N ASN A 29 -8.83 8.49 12.42
CA ASN A 29 -7.93 7.76 13.29
C ASN A 29 -6.59 7.57 12.58
N ARG A 30 -5.52 7.83 13.32
CA ARG A 30 -4.18 7.70 12.77
C ARG A 30 -3.32 6.81 13.69
N SER A 31 -3.87 5.65 14.03
CA SER A 31 -3.17 4.72 14.90
C SER A 31 -2.44 3.67 14.05
N TRP A 32 -1.46 3.05 14.67
CA TRP A 32 -0.68 2.02 13.99
C TRP A 32 -1.41 0.68 14.15
N GLN A 33 -1.62 0.03 13.02
CA GLN A 33 -2.31 -1.25 13.01
C GLN A 33 -1.73 -2.16 11.93
N ASN A 34 -1.29 -3.34 12.36
CA ASN A 34 -0.70 -4.29 11.44
C ASN A 34 -1.77 -4.74 10.44
N VAL A 35 -1.65 -4.21 9.22
CA VAL A 35 -2.59 -4.53 8.17
C VAL A 35 -1.84 -5.22 7.02
N TYR A 36 -2.36 -6.38 6.64
CA TYR A 36 -1.75 -7.16 5.57
C TYR A 36 -1.99 -6.48 4.21
N CYS A 37 -0.93 -5.92 3.67
CA CYS A 37 -1.01 -5.24 2.38
C CYS A 37 -1.06 -6.31 1.29
N VAL A 38 -2.06 -6.18 0.42
CA VAL A 38 -2.23 -7.12 -0.67
C VAL A 38 -2.35 -6.35 -1.99
N LEU A 39 -1.27 -6.40 -2.76
CA LEU A 39 -1.23 -5.71 -4.04
C LEU A 39 -1.57 -6.71 -5.15
N ARG A 40 -2.37 -6.23 -6.10
CA ARG A 40 -2.77 -7.06 -7.23
C ARG A 40 -3.63 -6.26 -8.20
N ARG A 41 -3.34 -6.44 -9.48
CA ARG A 41 -4.07 -5.73 -10.52
C ARG A 41 -3.84 -4.22 -10.40
N GLY A 42 -2.64 -3.88 -9.98
CA GLY A 42 -2.27 -2.47 -9.82
C GLY A 42 -3.07 -1.83 -8.68
N SER A 43 -3.58 -2.67 -7.80
CA SER A 43 -4.36 -2.20 -6.67
C SER A 43 -3.68 -2.60 -5.36
N LEU A 44 -4.14 -2.00 -4.28
CA LEU A 44 -3.59 -2.28 -2.97
C LEU A 44 -4.73 -2.50 -1.96
N GLY A 45 -4.95 -3.76 -1.65
CA GLY A 45 -6.01 -4.12 -0.71
C GLY A 45 -5.45 -4.35 0.69
N PHE A 46 -6.32 -4.23 1.67
CA PHE A 46 -5.92 -4.43 3.05
C PHE A 46 -6.69 -5.59 3.69
N TYR A 47 -6.01 -6.31 4.56
CA TYR A 47 -6.61 -7.44 5.24
C TYR A 47 -5.99 -7.65 6.62
N LYS A 48 -6.75 -8.30 7.49
CA LYS A 48 -6.29 -8.58 8.84
C LYS A 48 -4.88 -9.17 8.78
N ASP A 49 -4.79 -10.36 8.20
CA ASP A 49 -3.52 -11.04 8.08
C ASP A 49 -3.54 -11.93 6.84
N ALA A 50 -2.45 -12.67 6.67
CA ALA A 50 -2.33 -13.56 5.52
C ALA A 50 -3.42 -14.63 5.59
N LYS A 51 -4.05 -14.71 6.76
CA LYS A 51 -5.12 -15.68 6.97
C LYS A 51 -6.40 -15.16 6.32
N ALA A 52 -6.65 -13.88 6.52
CA ALA A 52 -7.84 -13.25 5.97
C ALA A 52 -7.67 -13.11 4.45
N ALA A 53 -6.44 -12.81 4.05
CA ALA A 53 -6.14 -12.65 2.64
C ALA A 53 -6.59 -13.89 1.88
N SER A 54 -6.15 -15.04 2.37
CA SER A 54 -6.50 -16.31 1.75
C SER A 54 -7.99 -16.57 1.90
N ALA A 55 -8.56 -16.02 2.96
CA ALA A 55 -9.98 -16.18 3.22
C ALA A 55 -10.75 -15.03 2.57
N GLY A 56 -10.05 -14.31 1.71
CA GLY A 56 -10.66 -13.19 1.00
C GLY A 56 -11.54 -12.37 1.95
N VAL A 57 -11.12 -12.30 3.19
CA VAL A 57 -11.86 -11.55 4.19
C VAL A 57 -11.17 -10.19 4.43
N PRO A 58 -11.96 -9.11 4.19
CA PRO A 58 -11.44 -7.76 4.36
C PRO A 58 -11.34 -7.41 5.84
N TYR A 59 -10.22 -6.80 6.20
CA TYR A 59 -9.99 -6.40 7.57
C TYR A 59 -11.18 -5.61 8.13
N HIS A 60 -11.39 -4.43 7.58
CA HIS A 60 -12.48 -3.58 8.00
C HIS A 60 -13.45 -3.36 6.83
N GLY A 61 -13.73 -4.45 6.13
CA GLY A 61 -14.63 -4.39 4.99
C GLY A 61 -14.22 -3.29 4.02
N GLU A 62 -12.95 -2.88 4.13
CA GLU A 62 -12.42 -1.84 3.27
C GLU A 62 -12.12 -2.40 1.88
N VAL A 63 -12.03 -1.49 0.92
CA VAL A 63 -11.74 -1.88 -0.46
C VAL A 63 -10.30 -1.52 -0.79
N PRO A 64 -9.82 -2.04 -1.95
CA PRO A 64 -8.47 -1.79 -2.40
C PRO A 64 -8.34 -0.37 -2.95
N VAL A 65 -7.25 0.28 -2.56
CA VAL A 65 -6.98 1.64 -3.01
C VAL A 65 -6.29 1.60 -4.37
N SER A 66 -6.89 2.28 -5.33
CA SER A 66 -6.34 2.33 -6.67
C SER A 66 -5.04 3.15 -6.68
N LEU A 67 -4.00 2.55 -7.23
CA LEU A 67 -2.71 3.22 -7.30
C LEU A 67 -2.61 3.98 -8.61
N ALA A 68 -3.71 4.62 -8.98
CA ALA A 68 -3.76 5.39 -10.21
C ALA A 68 -3.18 6.79 -9.95
N ARG A 69 -2.02 7.03 -10.55
CA ARG A 69 -1.36 8.31 -10.39
C ARG A 69 -0.84 8.47 -8.95
N ALA A 70 -0.75 7.35 -8.26
CA ALA A 70 -0.28 7.35 -6.89
C ALA A 70 1.25 7.49 -6.88
N GLN A 71 1.79 7.59 -5.68
CA GLN A 71 3.23 7.73 -5.51
C GLN A 71 3.68 7.03 -4.24
N GLY A 72 4.77 6.27 -4.36
CA GLY A 72 5.33 5.55 -3.22
C GLY A 72 6.78 5.96 -2.98
N SER A 73 7.03 6.39 -1.75
CA SER A 73 8.37 6.80 -1.36
C SER A 73 8.72 6.25 0.01
N VAL A 74 10.01 6.22 0.30
CA VAL A 74 10.48 5.73 1.59
C VAL A 74 10.38 6.84 2.63
N ALA A 75 10.18 6.43 3.87
CA ALA A 75 10.06 7.37 4.97
C ALA A 75 11.43 7.49 5.67
N PHE A 76 12.35 8.17 4.99
CA PHE A 76 13.68 8.37 5.54
C PHE A 76 13.63 9.14 6.86
N ASP A 77 12.76 10.14 6.89
CA ASP A 77 12.60 10.96 8.07
C ASP A 77 12.48 10.06 9.31
N TYR A 78 11.75 8.97 9.12
CA TYR A 78 11.54 8.02 10.20
C TYR A 78 12.81 7.21 10.46
N ARG A 79 13.37 7.41 11.65
CA ARG A 79 14.58 6.70 12.04
C ARG A 79 14.26 5.61 13.05
N LYS A 80 13.48 5.98 14.05
CA LYS A 80 13.09 5.04 15.09
C LYS A 80 12.65 3.73 14.44
N ARG A 81 11.73 3.84 13.50
CA ARG A 81 11.23 2.67 12.80
C ARG A 81 11.89 2.55 11.42
N LYS A 82 12.48 1.39 11.17
CA LYS A 82 13.14 1.15 9.90
C LYS A 82 12.13 0.51 8.93
N HIS A 83 12.56 0.41 7.67
CA HIS A 83 11.71 -0.17 6.64
C HIS A 83 10.32 0.48 6.69
N VAL A 84 10.30 1.79 6.49
CA VAL A 84 9.05 2.53 6.51
C VAL A 84 8.97 3.42 5.27
N PHE A 85 7.92 3.23 4.50
CA PHE A 85 7.72 4.00 3.29
C PHE A 85 6.31 4.59 3.25
N LYS A 86 6.24 5.85 2.85
CA LYS A 86 4.96 6.54 2.76
C LYS A 86 4.41 6.40 1.33
N LEU A 87 3.16 5.96 1.26
CA LEU A 87 2.51 5.78 -0.02
C LEU A 87 1.43 6.84 -0.19
N GLY A 88 1.76 7.87 -0.95
CA GLY A 88 0.83 8.96 -1.21
C GLY A 88 0.04 8.72 -2.49
N LEU A 89 -1.26 8.55 -2.32
CA LEU A 89 -2.15 8.30 -3.45
C LEU A 89 -2.32 9.60 -4.24
N GLN A 90 -3.16 9.52 -5.26
CA GLN A 90 -3.42 10.69 -6.10
C GLN A 90 -4.60 11.48 -5.54
N ASP A 91 -5.22 10.92 -4.51
CA ASP A 91 -6.36 11.57 -3.88
C ASP A 91 -5.92 12.15 -2.53
N GLY A 92 -4.65 12.48 -2.45
CA GLY A 92 -4.09 13.04 -1.22
C GLY A 92 -4.20 12.05 -0.07
N LYS A 93 -4.01 10.78 -0.41
CA LYS A 93 -4.08 9.73 0.58
C LYS A 93 -2.67 9.21 0.87
N GLU A 94 -2.18 9.54 2.06
CA GLU A 94 -0.85 9.12 2.46
C GLU A 94 -0.94 8.01 3.52
N TYR A 95 -0.28 6.90 3.23
CA TYR A 95 -0.28 5.77 4.14
C TYR A 95 1.15 5.40 4.56
N LEU A 96 1.27 5.00 5.80
CA LEU A 96 2.58 4.60 6.33
C LEU A 96 2.62 3.09 6.52
N PHE A 97 3.58 2.47 5.86
CA PHE A 97 3.74 1.03 5.93
C PHE A 97 5.11 0.66 6.48
N GLN A 98 5.16 -0.45 7.21
CA GLN A 98 6.40 -0.92 7.80
C GLN A 98 6.66 -2.36 7.39
N ALA A 99 7.69 -2.53 6.58
CA ALA A 99 8.06 -3.87 6.11
C ALA A 99 8.80 -4.61 7.22
N LYS A 100 9.83 -5.33 6.82
CA LYS A 100 10.62 -6.10 7.77
C LYS A 100 12.07 -5.61 7.73
N ASP A 101 12.45 -5.09 6.58
CA ASP A 101 13.80 -4.59 6.40
C ASP A 101 13.83 -3.65 5.19
N GLU A 102 15.04 -3.21 4.86
CA GLU A 102 15.23 -2.31 3.73
C GLU A 102 14.96 -3.06 2.42
N ALA A 103 14.79 -4.37 2.54
CA ALA A 103 14.53 -5.20 1.37
C ALA A 103 13.02 -5.27 1.14
N GLU A 104 12.36 -5.99 2.03
CA GLU A 104 10.91 -6.15 1.92
C GLU A 104 10.27 -4.85 1.45
N MET A 105 10.73 -3.75 2.01
CA MET A 105 10.21 -2.45 1.64
C MET A 105 10.63 -2.07 0.21
N SER A 106 11.94 -1.96 0.03
CA SER A 106 12.47 -1.61 -1.29
C SER A 106 11.67 -2.31 -2.38
N SER A 107 11.32 -3.57 -2.12
CA SER A 107 10.56 -4.35 -3.07
C SER A 107 9.17 -3.74 -3.26
N TRP A 108 8.50 -3.51 -2.13
CA TRP A 108 7.17 -2.93 -2.16
C TRP A 108 7.18 -1.76 -3.14
N LEU A 109 7.97 -0.75 -2.80
CA LEU A 109 8.08 0.43 -3.64
C LEU A 109 8.20 -0.01 -5.10
N ARG A 110 9.13 -0.91 -5.35
CA ARG A 110 9.35 -1.41 -6.69
C ARG A 110 8.06 -2.00 -7.27
N VAL A 111 7.30 -2.64 -6.39
CA VAL A 111 6.04 -3.24 -6.79
C VAL A 111 4.98 -2.16 -6.93
N VAL A 112 4.75 -1.46 -5.83
CA VAL A 112 3.76 -0.39 -5.81
C VAL A 112 3.95 0.49 -7.05
N ASN A 113 5.21 0.70 -7.40
CA ASN A 113 5.54 1.52 -8.55
C ASN A 113 5.18 0.76 -9.83
N ALA A 114 5.40 -0.54 -9.79
CA ALA A 114 5.10 -1.39 -10.93
C ALA A 114 3.59 -1.44 -11.14
N ALA A 115 2.87 -1.07 -10.10
CA ALA A 115 1.42 -1.07 -10.15
C ALA A 115 0.92 0.29 -10.61
N ILE A 116 1.56 1.34 -10.10
CA ILE A 116 1.20 2.69 -10.46
C ILE A 116 1.33 2.87 -11.98
N ALA A 117 2.55 2.64 -12.45
CA ALA A 117 2.82 2.77 -13.87
C ALA A 117 1.79 1.95 -14.67
N SER A 118 1.82 0.65 -14.44
CA SER A 118 0.90 -0.25 -15.12
C SER A 118 -0.54 0.21 -14.90
N GLY A 119 -1.06 0.94 -15.88
CA GLY A 119 -2.41 1.44 -15.81
C GLY A 119 -3.34 0.43 -15.12
N PRO A 120 -4.13 0.96 -14.14
CA PRO A 120 -5.05 0.11 -13.40
C PRO A 120 -6.28 -0.23 -14.24
N SER A 121 -6.13 -1.30 -15.02
CA SER A 121 -7.21 -1.74 -15.88
C SER A 121 -7.72 -0.58 -16.74
N SER A 122 -6.96 -0.30 -17.79
CA SER A 122 -7.31 0.79 -18.69
C SER A 122 -8.27 0.28 -19.78
N GLY A 123 -7.81 -0.75 -20.49
CA GLY A 123 -8.61 -1.33 -21.55
C GLY A 123 -8.34 -2.83 -21.68
N GLY A 1 -9.96 -23.39 -11.81
CA GLY A 1 -9.27 -22.83 -10.66
C GLY A 1 -9.11 -21.31 -10.80
N SER A 2 -9.13 -20.63 -9.66
CA SER A 2 -8.98 -19.19 -9.65
C SER A 2 -7.53 -18.82 -9.31
N SER A 3 -7.01 -17.87 -10.07
CA SER A 3 -5.64 -17.41 -9.86
C SER A 3 -5.41 -16.07 -10.57
N GLY A 4 -4.32 -15.43 -10.22
CA GLY A 4 -3.97 -14.15 -10.82
C GLY A 4 -2.47 -13.88 -10.72
N SER A 5 -1.73 -14.46 -11.64
CA SER A 5 -0.30 -14.29 -11.67
C SER A 5 0.15 -13.84 -13.06
N SER A 6 0.94 -12.77 -13.07
CA SER A 6 1.43 -12.22 -14.32
C SER A 6 2.05 -10.83 -14.08
N GLY A 7 1.24 -9.96 -13.49
CA GLY A 7 1.70 -8.62 -13.20
C GLY A 7 2.61 -8.59 -11.97
N GLU A 8 2.75 -7.41 -11.40
CA GLU A 8 3.58 -7.24 -10.23
C GLU A 8 2.72 -7.11 -8.97
N GLN A 9 2.39 -8.26 -8.39
CA GLN A 9 1.57 -8.30 -7.20
C GLN A 9 2.44 -8.50 -5.96
N MET A 10 2.06 -7.82 -4.89
CA MET A 10 2.80 -7.90 -3.64
C MET A 10 1.86 -7.94 -2.44
N GLU A 11 2.09 -8.89 -1.56
CA GLU A 11 1.27 -9.03 -0.37
C GLU A 11 2.11 -9.55 0.79
N GLY A 12 2.06 -8.81 1.89
CA GLY A 12 2.81 -9.17 3.08
C GLY A 12 2.39 -8.32 4.28
N MET A 13 2.67 -8.84 5.46
CA MET A 13 2.32 -8.14 6.69
C MET A 13 3.00 -6.78 6.76
N LEU A 14 2.17 -5.75 6.85
CA LEU A 14 2.69 -4.38 6.91
C LEU A 14 1.83 -3.58 7.90
N CYS A 15 2.45 -2.54 8.45
CA CYS A 15 1.77 -1.69 9.41
C CYS A 15 1.24 -0.46 8.66
N ARG A 16 -0.03 -0.54 8.29
CA ARG A 16 -0.67 0.56 7.57
C ARG A 16 -1.26 1.56 8.56
N LYS A 17 -0.78 2.79 8.48
CA LYS A 17 -1.25 3.85 9.35
C LYS A 17 -1.74 5.02 8.50
N GLN A 18 -3.03 5.03 8.25
CA GLN A 18 -3.63 6.09 7.46
C GLN A 18 -3.56 7.43 8.20
N GLU A 19 -2.73 8.32 7.67
CA GLU A 19 -2.56 9.63 8.28
C GLU A 19 -3.49 10.65 7.61
N MET A 20 -3.44 10.67 6.28
CA MET A 20 -4.27 11.59 5.52
C MET A 20 -5.29 10.83 4.68
N GLU A 21 -6.47 11.41 4.57
CA GLU A 21 -7.54 10.80 3.80
C GLU A 21 -7.86 11.66 2.57
N ALA A 22 -7.32 12.86 2.57
CA ALA A 22 -7.54 13.78 1.47
C ALA A 22 -6.52 14.93 1.56
N PHE A 23 -6.58 15.81 0.57
CA PHE A 23 -5.68 16.94 0.52
C PHE A 23 -5.86 17.84 1.76
N GLY A 24 -4.74 18.13 2.40
CA GLY A 24 -4.77 18.97 3.59
C GLY A 24 -5.92 18.58 4.51
N LYS A 25 -6.24 17.29 4.50
CA LYS A 25 -7.32 16.78 5.33
C LYS A 25 -6.73 15.97 6.49
N LYS A 26 -7.55 15.10 7.03
CA LYS A 26 -7.13 14.26 8.14
C LYS A 26 -7.94 12.97 8.14
N ALA A 27 -7.26 11.88 8.44
CA ALA A 27 -7.90 10.57 8.48
C ALA A 27 -8.58 10.39 9.84
N ALA A 28 -9.75 9.75 9.80
CA ALA A 28 -10.50 9.50 11.01
C ALA A 28 -9.54 9.09 12.14
N ASN A 29 -9.01 7.89 12.01
CA ASN A 29 -8.08 7.37 13.00
C ASN A 29 -6.65 7.44 12.43
N ARG A 30 -5.73 7.84 13.30
CA ARG A 30 -4.34 7.95 12.90
C ARG A 30 -3.45 7.11 13.84
N SER A 31 -3.77 5.84 13.92
CA SER A 31 -3.02 4.92 14.77
C SER A 31 -2.41 3.81 13.93
N TRP A 32 -1.36 3.21 14.47
CA TRP A 32 -0.68 2.12 13.78
C TRP A 32 -1.50 0.84 13.98
N GLN A 33 -1.72 0.14 12.88
CA GLN A 33 -2.48 -1.09 12.91
C GLN A 33 -1.91 -2.10 11.91
N ASN A 34 -1.68 -3.30 12.40
CA ASN A 34 -1.13 -4.36 11.56
C ASN A 34 -2.16 -4.74 10.49
N VAL A 35 -1.91 -4.27 9.28
CA VAL A 35 -2.79 -4.55 8.17
C VAL A 35 -1.99 -5.18 7.02
N TYR A 36 -2.47 -6.34 6.58
CA TYR A 36 -1.81 -7.06 5.51
C TYR A 36 -2.06 -6.37 4.16
N CYS A 37 -0.99 -5.78 3.63
CA CYS A 37 -1.08 -5.09 2.35
C CYS A 37 -1.18 -6.14 1.25
N VAL A 38 -2.14 -5.92 0.36
CA VAL A 38 -2.34 -6.84 -0.75
C VAL A 38 -2.39 -6.04 -2.06
N LEU A 39 -1.31 -6.15 -2.82
CA LEU A 39 -1.20 -5.45 -4.08
C LEU A 39 -1.45 -6.44 -5.22
N ARG A 40 -2.15 -5.95 -6.24
CA ARG A 40 -2.46 -6.77 -7.40
C ARG A 40 -2.18 -6.00 -8.69
N ARG A 41 -2.96 -6.33 -9.72
CA ARG A 41 -2.80 -5.68 -11.01
C ARG A 41 -3.20 -4.21 -10.91
N GLY A 42 -2.38 -3.45 -10.19
CA GLY A 42 -2.63 -2.04 -10.00
C GLY A 42 -3.71 -1.81 -8.94
N SER A 43 -3.46 -2.36 -7.77
CA SER A 43 -4.39 -2.22 -6.66
C SER A 43 -3.67 -2.50 -5.33
N LEU A 44 -4.34 -2.13 -4.25
CA LEU A 44 -3.79 -2.34 -2.92
C LEU A 44 -4.93 -2.54 -1.93
N GLY A 45 -5.14 -3.79 -1.55
CA GLY A 45 -6.18 -4.14 -0.60
C GLY A 45 -5.61 -4.33 0.80
N PHE A 46 -6.47 -4.14 1.79
CA PHE A 46 -6.07 -4.30 3.18
C PHE A 46 -6.81 -5.46 3.83
N TYR A 47 -6.07 -6.25 4.60
CA TYR A 47 -6.64 -7.38 5.29
C TYR A 47 -5.99 -7.57 6.67
N LYS A 48 -6.67 -8.35 7.50
CA LYS A 48 -6.18 -8.62 8.84
C LYS A 48 -4.74 -9.13 8.76
N ASP A 49 -4.60 -10.33 8.19
CA ASP A 49 -3.29 -10.95 8.04
C ASP A 49 -3.27 -11.76 6.76
N ALA A 50 -2.11 -12.37 6.50
CA ALA A 50 -1.94 -13.19 5.31
C ALA A 50 -2.93 -14.35 5.35
N LYS A 51 -3.43 -14.61 6.54
CA LYS A 51 -4.39 -15.69 6.73
C LYS A 51 -5.81 -15.18 6.44
N ALA A 52 -5.92 -13.86 6.45
CA ALA A 52 -7.22 -13.23 6.18
C ALA A 52 -7.29 -12.83 4.70
N ALA A 53 -6.13 -12.88 4.05
CA ALA A 53 -6.06 -12.53 2.64
C ALA A 53 -6.52 -13.72 1.81
N SER A 54 -6.08 -14.91 2.22
CA SER A 54 -6.45 -16.13 1.52
C SER A 54 -7.96 -16.36 1.61
N ALA A 55 -8.50 -16.08 2.79
CA ALA A 55 -9.92 -16.25 3.02
C ALA A 55 -10.69 -15.16 2.25
N GLY A 56 -9.98 -14.09 1.95
CA GLY A 56 -10.57 -12.98 1.23
C GLY A 56 -11.42 -12.10 2.16
N VAL A 57 -10.85 -11.85 3.33
CA VAL A 57 -11.53 -11.02 4.32
C VAL A 57 -10.89 -9.64 4.36
N PRO A 58 -11.62 -8.66 3.77
CA PRO A 58 -11.12 -7.29 3.73
C PRO A 58 -11.27 -6.61 5.10
N TYR A 59 -10.16 -6.04 5.56
CA TYR A 59 -10.14 -5.37 6.85
C TYR A 59 -11.31 -4.38 6.96
N HIS A 60 -12.17 -4.64 7.94
CA HIS A 60 -13.32 -3.78 8.17
C HIS A 60 -14.06 -3.55 6.84
N GLY A 61 -13.85 -4.48 5.92
CA GLY A 61 -14.48 -4.39 4.61
C GLY A 61 -14.00 -3.15 3.86
N GLU A 62 -12.82 -2.69 4.24
CA GLU A 62 -12.23 -1.53 3.61
C GLU A 62 -11.67 -1.89 2.22
N VAL A 63 -12.48 -1.61 1.21
CA VAL A 63 -12.09 -1.90 -0.16
C VAL A 63 -10.63 -1.50 -0.37
N PRO A 64 -10.06 -1.97 -1.51
CA PRO A 64 -8.67 -1.67 -1.83
C PRO A 64 -8.53 -0.23 -2.32
N VAL A 65 -7.28 0.20 -2.46
CA VAL A 65 -6.99 1.55 -2.91
C VAL A 65 -6.39 1.49 -4.32
N SER A 66 -6.92 2.36 -5.18
CA SER A 66 -6.45 2.42 -6.55
C SER A 66 -5.12 3.19 -6.61
N LEU A 67 -4.14 2.55 -7.26
CA LEU A 67 -2.84 3.17 -7.40
C LEU A 67 -2.81 4.00 -8.68
N ALA A 68 -3.89 4.73 -8.89
CA ALA A 68 -4.00 5.58 -10.08
C ALA A 68 -3.39 6.94 -9.77
N ARG A 69 -2.21 7.18 -10.35
CA ARG A 69 -1.51 8.43 -10.15
C ARG A 69 -0.90 8.48 -8.74
N ALA A 70 -0.83 7.31 -8.13
CA ALA A 70 -0.26 7.20 -6.80
C ALA A 70 1.27 7.21 -6.89
N GLN A 71 1.90 7.27 -5.72
CA GLN A 71 3.35 7.29 -5.66
C GLN A 71 3.83 6.61 -4.38
N GLY A 72 4.99 5.97 -4.47
CA GLY A 72 5.57 5.28 -3.34
C GLY A 72 6.95 5.84 -3.01
N SER A 73 7.06 6.44 -1.83
CA SER A 73 8.32 7.00 -1.38
C SER A 73 8.81 6.29 -0.12
N VAL A 74 10.10 6.42 0.13
CA VAL A 74 10.71 5.79 1.29
C VAL A 74 10.87 6.82 2.40
N ALA A 75 10.60 6.37 3.62
CA ALA A 75 10.70 7.25 4.78
C ALA A 75 12.05 7.02 5.46
N PHE A 76 13.10 7.54 4.83
CA PHE A 76 14.44 7.40 5.36
C PHE A 76 14.43 7.41 6.89
N ASP A 77 14.55 6.23 7.47
CA ASP A 77 14.55 6.10 8.92
C ASP A 77 13.44 6.97 9.50
N TYR A 78 12.26 6.40 9.58
CA TYR A 78 11.12 7.12 10.12
C TYR A 78 11.07 7.00 11.65
N ARG A 79 10.83 8.13 12.29
CA ARG A 79 10.75 8.17 13.74
C ARG A 79 10.07 6.91 14.27
N LYS A 80 10.77 6.23 15.17
CA LYS A 80 10.25 5.01 15.75
C LYS A 80 10.61 3.82 14.87
N ARG A 81 9.61 3.03 14.53
CA ARG A 81 9.81 1.86 13.69
C ARG A 81 10.84 2.17 12.59
N LYS A 82 11.42 1.11 12.06
CA LYS A 82 12.41 1.26 11.01
C LYS A 82 11.84 0.71 9.70
N HIS A 83 12.62 0.88 8.64
CA HIS A 83 12.20 0.41 7.32
C HIS A 83 10.72 0.71 7.11
N VAL A 84 10.44 1.95 6.76
CA VAL A 84 9.07 2.38 6.52
C VAL A 84 9.03 3.31 5.31
N PHE A 85 8.03 3.09 4.47
CA PHE A 85 7.85 3.91 3.28
C PHE A 85 6.48 4.56 3.25
N LYS A 86 6.48 5.84 2.91
CA LYS A 86 5.25 6.60 2.84
C LYS A 86 4.61 6.42 1.46
N LEU A 87 3.43 5.80 1.46
CA LEU A 87 2.72 5.56 0.22
C LEU A 87 1.71 6.69 -0.01
N GLY A 88 2.11 7.65 -0.83
CA GLY A 88 1.25 8.78 -1.15
C GLY A 88 0.48 8.54 -2.44
N LEU A 89 -0.83 8.41 -2.30
CA LEU A 89 -1.69 8.18 -3.45
C LEU A 89 -1.68 9.41 -4.34
N GLN A 90 -2.86 9.91 -4.63
CA GLN A 90 -3.01 11.09 -5.49
C GLN A 90 -2.89 12.37 -4.64
N ASP A 91 -2.25 12.22 -3.49
CA ASP A 91 -2.06 13.35 -2.59
C ASP A 91 -3.26 13.45 -1.65
N GLY A 92 -4.35 12.80 -2.06
CA GLY A 92 -5.56 12.82 -1.26
C GLY A 92 -5.62 11.60 -0.34
N LYS A 93 -4.51 10.90 -0.27
CA LYS A 93 -4.42 9.71 0.58
C LYS A 93 -2.95 9.36 0.80
N GLU A 94 -2.58 9.28 2.06
CA GLU A 94 -1.21 8.95 2.43
C GLU A 94 -1.19 7.95 3.59
N TYR A 95 -0.50 6.84 3.36
CA TYR A 95 -0.39 5.81 4.37
C TYR A 95 1.07 5.53 4.73
N LEU A 96 1.26 5.03 5.94
CA LEU A 96 2.60 4.72 6.41
C LEU A 96 2.73 3.21 6.63
N PHE A 97 3.46 2.57 5.73
CA PHE A 97 3.67 1.14 5.82
C PHE A 97 5.08 0.81 6.29
N GLN A 98 5.19 -0.20 7.13
CA GLN A 98 6.47 -0.62 7.66
C GLN A 98 6.78 -2.05 7.21
N ALA A 99 7.90 -2.19 6.52
CA ALA A 99 8.32 -3.49 6.02
C ALA A 99 9.13 -4.20 7.11
N LYS A 100 9.46 -5.46 6.83
CA LYS A 100 10.22 -6.26 7.78
C LYS A 100 11.69 -5.82 7.74
N ASP A 101 12.11 -5.37 6.57
CA ASP A 101 13.49 -4.91 6.40
C ASP A 101 13.56 -4.01 5.16
N GLU A 102 14.78 -3.60 4.85
CA GLU A 102 15.01 -2.73 3.71
C GLU A 102 14.60 -3.44 2.41
N ALA A 103 14.65 -4.76 2.46
CA ALA A 103 14.28 -5.57 1.31
C ALA A 103 12.77 -5.49 1.08
N GLU A 104 12.03 -6.13 1.98
CA GLU A 104 10.58 -6.12 1.89
C GLU A 104 10.08 -4.75 1.47
N MET A 105 10.73 -3.72 2.01
CA MET A 105 10.36 -2.36 1.70
C MET A 105 10.71 -2.00 0.25
N SER A 106 12.00 -1.92 -0.01
CA SER A 106 12.48 -1.58 -1.35
C SER A 106 11.62 -2.28 -2.39
N SER A 107 11.37 -3.56 -2.15
CA SER A 107 10.56 -4.36 -3.07
C SER A 107 9.18 -3.72 -3.22
N TRP A 108 8.52 -3.52 -2.09
CA TRP A 108 7.19 -2.93 -2.09
C TRP A 108 7.20 -1.77 -3.08
N LEU A 109 8.02 -0.77 -2.78
CA LEU A 109 8.12 0.40 -3.63
C LEU A 109 8.24 -0.05 -5.09
N ARG A 110 9.17 -0.98 -5.32
CA ARG A 110 9.39 -1.49 -6.66
C ARG A 110 8.10 -2.07 -7.22
N VAL A 111 7.30 -2.64 -6.33
CA VAL A 111 6.04 -3.23 -6.73
C VAL A 111 4.98 -2.13 -6.88
N VAL A 112 4.78 -1.40 -5.80
CA VAL A 112 3.81 -0.32 -5.81
C VAL A 112 4.01 0.54 -7.07
N ASN A 113 5.28 0.73 -7.41
CA ASN A 113 5.61 1.52 -8.58
C ASN A 113 5.26 0.74 -9.85
N ALA A 114 5.48 -0.57 -9.77
CA ALA A 114 5.18 -1.44 -10.90
C ALA A 114 3.66 -1.56 -11.06
N ALA A 115 2.95 -1.24 -9.99
CA ALA A 115 1.51 -1.31 -10.01
C ALA A 115 0.94 0.03 -10.50
N ILE A 116 1.49 1.10 -9.98
CA ILE A 116 1.06 2.43 -10.37
C ILE A 116 1.13 2.57 -11.89
N ALA A 117 2.29 2.25 -12.43
CA ALA A 117 2.51 2.32 -13.87
C ALA A 117 1.44 1.49 -14.57
N SER A 118 1.15 0.33 -13.99
CA SER A 118 0.16 -0.56 -14.56
C SER A 118 -1.24 -0.18 -14.05
N GLY A 119 -1.55 1.10 -14.17
CA GLY A 119 -2.84 1.61 -13.75
C GLY A 119 -3.80 1.74 -14.92
N PRO A 120 -4.92 2.49 -14.68
CA PRO A 120 -5.92 2.70 -15.71
C PRO A 120 -5.43 3.69 -16.76
N SER A 121 -4.69 3.18 -17.72
CA SER A 121 -4.16 4.01 -18.79
C SER A 121 -5.21 5.02 -19.24
N SER A 122 -4.73 6.17 -19.70
CA SER A 122 -5.61 7.22 -20.15
C SER A 122 -5.80 7.13 -21.68
N GLY A 123 -4.69 6.86 -22.36
CA GLY A 123 -4.72 6.74 -23.80
C GLY A 123 -3.83 7.79 -24.46
#